data_5WB4
#
_entry.id   5WB4
#
_cell.length_a   77.030
_cell.length_b   107.790
_cell.length_c   89.440
_cell.angle_alpha   90.000
_cell.angle_beta   98.290
_cell.angle_gamma   90.000
#
_symmetry.space_group_name_H-M   'P 1 21 1'
#
loop_
_entity.id
_entity.type
_entity.pdbx_description
1 polymer 'N-acetylglucosaminyldiphosphoundecaprenol N-acetyl-beta-D-mannosaminyltransferase'
2 non-polymer 'SULFATE ION'
3 water water
#
_entity_poly.entity_id   1
_entity_poly.type   'polypeptide(L)'
_entity_poly.pdbx_seq_one_letter_code
;(MSE)ERLDIFGVPIDRVT(MSE)IQAVDILNNFLQENRLHIVATPNAEIV(MSE)(MSE)AQKDKEY(MSE)EILNNTD
LNVPDGSGIVFASKVFKKPLPERVAGFDL(MSE)LEFIKGISSKGVKIYLLGAAAQVAEQARANLEKLYPGVKIVGTHHG
YFTEEEENKIIEEINNKGAEVLFVALGAPKQEKWIYKNKDKLKVKIA(MSE)GVGGSFDVIAG
;
_entity_poly.pdbx_strand_id   A,B,C,D,E,F,G,H
#
loop_
_chem_comp.id
_chem_comp.type
_chem_comp.name
_chem_comp.formula
SO4 non-polymer 'SULFATE ION' 'O4 S -2'
#
# COMPACT_ATOMS: atom_id res chain seq x y z
N GLU A 2 -10.04 0.06 -8.99
CA GLU A 2 -10.55 1.25 -9.65
C GLU A 2 -10.87 2.40 -8.68
N ARG A 3 -11.28 2.09 -7.42
CA ARG A 3 -11.63 3.11 -6.42
C ARG A 3 -10.88 2.91 -5.11
N LEU A 4 -10.58 4.01 -4.44
CA LEU A 4 -10.02 3.96 -3.10
C LEU A 4 -10.92 4.76 -2.18
N ASP A 5 -10.85 4.48 -0.89
CA ASP A 5 -11.68 5.10 0.11
C ASP A 5 -10.89 6.10 0.96
N ILE A 6 -11.33 7.36 0.95
CA ILE A 6 -10.71 8.42 1.75
C ILE A 6 -11.76 8.83 2.79
N PHE A 7 -11.65 8.24 4.01
CA PHE A 7 -12.54 8.48 5.14
C PHE A 7 -14.03 8.36 4.77
N GLY A 8 -14.38 7.29 4.07
CA GLY A 8 -15.74 7.02 3.65
C GLY A 8 -16.10 7.55 2.26
N VAL A 9 -15.28 8.45 1.70
CA VAL A 9 -15.51 9.05 0.38
C VAL A 9 -14.79 8.24 -0.70
N PRO A 10 -15.54 7.60 -1.65
CA PRO A 10 -14.85 6.82 -2.70
C PRO A 10 -14.28 7.75 -3.76
N ILE A 11 -13.05 7.49 -4.16
CA ILE A 11 -12.34 8.29 -5.15
C ILE A 11 -11.88 7.36 -6.25
N ASP A 12 -12.27 7.66 -7.50
CA ASP A 12 -11.86 6.89 -8.65
C ASP A 12 -10.37 7.15 -8.89
N ARG A 13 -9.61 6.06 -8.99
CA ARG A 13 -8.16 6.08 -9.21
C ARG A 13 -7.92 6.38 -10.69
N VAL A 14 -8.06 7.66 -11.06
CA VAL A 14 -7.95 8.11 -12.45
C VAL A 14 -7.01 9.30 -12.62
N THR A 15 -6.34 9.35 -13.79
CA THR A 15 -5.53 10.50 -14.19
C THR A 15 -6.52 11.47 -14.84
N MSE A 16 -6.06 12.69 -15.16
CA MSE A 16 -6.85 13.71 -15.86
C MSE A 16 -7.39 13.15 -17.20
O MSE A 16 -8.58 13.27 -17.47
CB MSE A 16 -5.94 14.93 -16.14
CG MSE A 16 -6.44 15.79 -17.25
SE MSE A 16 -7.95 16.69 -16.54
CE MSE A 16 -6.97 18.23 -16.17
N ILE A 17 -6.50 12.55 -18.02
CA ILE A 17 -6.84 12.00 -19.32
C ILE A 17 -7.89 10.88 -19.21
N GLN A 18 -7.74 10.00 -18.20
CA GLN A 18 -8.68 8.91 -17.98
C GLN A 18 -10.03 9.46 -17.59
N ALA A 19 -10.05 10.49 -16.73
CA ALA A 19 -11.29 11.14 -16.29
C ALA A 19 -12.03 11.75 -17.50
N VAL A 20 -11.27 12.46 -18.39
CA VAL A 20 -11.83 13.04 -19.62
C VAL A 20 -12.41 11.95 -20.54
N ASP A 21 -11.67 10.83 -20.71
CA ASP A 21 -12.11 9.68 -21.49
C ASP A 21 -13.39 9.06 -20.93
N ILE A 22 -13.52 8.96 -19.59
CA ILE A 22 -14.72 8.41 -18.91
C ILE A 22 -15.94 9.31 -19.19
N LEU A 23 -15.73 10.65 -19.10
CA LEU A 23 -16.77 11.64 -19.38
C LEU A 23 -17.23 11.53 -20.84
N ASN A 24 -16.29 11.36 -21.80
CA ASN A 24 -16.61 11.18 -23.21
C ASN A 24 -17.45 9.90 -23.38
N ASN A 25 -17.08 8.79 -22.68
CA ASN A 25 -17.82 7.51 -22.72
C ASN A 25 -19.24 7.66 -22.15
N PHE A 26 -19.40 8.49 -21.11
CA PHE A 26 -20.70 8.78 -20.47
C PHE A 26 -21.69 9.37 -21.49
N LEU A 27 -21.19 10.14 -22.49
CA LEU A 27 -22.02 10.74 -23.55
C LEU A 27 -22.66 9.68 -24.46
N GLN A 28 -22.15 8.43 -24.44
CA GLN A 28 -22.70 7.33 -25.23
C GLN A 28 -23.80 6.57 -24.46
N GLU A 29 -24.02 6.93 -23.18
CA GLU A 29 -25.05 6.28 -22.34
C GLU A 29 -26.19 7.27 -22.07
N ASN A 30 -27.40 6.99 -22.60
CA ASN A 30 -28.55 7.89 -22.48
C ASN A 30 -29.21 7.86 -21.10
N ARG A 31 -28.49 8.40 -20.10
CA ARG A 31 -28.95 8.51 -18.72
C ARG A 31 -28.15 9.60 -18.04
N LEU A 32 -28.64 10.10 -16.89
CA LEU A 32 -27.91 11.10 -16.14
C LEU A 32 -26.71 10.45 -15.45
N HIS A 33 -25.53 11.10 -15.55
CA HIS A 33 -24.33 10.70 -14.86
C HIS A 33 -23.94 11.86 -13.91
N ILE A 34 -23.79 11.57 -12.62
CA ILE A 34 -23.38 12.57 -11.63
C ILE A 34 -21.87 12.49 -11.42
N VAL A 35 -21.20 13.62 -11.64
CA VAL A 35 -19.75 13.75 -11.50
C VAL A 35 -19.43 14.74 -10.37
N ALA A 36 -18.59 14.33 -9.43
CA ALA A 36 -18.11 15.20 -8.35
C ALA A 36 -16.58 15.17 -8.39
N THR A 37 -15.93 16.19 -7.84
CA THR A 37 -14.47 16.30 -7.79
C THR A 37 -14.07 16.49 -6.30
N PRO A 38 -14.12 15.43 -5.46
CA PRO A 38 -13.77 15.62 -4.05
C PRO A 38 -12.31 16.00 -3.79
N ASN A 39 -12.16 16.96 -2.89
CA ASN A 39 -10.86 17.46 -2.41
C ASN A 39 -10.83 17.26 -0.89
N ALA A 40 -9.73 17.65 -0.23
CA ALA A 40 -9.56 17.53 1.22
C ALA A 40 -10.72 18.19 2.00
N GLU A 41 -11.14 19.40 1.58
CA GLU A 41 -12.22 20.18 2.18
C GLU A 41 -13.55 19.41 2.14
N ILE A 42 -13.88 18.80 0.98
CA ILE A 42 -15.10 18.00 0.78
C ILE A 42 -15.08 16.76 1.69
N VAL A 43 -13.94 16.09 1.81
CA VAL A 43 -13.77 14.92 2.70
C VAL A 43 -14.12 15.34 4.14
N MSE A 44 -13.53 16.47 4.60
CA MSE A 44 -13.81 17.03 5.93
C MSE A 44 -15.31 17.31 6.12
O MSE A 44 -15.86 16.88 7.11
CB MSE A 44 -12.98 18.29 6.19
CG MSE A 44 -13.19 18.83 7.58
SE MSE A 44 -12.07 20.33 8.06
CE MSE A 44 -12.83 21.68 7.02
N MSE A 45 -15.96 18.01 5.16
CA MSE A 45 -17.40 18.33 5.15
C MSE A 45 -18.27 17.08 5.27
O MSE A 45 -19.20 17.06 6.08
CB MSE A 45 -17.77 19.03 3.85
CG MSE A 45 -17.39 20.49 3.80
SE MSE A 45 -17.90 21.27 2.09
CE MSE A 45 -17.72 23.06 2.61
N ALA A 46 -17.96 16.04 4.46
CA ALA A 46 -18.71 14.77 4.41
C ALA A 46 -18.75 14.03 5.77
N GLN A 47 -17.71 14.22 6.62
CA GLN A 47 -17.61 13.62 7.97
C GLN A 47 -18.71 14.14 8.92
N LYS A 48 -19.16 15.39 8.71
CA LYS A 48 -20.17 16.05 9.53
C LYS A 48 -21.55 16.12 8.85
N ASP A 49 -21.62 15.81 7.51
CA ASP A 49 -22.85 15.86 6.72
C ASP A 49 -23.22 14.47 6.14
N LYS A 50 -24.10 13.72 6.82
CA LYS A 50 -24.55 12.37 6.42
C LYS A 50 -25.13 12.34 4.99
N GLU A 51 -26.00 13.32 4.65
CA GLU A 51 -26.62 13.44 3.34
C GLU A 51 -25.57 13.60 2.26
N TYR A 52 -24.56 14.47 2.49
CA TYR A 52 -23.45 14.69 1.57
C TYR A 52 -22.63 13.42 1.40
N MSE A 53 -22.32 12.72 2.51
CA MSE A 53 -21.57 11.45 2.47
C MSE A 53 -22.34 10.41 1.60
O MSE A 53 -21.71 9.70 0.82
CB MSE A 53 -21.38 10.92 3.90
CG MSE A 53 -20.68 9.55 3.95
SE MSE A 53 -18.84 9.66 3.34
CE MSE A 53 -18.02 10.41 4.96
N GLU A 54 -23.67 10.35 1.72
CA GLU A 54 -24.54 9.45 0.96
C GLU A 54 -24.47 9.78 -0.55
N ILE A 55 -24.59 11.08 -0.90
CA ILE A 55 -24.50 11.53 -2.29
C ILE A 55 -23.16 11.12 -2.92
N LEU A 56 -22.06 11.40 -2.19
CA LEU A 56 -20.70 11.10 -2.66
C LEU A 56 -20.45 9.58 -2.86
N ASN A 57 -21.28 8.75 -2.23
CA ASN A 57 -21.25 7.30 -2.36
C ASN A 57 -22.19 6.79 -3.45
N ASN A 58 -22.90 7.73 -4.13
CA ASN A 58 -23.86 7.39 -5.18
C ASN A 58 -23.61 8.11 -6.52
N THR A 59 -22.42 8.69 -6.70
CA THR A 59 -22.07 9.39 -7.96
C THR A 59 -21.50 8.37 -8.95
N ASP A 60 -21.48 8.73 -10.24
CA ASP A 60 -20.94 7.87 -11.30
C ASP A 60 -19.41 7.98 -11.40
N LEU A 61 -18.86 9.14 -11.01
CA LEU A 61 -17.42 9.39 -11.08
C LEU A 61 -17.02 10.45 -10.08
N ASN A 62 -16.01 10.14 -9.23
CA ASN A 62 -15.43 11.04 -8.25
C ASN A 62 -13.96 11.23 -8.63
N VAL A 63 -13.65 12.33 -9.32
CA VAL A 63 -12.29 12.64 -9.75
C VAL A 63 -11.58 13.37 -8.60
N PRO A 64 -10.37 12.96 -8.19
CA PRO A 64 -9.69 13.69 -7.11
C PRO A 64 -9.41 15.14 -7.51
N ASP A 65 -9.58 16.06 -6.55
CA ASP A 65 -9.28 17.47 -6.78
C ASP A 65 -8.26 17.95 -5.75
N GLY A 66 -7.23 18.66 -6.20
CA GLY A 66 -6.20 19.22 -5.34
C GLY A 66 -5.10 18.26 -4.91
N SER A 67 -4.20 18.76 -4.07
CA SER A 67 -3.04 18.03 -3.60
C SER A 67 -3.27 17.18 -2.34
N GLY A 68 -4.03 17.74 -1.39
CA GLY A 68 -4.34 17.12 -0.11
C GLY A 68 -4.87 15.70 -0.25
N ILE A 69 -5.87 15.50 -1.13
CA ILE A 69 -6.49 14.18 -1.33
C ILE A 69 -5.48 13.17 -1.90
N VAL A 70 -4.56 13.62 -2.75
CA VAL A 70 -3.51 12.75 -3.32
C VAL A 70 -2.55 12.34 -2.18
N PHE A 71 -2.14 13.31 -1.33
CA PHE A 71 -1.28 13.03 -0.19
C PHE A 71 -1.92 11.95 0.73
N ALA A 72 -3.24 12.08 1.03
CA ALA A 72 -3.98 11.11 1.86
C ALA A 72 -3.90 9.68 1.25
N SER A 73 -3.93 9.56 -0.10
CA SER A 73 -3.88 8.29 -0.80
C SER A 73 -2.53 7.58 -0.73
N LYS A 74 -1.45 8.28 -0.30
CA LYS A 74 -0.09 7.69 -0.21
C LYS A 74 -0.01 6.50 0.76
N VAL A 75 -0.99 6.38 1.69
CA VAL A 75 -1.07 5.26 2.66
C VAL A 75 -1.39 3.91 1.96
N PHE A 76 -1.93 3.98 0.72
CA PHE A 76 -2.32 2.81 -0.06
C PHE A 76 -1.20 2.26 -0.91
N LYS A 77 -1.19 0.93 -1.15
CA LYS A 77 -0.22 0.27 -2.05
C LYS A 77 -0.38 0.87 -3.46
N LYS A 78 -1.62 1.27 -3.83
CA LYS A 78 -1.94 1.89 -5.11
C LYS A 78 -2.51 3.29 -4.85
N PRO A 79 -1.67 4.34 -4.73
CA PRO A 79 -2.21 5.68 -4.45
C PRO A 79 -2.92 6.27 -5.68
N LEU A 80 -3.50 7.48 -5.50
CA LEU A 80 -4.12 8.21 -6.63
C LEU A 80 -2.96 8.57 -7.61
N PRO A 81 -3.10 8.29 -8.94
CA PRO A 81 -1.94 8.47 -9.85
C PRO A 81 -1.46 9.89 -10.05
N GLU A 82 -2.33 10.92 -9.95
CA GLU A 82 -1.90 12.30 -10.15
C GLU A 82 -2.79 13.37 -9.56
N ARG A 83 -2.19 14.56 -9.35
CA ARG A 83 -2.89 15.74 -8.87
C ARG A 83 -3.67 16.31 -10.04
N VAL A 84 -4.98 16.41 -9.85
CA VAL A 84 -5.92 16.91 -10.84
C VAL A 84 -6.67 18.09 -10.22
N ALA A 85 -6.91 19.17 -10.98
CA ALA A 85 -7.75 20.29 -10.51
C ALA A 85 -9.07 20.16 -11.24
N GLY A 86 -10.19 20.28 -10.51
CA GLY A 86 -11.54 20.21 -11.07
C GLY A 86 -11.74 21.22 -12.19
N PHE A 87 -11.12 22.40 -12.04
CA PHE A 87 -11.17 23.47 -13.04
C PHE A 87 -10.58 23.01 -14.38
N ASP A 88 -9.39 22.39 -14.34
CA ASP A 88 -8.71 21.88 -15.53
C ASP A 88 -9.50 20.75 -16.18
N LEU A 89 -10.11 19.88 -15.37
CA LEU A 89 -10.95 18.79 -15.87
C LEU A 89 -12.12 19.34 -16.69
N MSE A 90 -12.82 20.36 -16.16
CA MSE A 90 -13.90 21.00 -16.87
C MSE A 90 -13.43 21.57 -18.22
O MSE A 90 -14.06 21.31 -19.24
CB MSE A 90 -14.52 22.10 -15.99
CG MSE A 90 -15.69 22.82 -16.64
SE MSE A 90 -16.13 24.51 -15.75
CE MSE A 90 -14.46 25.53 -16.16
N LEU A 91 -12.31 22.35 -18.22
CA LEU A 91 -11.80 22.94 -19.46
C LEU A 91 -11.36 21.90 -20.47
N GLU A 92 -10.67 20.83 -20.00
CA GLU A 92 -10.20 19.78 -20.87
C GLU A 92 -11.39 19.04 -21.50
N PHE A 93 -12.43 18.76 -20.70
CA PHE A 93 -13.64 18.09 -21.21
C PHE A 93 -14.35 18.97 -22.26
N ILE A 94 -14.50 20.30 -21.97
CA ILE A 94 -15.12 21.27 -22.88
C ILE A 94 -14.34 21.33 -24.20
N LYS A 95 -13.00 21.43 -24.11
CA LYS A 95 -12.09 21.45 -25.25
C LYS A 95 -12.42 20.32 -26.25
N GLY A 96 -12.49 19.08 -25.75
CA GLY A 96 -12.78 17.92 -26.59
C GLY A 96 -14.18 17.90 -27.18
N ILE A 97 -15.20 18.35 -26.43
CA ILE A 97 -16.58 18.29 -26.95
C ILE A 97 -16.97 19.53 -27.78
N SER A 98 -16.13 20.60 -27.78
CA SER A 98 -16.40 21.87 -28.48
C SER A 98 -16.48 21.74 -30.00
N SER A 99 -15.90 20.68 -30.57
CA SER A 99 -15.94 20.42 -32.00
C SER A 99 -16.92 19.27 -32.35
N LYS A 100 -17.64 18.73 -31.34
CA LYS A 100 -18.56 17.61 -31.51
C LYS A 100 -20.05 17.97 -31.46
N GLY A 101 -20.38 19.25 -31.25
CA GLY A 101 -21.76 19.70 -31.21
C GLY A 101 -22.52 19.33 -29.95
N VAL A 102 -21.79 18.94 -28.88
CA VAL A 102 -22.37 18.57 -27.58
C VAL A 102 -22.96 19.83 -26.92
N LYS A 103 -24.27 19.81 -26.67
CA LYS A 103 -24.98 20.95 -26.08
C LYS A 103 -24.65 21.09 -24.60
N ILE A 104 -24.16 22.27 -24.22
CA ILE A 104 -23.72 22.59 -22.85
C ILE A 104 -24.64 23.65 -22.23
N TYR A 105 -24.98 23.48 -20.94
CA TYR A 105 -25.73 24.48 -20.18
C TYR A 105 -24.88 24.92 -18.96
N LEU A 106 -24.81 26.23 -18.72
CA LEU A 106 -24.05 26.79 -17.58
C LEU A 106 -25.01 27.33 -16.49
N LEU A 107 -25.04 26.69 -15.34
CA LEU A 107 -25.92 27.13 -14.26
C LEU A 107 -25.10 27.47 -13.01
N GLY A 108 -25.20 28.72 -12.59
CA GLY A 108 -24.49 29.14 -11.39
C GLY A 108 -23.89 30.52 -11.48
N ALA A 109 -23.32 30.96 -10.33
CA ALA A 109 -22.64 32.24 -10.12
C ALA A 109 -23.61 33.44 -10.15
N ALA A 110 -23.10 34.65 -9.78
CA ALA A 110 -23.94 35.84 -9.72
C ALA A 110 -24.38 36.33 -11.11
N ALA A 111 -25.34 37.26 -11.13
CA ALA A 111 -25.90 37.89 -12.33
C ALA A 111 -24.85 38.23 -13.38
N GLN A 112 -25.04 37.65 -14.59
CA GLN A 112 -24.26 37.81 -15.83
C GLN A 112 -22.90 37.09 -15.84
N VAL A 113 -22.53 36.40 -14.72
CA VAL A 113 -21.23 35.69 -14.65
C VAL A 113 -21.22 34.46 -15.59
N ALA A 114 -22.30 33.64 -15.59
CA ALA A 114 -22.35 32.48 -16.50
C ALA A 114 -22.45 32.95 -17.98
N GLU A 115 -23.06 34.12 -18.23
CA GLU A 115 -23.13 34.71 -19.58
C GLU A 115 -21.73 35.14 -20.08
N GLN A 116 -20.95 35.75 -19.17
CA GLN A 116 -19.57 36.18 -19.47
C GLN A 116 -18.68 34.97 -19.68
N ALA A 117 -18.88 33.89 -18.86
CA ALA A 117 -18.14 32.63 -18.95
C ALA A 117 -18.43 32.01 -20.32
N ARG A 118 -19.71 32.02 -20.77
CA ARG A 118 -20.13 31.50 -22.07
C ARG A 118 -19.40 32.24 -23.20
N ALA A 119 -19.42 33.60 -23.17
CA ALA A 119 -18.76 34.45 -24.16
C ALA A 119 -17.26 34.12 -24.24
N ASN A 120 -16.62 33.94 -23.08
CA ASN A 120 -15.19 33.63 -23.02
C ASN A 120 -14.85 32.21 -23.49
N LEU A 121 -15.70 31.23 -23.19
CA LEU A 121 -15.53 29.85 -23.66
C LEU A 121 -15.71 29.75 -25.19
N GLU A 122 -16.59 30.59 -25.75
CA GLU A 122 -16.82 30.65 -27.22
C GLU A 122 -15.57 31.19 -27.94
N LYS A 123 -14.82 32.11 -27.29
CA LYS A 123 -13.58 32.66 -27.83
C LYS A 123 -12.45 31.64 -27.70
N LEU A 124 -12.36 30.97 -26.52
CA LEU A 124 -11.34 29.98 -26.20
C LEU A 124 -11.46 28.70 -27.00
N TYR A 125 -12.69 28.21 -27.19
CA TYR A 125 -12.97 26.97 -27.89
C TYR A 125 -13.93 27.24 -29.04
N PRO A 126 -13.43 27.76 -30.20
CA PRO A 126 -14.34 28.03 -31.33
C PRO A 126 -15.19 26.83 -31.74
N GLY A 127 -16.49 27.07 -31.84
CA GLY A 127 -17.46 26.03 -32.20
C GLY A 127 -18.24 25.47 -31.03
N VAL A 128 -17.79 25.72 -29.77
CA VAL A 128 -18.49 25.23 -28.54
C VAL A 128 -19.98 25.61 -28.60
N LYS A 129 -20.86 24.63 -28.30
CA LYS A 129 -22.31 24.81 -28.32
C LYS A 129 -22.88 24.95 -26.91
N ILE A 130 -22.92 26.20 -26.40
CA ILE A 130 -23.49 26.52 -25.10
C ILE A 130 -24.90 27.03 -25.38
N VAL A 131 -25.89 26.19 -25.11
CA VAL A 131 -27.30 26.44 -25.43
C VAL A 131 -28.00 27.35 -24.44
N GLY A 132 -27.45 27.53 -23.25
CA GLY A 132 -28.08 28.40 -22.28
C GLY A 132 -27.28 28.59 -21.02
N THR A 133 -27.63 29.66 -20.29
CA THR A 133 -26.99 30.05 -19.03
C THR A 133 -28.06 30.55 -18.06
N HIS A 134 -27.78 30.45 -16.75
CA HIS A 134 -28.66 30.97 -15.69
C HIS A 134 -27.85 31.15 -14.43
N HIS A 135 -28.13 32.23 -13.66
CA HIS A 135 -27.46 32.52 -12.39
C HIS A 135 -27.73 31.45 -11.34
N GLY A 136 -26.87 31.38 -10.33
CA GLY A 136 -26.97 30.39 -9.27
C GLY A 136 -27.49 30.85 -7.92
N TYR A 137 -28.15 31.99 -7.86
CA TYR A 137 -28.66 32.40 -6.55
C TYR A 137 -30.17 32.35 -6.56
N PHE A 138 -30.69 31.19 -6.98
CA PHE A 138 -32.12 30.92 -7.12
C PHE A 138 -32.72 30.24 -5.90
N THR A 139 -34.03 30.44 -5.71
CA THR A 139 -34.81 29.82 -4.64
C THR A 139 -35.33 28.45 -5.14
N GLU A 140 -35.88 27.62 -4.21
CA GLU A 140 -36.51 26.32 -4.54
C GLU A 140 -37.69 26.50 -5.52
N GLU A 141 -38.41 27.64 -5.42
CA GLU A 141 -39.55 28.02 -6.28
C GLU A 141 -39.12 28.18 -7.76
N GLU A 142 -37.96 28.81 -8.00
CA GLU A 142 -37.39 29.10 -9.32
C GLU A 142 -36.85 27.84 -10.01
N GLU A 143 -36.45 26.85 -9.21
CA GLU A 143 -35.83 25.58 -9.57
C GLU A 143 -36.50 24.81 -10.71
N ASN A 144 -37.82 24.61 -10.66
CA ASN A 144 -38.57 23.84 -11.65
C ASN A 144 -38.56 24.49 -13.04
N LYS A 145 -38.65 25.84 -13.10
CA LYS A 145 -38.56 26.60 -14.35
C LYS A 145 -37.12 26.50 -14.92
N ILE A 146 -36.09 26.52 -14.03
CA ILE A 146 -34.68 26.38 -14.45
C ILE A 146 -34.45 25.00 -15.08
N ILE A 147 -34.91 23.93 -14.41
CA ILE A 147 -34.80 22.56 -14.93
C ILE A 147 -35.53 22.44 -16.27
N GLU A 148 -36.73 23.07 -16.40
CA GLU A 148 -37.49 23.05 -17.64
C GLU A 148 -36.72 23.70 -18.80
N GLU A 149 -36.01 24.83 -18.55
CA GLU A 149 -35.23 25.51 -19.59
C GLU A 149 -34.04 24.65 -20.03
N ILE A 150 -33.36 24.03 -19.06
CA ILE A 150 -32.23 23.11 -19.29
C ILE A 150 -32.68 21.97 -20.21
N ASN A 151 -33.83 21.36 -19.86
CA ASN A 151 -34.38 20.24 -20.62
C ASN A 151 -34.91 20.67 -21.98
N ASN A 152 -35.62 21.83 -22.06
CA ASN A 152 -36.15 22.36 -23.31
C ASN A 152 -35.07 22.67 -24.34
N LYS A 153 -33.91 23.15 -23.86
CA LYS A 153 -32.76 23.45 -24.72
C LYS A 153 -31.97 22.20 -25.15
N GLY A 154 -32.38 21.04 -24.65
CA GLY A 154 -31.77 19.75 -24.96
C GLY A 154 -30.32 19.62 -24.55
N ALA A 155 -29.96 20.26 -23.42
CA ALA A 155 -28.59 20.20 -22.91
C ALA A 155 -28.12 18.75 -22.65
N GLU A 156 -26.88 18.42 -23.05
CA GLU A 156 -26.30 17.08 -22.83
C GLU A 156 -25.39 17.12 -21.61
N VAL A 157 -24.75 18.28 -21.40
CA VAL A 157 -23.80 18.49 -20.30
C VAL A 157 -24.22 19.72 -19.56
N LEU A 158 -24.32 19.61 -18.22
CA LEU A 158 -24.70 20.69 -17.33
C LEU A 158 -23.60 20.93 -16.29
N PHE A 159 -23.01 22.14 -16.30
CA PHE A 159 -22.00 22.53 -15.30
C PHE A 159 -22.71 23.35 -14.25
N VAL A 160 -22.57 22.92 -12.98
CA VAL A 160 -23.28 23.50 -11.84
C VAL A 160 -22.30 24.23 -10.93
N ALA A 161 -22.20 25.56 -11.09
CA ALA A 161 -21.28 26.42 -10.33
C ALA A 161 -21.95 27.01 -9.11
N LEU A 162 -22.30 26.14 -8.14
CA LEU A 162 -22.97 26.56 -6.90
C LEU A 162 -22.10 26.42 -5.65
N GLY A 163 -20.98 25.70 -5.77
CA GLY A 163 -20.08 25.46 -4.64
C GLY A 163 -20.47 24.23 -3.86
N ALA A 164 -19.47 23.56 -3.26
CA ALA A 164 -19.71 22.34 -2.49
C ALA A 164 -20.17 22.67 -1.07
N PRO A 165 -21.15 21.97 -0.48
CA PRO A 165 -21.91 20.81 -1.00
C PRO A 165 -23.17 21.13 -1.79
N LYS A 166 -23.58 22.43 -1.88
CA LYS A 166 -24.80 22.86 -2.57
C LYS A 166 -24.95 22.28 -4.01
N GLN A 167 -23.86 22.32 -4.79
CA GLN A 167 -23.88 21.83 -6.16
C GLN A 167 -24.23 20.32 -6.26
N GLU A 168 -23.62 19.46 -5.45
CA GLU A 168 -23.87 18.00 -5.44
C GLU A 168 -25.28 17.71 -4.95
N LYS A 169 -25.70 18.42 -3.87
CA LYS A 169 -27.03 18.26 -3.27
C LYS A 169 -28.12 18.63 -4.27
N TRP A 170 -27.93 19.74 -4.98
CA TRP A 170 -28.91 20.22 -5.97
C TRP A 170 -29.06 19.20 -7.12
N ILE A 171 -27.94 18.72 -7.67
CA ILE A 171 -27.92 17.73 -8.74
C ILE A 171 -28.64 16.45 -8.31
N TYR A 172 -28.23 15.88 -7.15
CA TYR A 172 -28.77 14.66 -6.58
C TYR A 172 -30.26 14.74 -6.31
N LYS A 173 -30.74 15.85 -5.72
CA LYS A 173 -32.17 16.04 -5.45
C LYS A 173 -32.97 16.04 -6.76
N ASN A 174 -32.35 16.55 -7.85
CA ASN A 174 -33.00 16.69 -9.16
C ASN A 174 -32.55 15.66 -10.19
N LYS A 175 -31.97 14.54 -9.71
CA LYS A 175 -31.45 13.46 -10.56
C LYS A 175 -32.50 12.82 -11.49
N ASP A 176 -33.78 12.82 -11.10
CA ASP A 176 -34.86 12.24 -11.89
C ASP A 176 -35.59 13.28 -12.77
N LYS A 177 -35.28 14.58 -12.56
CA LYS A 177 -35.90 15.69 -13.30
C LYS A 177 -35.02 16.17 -14.46
N LEU A 178 -33.69 16.17 -14.25
CA LEU A 178 -32.71 16.62 -15.24
C LEU A 178 -32.57 15.60 -16.37
N LYS A 179 -32.77 16.04 -17.63
CA LYS A 179 -32.66 15.15 -18.78
C LYS A 179 -31.32 15.34 -19.50
N VAL A 180 -30.26 15.51 -18.72
CA VAL A 180 -28.91 15.68 -19.27
C VAL A 180 -28.15 14.38 -19.14
N LYS A 181 -27.01 14.24 -19.84
CA LYS A 181 -26.21 13.01 -19.72
C LYS A 181 -25.17 13.17 -18.63
N ILE A 182 -24.63 14.40 -18.43
CA ILE A 182 -23.68 14.70 -17.38
C ILE A 182 -24.08 15.96 -16.61
N ALA A 183 -24.04 15.87 -15.27
CA ALA A 183 -24.23 16.99 -14.36
C ALA A 183 -23.02 16.99 -13.43
N MSE A 184 -22.25 18.08 -13.47
CA MSE A 184 -21.02 18.21 -12.72
C MSE A 184 -20.91 19.55 -12.00
O MSE A 184 -21.02 20.59 -12.64
CB MSE A 184 -19.83 18.01 -13.70
CG MSE A 184 -18.47 18.16 -13.04
SE MSE A 184 -17.01 18.05 -14.37
CE MSE A 184 -15.75 19.23 -13.54
N GLY A 185 -20.62 19.50 -10.70
CA GLY A 185 -20.41 20.66 -9.85
C GLY A 185 -19.05 21.26 -10.13
N VAL A 186 -18.98 22.60 -10.35
CA VAL A 186 -17.71 23.24 -10.75
C VAL A 186 -17.28 24.43 -9.85
N GLY A 187 -17.96 24.64 -8.73
CA GLY A 187 -17.63 25.69 -7.77
C GLY A 187 -17.47 27.09 -8.33
N GLY A 188 -16.27 27.67 -8.14
CA GLY A 188 -15.95 29.02 -8.58
C GLY A 188 -15.47 29.14 -10.01
N SER A 189 -15.53 28.03 -10.80
CA SER A 189 -15.02 27.96 -12.19
C SER A 189 -15.57 28.99 -13.16
N PHE A 190 -16.86 29.40 -13.05
CA PHE A 190 -17.40 30.41 -13.98
C PHE A 190 -16.81 31.78 -13.69
N ASP A 191 -16.66 32.14 -12.39
CA ASP A 191 -16.13 33.45 -11.97
C ASP A 191 -14.76 33.73 -12.56
N VAL A 192 -13.86 32.74 -12.50
CA VAL A 192 -12.48 32.86 -13.00
C VAL A 192 -12.37 32.80 -14.54
N ILE A 193 -13.40 32.27 -15.23
CA ILE A 193 -13.41 32.26 -16.70
C ILE A 193 -14.08 33.51 -17.23
N ALA A 194 -14.89 34.20 -16.39
CA ALA A 194 -15.67 35.39 -16.72
C ALA A 194 -14.89 36.70 -16.83
N GLY A 195 -13.58 36.65 -16.67
CA GLY A 195 -12.71 37.83 -16.74
C GLY A 195 -12.30 38.17 -18.15
N MSE B 1 39.78 -0.54 15.60
CA MSE B 1 38.46 -0.52 14.99
C MSE B 1 38.54 -0.99 13.53
O MSE B 1 38.18 -0.23 12.63
CB MSE B 1 37.83 0.88 15.09
CG MSE B 1 36.29 0.89 15.10
SE MSE B 1 35.48 2.71 15.02
CE MSE B 1 36.61 3.68 16.29
N GLU B 2 39.05 -2.20 13.29
CA GLU B 2 39.14 -2.76 11.94
C GLU B 2 37.75 -3.29 11.63
N ARG B 3 37.04 -2.60 10.73
CA ARG B 3 35.69 -2.98 10.39
C ARG B 3 35.47 -3.12 8.89
N LEU B 4 34.45 -3.91 8.52
CA LEU B 4 34.01 -4.11 7.13
C LEU B 4 32.53 -3.78 7.04
N ASP B 5 32.13 -3.16 5.94
CA ASP B 5 30.71 -2.88 5.75
C ASP B 5 30.06 -3.97 4.91
N ILE B 6 29.04 -4.64 5.46
CA ILE B 6 28.25 -5.67 4.76
C ILE B 6 26.84 -5.10 4.58
N PHE B 7 26.58 -4.49 3.39
CA PHE B 7 25.30 -3.88 3.03
C PHE B 7 24.77 -2.91 4.10
N GLY B 8 25.65 -2.05 4.61
CA GLY B 8 25.32 -1.05 5.60
C GLY B 8 25.56 -1.48 7.04
N VAL B 9 25.78 -2.78 7.27
CA VAL B 9 26.03 -3.35 8.61
C VAL B 9 27.53 -3.43 8.88
N PRO B 10 28.06 -2.66 9.88
CA PRO B 10 29.50 -2.74 10.16
C PRO B 10 29.83 -4.03 10.91
N ILE B 11 30.89 -4.72 10.48
CA ILE B 11 31.32 -5.97 11.08
C ILE B 11 32.79 -5.80 11.49
N ASP B 12 33.09 -5.99 12.76
CA ASP B 12 34.47 -5.96 13.24
C ASP B 12 35.22 -7.16 12.64
N ARG B 13 36.37 -6.88 12.05
CA ARG B 13 37.23 -7.87 11.36
C ARG B 13 38.04 -8.57 12.46
N VAL B 14 37.39 -9.53 13.13
CA VAL B 14 37.99 -10.21 14.29
C VAL B 14 37.85 -11.72 14.24
N THR B 15 38.85 -12.41 14.80
CA THR B 15 38.83 -13.85 14.99
C THR B 15 38.07 -14.05 16.30
N MSE B 16 37.76 -15.30 16.63
CA MSE B 16 37.12 -15.66 17.89
C MSE B 16 37.94 -15.12 19.09
O MSE B 16 37.38 -14.48 19.98
CB MSE B 16 37.02 -17.19 17.98
CG MSE B 16 36.86 -17.68 19.40
SE MSE B 16 35.07 -17.19 19.86
CE MSE B 16 34.41 -18.94 19.38
N ILE B 17 39.27 -15.40 19.11
CA ILE B 17 40.20 -15.03 20.17
C ILE B 17 40.26 -13.52 20.34
N GLN B 18 40.30 -12.77 19.22
CA GLN B 18 40.34 -11.31 19.27
C GLN B 18 39.03 -10.77 19.84
N ALA B 19 37.89 -11.38 19.47
CA ALA B 19 36.57 -10.95 19.95
C ALA B 19 36.49 -11.16 21.46
N VAL B 20 36.98 -12.33 21.97
CA VAL B 20 37.02 -12.64 23.40
C VAL B 20 37.92 -11.61 24.15
N ASP B 21 39.11 -11.30 23.58
CA ASP B 21 40.02 -10.29 24.13
C ASP B 21 39.36 -8.93 24.25
N ILE B 22 38.60 -8.50 23.22
CA ILE B 22 37.87 -7.23 23.22
C ILE B 22 36.81 -7.21 24.34
N LEU B 23 36.03 -8.29 24.47
CA LEU B 23 35.02 -8.44 25.52
C LEU B 23 35.65 -8.34 26.92
N ASN B 24 36.81 -8.99 27.11
CA ASN B 24 37.57 -8.92 28.38
C ASN B 24 37.98 -7.48 28.66
N ASN B 25 38.45 -6.74 27.61
CA ASN B 25 38.85 -5.33 27.74
C ASN B 25 37.64 -4.44 28.09
N PHE B 26 36.43 -4.77 27.56
CA PHE B 26 35.19 -4.04 27.84
C PHE B 26 34.87 -4.04 29.34
N LEU B 27 35.24 -5.12 30.05
CA LEU B 27 35.04 -5.24 31.49
C LEU B 27 35.84 -4.23 32.30
N GLN B 28 36.89 -3.61 31.69
CA GLN B 28 37.72 -2.58 32.33
C GLN B 28 37.19 -1.17 32.07
N GLU B 29 36.09 -1.05 31.31
CA GLU B 29 35.49 0.26 31.02
C GLU B 29 34.11 0.34 31.68
N ASN B 30 33.95 1.28 32.64
CA ASN B 30 32.71 1.41 33.43
C ASN B 30 31.54 2.09 32.69
N ARG B 31 31.08 1.45 31.62
CA ARG B 31 29.94 1.91 30.80
C ARG B 31 29.32 0.70 30.14
N LEU B 32 28.08 0.85 29.64
CA LEU B 32 27.43 -0.25 28.94
C LEU B 32 28.03 -0.42 27.55
N HIS B 33 28.38 -1.64 27.19
CA HIS B 33 28.88 -2.00 25.87
C HIS B 33 27.83 -2.94 25.25
N ILE B 34 27.35 -2.58 24.03
CA ILE B 34 26.39 -3.40 23.31
C ILE B 34 27.12 -4.29 22.32
N VAL B 35 26.92 -5.60 22.43
CA VAL B 35 27.53 -6.58 21.55
C VAL B 35 26.43 -7.31 20.73
N ALA B 36 26.64 -7.41 19.41
CA ALA B 36 25.74 -8.14 18.52
C ALA B 36 26.61 -9.09 17.70
N THR B 37 26.00 -10.15 17.13
CA THR B 37 26.71 -11.14 16.31
C THR B 37 25.97 -11.26 14.98
N PRO B 38 26.10 -10.25 14.08
CA PRO B 38 25.36 -10.32 12.82
C PRO B 38 25.74 -11.48 11.91
N ASN B 39 24.72 -12.10 11.36
CA ASN B 39 24.80 -13.18 10.37
C ASN B 39 24.07 -12.72 9.11
N ALA B 40 24.04 -13.59 8.06
CA ALA B 40 23.35 -13.27 6.81
C ALA B 40 21.87 -12.87 7.03
N GLU B 41 21.14 -13.58 7.91
CA GLU B 41 19.74 -13.32 8.24
C GLU B 41 19.56 -11.91 8.84
N ILE B 42 20.43 -11.53 9.79
CA ILE B 42 20.39 -10.22 10.43
C ILE B 42 20.66 -9.09 9.40
N VAL B 43 21.65 -9.29 8.50
CA VAL B 43 21.95 -8.29 7.46
C VAL B 43 20.71 -8.08 6.56
N MSE B 44 20.03 -9.21 6.20
CA MSE B 44 18.80 -9.12 5.41
C MSE B 44 17.71 -8.32 6.15
O MSE B 44 17.12 -7.42 5.57
CB MSE B 44 18.28 -10.51 5.05
CG MSE B 44 16.99 -10.44 4.26
SE MSE B 44 16.38 -12.12 3.62
CE MSE B 44 15.69 -12.85 5.25
N MSE B 45 17.46 -8.67 7.44
CA MSE B 45 16.48 -7.99 8.28
C MSE B 45 16.74 -6.47 8.35
O MSE B 45 15.78 -5.68 8.28
CB MSE B 45 16.50 -8.56 9.71
CG MSE B 45 15.84 -9.92 9.86
SE MSE B 45 16.06 -10.56 11.72
CE MSE B 45 14.56 -11.68 11.80
N ALA B 46 18.03 -6.07 8.52
CA ALA B 46 18.47 -4.67 8.65
C ALA B 46 18.17 -3.82 7.43
N GLN B 47 18.12 -4.43 6.22
CA GLN B 47 17.79 -3.76 4.94
C GLN B 47 16.37 -3.19 4.94
N LYS B 48 15.42 -3.86 5.61
CA LYS B 48 14.02 -3.45 5.65
C LYS B 48 13.61 -2.76 6.95
N ASP B 49 14.46 -2.83 7.99
CA ASP B 49 14.20 -2.27 9.31
C ASP B 49 15.23 -1.17 9.65
N LYS B 50 14.84 0.10 9.39
CA LYS B 50 15.66 1.29 9.61
C LYS B 50 16.16 1.43 11.06
N GLU B 51 15.29 1.13 12.04
CA GLU B 51 15.63 1.15 13.47
C GLU B 51 16.69 0.09 13.80
N TYR B 52 16.54 -1.14 13.25
CA TYR B 52 17.50 -2.22 13.45
C TYR B 52 18.84 -1.87 12.82
N MSE B 53 18.81 -1.33 11.56
CA MSE B 53 20.01 -0.88 10.87
C MSE B 53 20.77 0.19 11.70
O MSE B 53 21.99 0.12 11.80
CB MSE B 53 19.65 -0.35 9.47
CG MSE B 53 20.82 0.28 8.74
SE MSE B 53 22.19 -1.04 8.34
CE MSE B 53 21.35 -1.75 6.69
N GLU B 54 20.04 1.14 12.32
CA GLU B 54 20.57 2.20 13.20
C GLU B 54 21.25 1.59 14.45
N ILE B 55 20.57 0.66 15.13
CA ILE B 55 21.11 -0.04 16.31
C ILE B 55 22.42 -0.76 15.96
N LEU B 56 22.45 -1.49 14.82
CA LEU B 56 23.63 -2.23 14.38
C LEU B 56 24.80 -1.32 14.00
N ASN B 57 24.52 -0.05 13.77
CA ASN B 57 25.56 0.96 13.50
C ASN B 57 25.98 1.69 14.77
N ASN B 58 25.37 1.35 15.93
CA ASN B 58 25.67 1.98 17.21
C ASN B 58 26.09 1.00 18.31
N THR B 59 26.56 -0.20 17.92
CA THR B 59 27.04 -1.21 18.85
C THR B 59 28.54 -1.07 19.03
N ASP B 60 29.03 -1.52 20.17
CA ASP B 60 30.44 -1.47 20.49
C ASP B 60 31.24 -2.56 19.81
N LEU B 61 30.58 -3.68 19.47
CA LEU B 61 31.24 -4.81 18.81
C LEU B 61 30.24 -5.66 18.05
N ASN B 62 30.50 -5.87 16.75
CA ASN B 62 29.70 -6.72 15.88
C ASN B 62 30.58 -7.87 15.41
N VAL B 63 30.44 -9.03 16.05
CA VAL B 63 31.24 -10.21 15.70
C VAL B 63 30.52 -10.97 14.58
N PRO B 64 31.20 -11.36 13.48
CA PRO B 64 30.50 -12.10 12.42
C PRO B 64 29.99 -13.45 12.94
N ASP B 65 28.77 -13.84 12.53
CA ASP B 65 28.18 -15.12 12.89
C ASP B 65 27.84 -15.92 11.63
N GLY B 66 28.27 -17.18 11.59
CA GLY B 66 27.98 -18.07 10.47
C GLY B 66 28.87 -17.95 9.25
N SER B 67 28.55 -18.71 8.21
CA SER B 67 29.34 -18.79 6.98
C SER B 67 29.00 -17.75 5.91
N GLY B 68 27.70 -17.46 5.73
CA GLY B 68 27.20 -16.51 4.75
C GLY B 68 27.87 -15.13 4.82
N ILE B 69 27.95 -14.56 6.04
CA ILE B 69 28.55 -13.23 6.22
C ILE B 69 30.07 -13.23 5.88
N VAL B 70 30.77 -14.34 6.16
CA VAL B 70 32.19 -14.50 5.83
C VAL B 70 32.34 -14.56 4.30
N PHE B 71 31.47 -15.34 3.63
CA PHE B 71 31.47 -15.42 2.17
C PHE B 71 31.28 -14.01 1.55
N ALA B 72 30.34 -13.20 2.07
CA ALA B 72 30.10 -11.83 1.59
C ALA B 72 31.36 -10.96 1.68
N SER B 73 32.18 -11.16 2.73
CA SER B 73 33.40 -10.40 2.95
C SER B 73 34.54 -10.75 1.98
N LYS B 74 34.42 -11.87 1.21
CA LYS B 74 35.45 -12.27 0.23
C LYS B 74 35.70 -11.22 -0.88
N VAL B 75 34.76 -10.28 -1.09
CA VAL B 75 34.89 -9.19 -2.08
C VAL B 75 35.97 -8.17 -1.65
N PHE B 76 36.34 -8.17 -0.35
CA PHE B 76 37.32 -7.23 0.21
C PHE B 76 38.74 -7.77 0.10
N LYS B 77 39.72 -6.88 -0.01
CA LYS B 77 41.16 -7.26 -0.03
C LYS B 77 41.50 -7.95 1.31
N LYS B 78 40.82 -7.52 2.42
CA LYS B 78 41.00 -8.08 3.76
C LYS B 78 39.65 -8.67 4.21
N PRO B 79 39.33 -9.93 3.87
CA PRO B 79 38.01 -10.48 4.26
C PRO B 79 37.95 -10.76 5.77
N LEU B 80 36.81 -11.22 6.25
CA LEU B 80 36.69 -11.61 7.67
C LEU B 80 37.62 -12.82 7.87
N PRO B 81 38.50 -12.79 8.89
CA PRO B 81 39.51 -13.86 9.03
C PRO B 81 38.97 -15.27 9.27
N GLU B 82 37.82 -15.42 9.93
CA GLU B 82 37.30 -16.77 10.21
C GLU B 82 35.82 -16.84 10.51
N ARG B 83 35.26 -18.05 10.33
CA ARG B 83 33.87 -18.34 10.63
C ARG B 83 33.78 -18.47 12.15
N VAL B 84 32.95 -17.64 12.74
CA VAL B 84 32.69 -17.60 14.18
C VAL B 84 31.19 -17.87 14.38
N ALA B 85 30.83 -18.64 15.41
CA ALA B 85 29.44 -18.87 15.79
C ALA B 85 29.22 -18.06 17.07
N GLY B 86 28.10 -17.31 17.14
CA GLY B 86 27.75 -16.51 18.30
C GLY B 86 27.68 -17.34 19.57
N PHE B 87 27.19 -18.58 19.43
CA PHE B 87 27.08 -19.51 20.55
C PHE B 87 28.45 -19.80 21.17
N ASP B 88 29.46 -20.11 20.31
CA ASP B 88 30.82 -20.41 20.75
C ASP B 88 31.47 -19.19 21.40
N LEU B 89 31.20 -17.99 20.85
CA LEU B 89 31.70 -16.73 21.43
C LEU B 89 31.21 -16.57 22.88
N MSE B 90 29.91 -16.79 23.10
CA MSE B 90 29.32 -16.71 24.43
C MSE B 90 30.01 -17.72 25.40
O MSE B 90 30.41 -17.32 26.50
CB MSE B 90 27.81 -16.97 24.38
CG MSE B 90 27.13 -16.93 25.77
SE MSE B 90 25.32 -17.70 25.71
CE MSE B 90 25.12 -18.18 27.61
N LEU B 91 30.13 -18.99 25.00
CA LEU B 91 30.77 -20.02 25.85
C LEU B 91 32.23 -19.73 26.13
N GLU B 92 32.99 -19.30 25.09
CA GLU B 92 34.41 -18.97 25.25
C GLU B 92 34.59 -17.77 26.19
N PHE B 93 33.72 -16.76 26.07
CA PHE B 93 33.77 -15.59 26.95
C PHE B 93 33.45 -15.98 28.41
N ILE B 94 32.41 -16.82 28.62
CA ILE B 94 32.00 -17.33 29.94
C ILE B 94 33.15 -18.13 30.57
N LYS B 95 33.74 -19.04 29.76
CA LYS B 95 34.87 -19.87 30.18
C LYS B 95 35.96 -19.02 30.86
N GLY B 96 36.40 -17.96 30.19
CA GLY B 96 37.43 -17.06 30.71
C GLY B 96 37.03 -16.29 31.94
N ILE B 97 35.78 -15.79 32.02
CA ILE B 97 35.38 -14.99 33.18
C ILE B 97 34.88 -15.82 34.39
N SER B 98 34.67 -17.13 34.20
CA SER B 98 34.15 -18.04 35.22
C SER B 98 35.05 -18.18 36.46
N SER B 99 36.35 -17.91 36.30
CA SER B 99 37.35 -17.99 37.39
C SER B 99 37.75 -16.57 37.87
N LYS B 100 37.09 -15.52 37.35
CA LYS B 100 37.40 -14.11 37.67
C LYS B 100 36.34 -13.41 38.57
N GLY B 101 35.29 -14.12 38.93
CA GLY B 101 34.22 -13.59 39.79
C GLY B 101 33.29 -12.59 39.11
N VAL B 102 33.31 -12.55 37.76
CA VAL B 102 32.47 -11.65 36.96
C VAL B 102 30.99 -12.08 37.08
N LYS B 103 30.15 -11.16 37.60
CA LYS B 103 28.73 -11.38 37.84
C LYS B 103 27.92 -11.40 36.54
N ILE B 104 27.28 -12.54 36.27
CA ILE B 104 26.52 -12.79 35.06
C ILE B 104 25.03 -12.87 35.35
N TYR B 105 24.21 -12.27 34.47
CA TYR B 105 22.74 -12.39 34.54
C TYR B 105 22.22 -12.99 33.24
N LEU B 106 21.30 -13.97 33.34
CA LEU B 106 20.71 -14.62 32.18
C LEU B 106 19.25 -14.21 31.99
N LEU B 107 18.98 -13.43 30.94
CA LEU B 107 17.61 -13.03 30.65
C LEU B 107 17.09 -13.57 29.31
N GLY B 108 15.97 -14.29 29.36
CA GLY B 108 15.35 -14.81 28.14
C GLY B 108 14.86 -16.23 28.21
N ALA B 109 14.32 -16.74 27.06
CA ALA B 109 13.73 -18.07 26.86
C ALA B 109 12.46 -18.32 27.71
N ALA B 110 11.82 -19.50 27.55
CA ALA B 110 10.61 -19.83 28.30
C ALA B 110 10.90 -20.23 29.75
N ALA B 111 9.82 -20.32 30.55
CA ALA B 111 9.84 -20.66 31.97
C ALA B 111 10.78 -21.83 32.32
N GLN B 112 11.78 -21.53 33.19
CA GLN B 112 12.82 -22.42 33.75
C GLN B 112 14.02 -22.70 32.84
N VAL B 113 14.02 -22.25 31.57
CA VAL B 113 15.12 -22.49 30.63
C VAL B 113 16.40 -21.74 31.07
N ALA B 114 16.26 -20.46 31.48
CA ALA B 114 17.42 -19.69 31.97
C ALA B 114 17.99 -20.26 33.27
N GLU B 115 17.13 -20.86 34.11
CA GLU B 115 17.52 -21.52 35.35
C GLU B 115 18.30 -22.80 35.06
N GLN B 116 17.82 -23.62 34.08
CA GLN B 116 18.47 -24.87 33.67
C GLN B 116 19.82 -24.56 32.99
N ALA B 117 19.88 -23.46 32.19
CA ALA B 117 21.10 -23.02 31.53
C ALA B 117 22.15 -22.64 32.59
N ARG B 118 21.72 -21.93 33.65
CA ARG B 118 22.55 -21.53 34.79
C ARG B 118 23.13 -22.79 35.47
N ALA B 119 22.27 -23.77 35.81
CA ALA B 119 22.67 -25.02 36.46
C ALA B 119 23.73 -25.74 35.61
N ASN B 120 23.52 -25.83 34.29
CA ASN B 120 24.44 -26.50 33.39
C ASN B 120 25.76 -25.75 33.19
N LEU B 121 25.73 -24.40 33.17
CA LEU B 121 26.94 -23.58 33.07
C LEU B 121 27.80 -23.70 34.34
N GLU B 122 27.14 -23.85 35.51
CA GLU B 122 27.82 -24.05 36.80
C GLU B 122 28.58 -25.38 36.84
N LYS B 123 28.05 -26.42 36.15
CA LYS B 123 28.71 -27.72 36.04
C LYS B 123 29.86 -27.65 35.03
N LEU B 124 29.62 -27.01 33.87
CA LEU B 124 30.61 -26.86 32.80
C LEU B 124 31.79 -25.97 33.17
N TYR B 125 31.51 -24.87 33.88
CA TYR B 125 32.52 -23.89 34.26
C TYR B 125 32.50 -23.70 35.78
N PRO B 126 33.14 -24.62 36.55
CA PRO B 126 33.14 -24.49 38.02
C PRO B 126 33.64 -23.12 38.47
N GLY B 127 32.87 -22.49 39.35
CA GLY B 127 33.18 -21.18 39.89
C GLY B 127 32.43 -20.04 39.24
N VAL B 128 31.75 -20.30 38.08
CA VAL B 128 31.00 -19.25 37.35
C VAL B 128 29.99 -18.57 38.27
N LYS B 129 29.96 -17.22 38.26
CA LYS B 129 29.08 -16.47 39.12
C LYS B 129 27.85 -15.91 38.37
N ILE B 130 26.78 -16.71 38.34
CA ILE B 130 25.52 -16.32 37.72
C ILE B 130 24.62 -15.87 38.87
N VAL B 131 24.44 -14.58 38.98
CA VAL B 131 23.71 -13.93 40.09
C VAL B 131 22.18 -13.96 39.96
N GLY B 132 21.68 -14.20 38.75
CA GLY B 132 20.24 -14.21 38.54
C GLY B 132 19.84 -14.61 37.15
N THR B 133 18.55 -14.99 37.03
CA THR B 133 17.93 -15.43 35.79
C THR B 133 16.51 -14.93 35.74
N HIS B 134 15.96 -14.75 34.53
CA HIS B 134 14.55 -14.37 34.31
C HIS B 134 14.14 -14.78 32.91
N HIS B 135 12.89 -15.26 32.77
CA HIS B 135 12.32 -15.66 31.46
C HIS B 135 12.18 -14.48 30.52
N GLY B 136 12.10 -14.75 29.22
CA GLY B 136 12.01 -13.71 28.21
C GLY B 136 10.63 -13.43 27.61
N TYR B 137 9.56 -13.86 28.26
CA TYR B 137 8.25 -13.60 27.66
C TYR B 137 7.47 -12.63 28.54
N PHE B 138 8.17 -11.54 28.93
CA PHE B 138 7.66 -10.49 29.79
C PHE B 138 6.95 -9.37 29.04
N THR B 139 6.02 -8.69 29.75
CA THR B 139 5.26 -7.58 29.22
C THR B 139 6.01 -6.28 29.45
N GLU B 140 5.54 -5.18 28.82
CA GLU B 140 6.08 -3.82 28.92
C GLU B 140 6.13 -3.35 30.38
N GLU B 141 5.03 -3.57 31.11
CA GLU B 141 4.84 -3.19 32.50
C GLU B 141 5.82 -3.87 33.48
N GLU B 142 6.29 -5.10 33.19
CA GLU B 142 7.21 -5.74 34.14
C GLU B 142 8.71 -5.54 33.80
N GLU B 143 9.01 -4.87 32.67
CA GLU B 143 10.38 -4.59 32.22
C GLU B 143 11.20 -3.81 33.28
N ASN B 144 10.62 -2.76 33.87
CA ASN B 144 11.31 -1.93 34.85
C ASN B 144 11.73 -2.71 36.09
N LYS B 145 10.88 -3.63 36.59
CA LYS B 145 11.21 -4.51 37.72
C LYS B 145 12.34 -5.48 37.32
N ILE B 146 12.32 -6.01 36.06
CA ILE B 146 13.38 -6.91 35.55
C ILE B 146 14.75 -6.20 35.53
N ILE B 147 14.79 -4.98 34.95
CA ILE B 147 16.00 -4.16 34.88
C ILE B 147 16.49 -3.86 36.30
N GLU B 148 15.56 -3.51 37.23
CA GLU B 148 15.90 -3.24 38.63
C GLU B 148 16.56 -4.43 39.31
N GLU B 149 16.06 -5.67 39.07
CA GLU B 149 16.66 -6.89 39.61
C GLU B 149 18.07 -7.11 39.07
N ILE B 150 18.28 -6.85 37.76
CA ILE B 150 19.59 -7.01 37.09
C ILE B 150 20.58 -6.05 37.77
N ASN B 151 20.16 -4.80 37.93
CA ASN B 151 20.98 -3.76 38.55
C ASN B 151 21.22 -4.02 40.05
N ASN B 152 20.18 -4.46 40.78
CA ASN B 152 20.28 -4.77 42.21
C ASN B 152 21.24 -5.91 42.50
N LYS B 153 21.29 -6.89 41.60
CA LYS B 153 22.20 -8.05 41.72
C LYS B 153 23.63 -7.75 41.28
N GLY B 154 23.87 -6.50 40.87
CA GLY B 154 25.19 -6.00 40.46
C GLY B 154 25.79 -6.71 39.27
N ALA B 155 24.94 -7.22 38.35
CA ALA B 155 25.42 -7.94 37.17
C ALA B 155 26.37 -7.08 36.31
N GLU B 156 27.49 -7.66 35.88
CA GLU B 156 28.47 -7.01 35.02
C GLU B 156 28.21 -7.40 33.55
N VAL B 157 27.77 -8.66 33.34
CA VAL B 157 27.51 -9.22 32.02
C VAL B 157 26.05 -9.68 31.95
N LEU B 158 25.34 -9.25 30.93
CA LEU B 158 23.96 -9.65 30.73
C LEU B 158 23.82 -10.33 29.36
N PHE B 159 23.38 -11.60 29.36
CA PHE B 159 23.11 -12.33 28.14
C PHE B 159 21.60 -12.27 27.92
N VAL B 160 21.21 -11.79 26.73
CA VAL B 160 19.81 -11.55 26.35
C VAL B 160 19.38 -12.54 25.27
N ALA B 161 18.68 -13.62 25.69
CA ALA B 161 18.22 -14.71 24.81
C ALA B 161 16.76 -14.48 24.37
N LEU B 162 16.55 -13.40 23.59
CA LEU B 162 15.23 -13.02 23.10
C LEU B 162 15.07 -13.22 21.59
N GLY B 163 16.19 -13.44 20.88
CA GLY B 163 16.18 -13.59 19.43
C GLY B 163 16.36 -12.26 18.73
N ALA B 164 16.94 -12.28 17.53
CA ALA B 164 17.13 -11.08 16.73
C ALA B 164 15.85 -10.79 15.92
N PRO B 165 15.38 -9.53 15.78
CA PRO B 165 15.97 -8.26 16.28
C PRO B 165 15.53 -7.85 17.70
N LYS B 166 14.57 -8.57 18.33
CA LYS B 166 14.06 -8.25 19.67
C LYS B 166 15.15 -8.01 20.74
N GLN B 167 16.19 -8.86 20.79
CA GLN B 167 17.27 -8.72 21.80
C GLN B 167 18.05 -7.39 21.67
N GLU B 168 18.44 -7.01 20.42
CA GLU B 168 19.17 -5.78 20.12
C GLU B 168 18.31 -4.56 20.41
N LYS B 169 17.03 -4.66 20.05
CA LYS B 169 16.08 -3.58 20.25
C LYS B 169 15.80 -3.36 21.74
N TRP B 170 15.62 -4.44 22.51
CA TRP B 170 15.36 -4.35 23.96
C TRP B 170 16.57 -3.76 24.68
N ILE B 171 17.80 -4.25 24.38
CA ILE B 171 19.04 -3.75 24.95
C ILE B 171 19.20 -2.23 24.65
N TYR B 172 19.10 -1.86 23.33
CA TYR B 172 19.24 -0.47 22.88
C TYR B 172 18.22 0.48 23.51
N LYS B 173 16.96 0.08 23.59
CA LYS B 173 15.90 0.90 24.21
C LYS B 173 16.23 1.14 25.70
N ASN B 174 16.87 0.16 26.36
CA ASN B 174 17.21 0.21 27.79
C ASN B 174 18.68 0.49 28.08
N LYS B 175 19.42 1.00 27.07
CA LYS B 175 20.86 1.30 27.18
C LYS B 175 21.23 2.27 28.33
N ASP B 176 20.32 3.18 28.72
CA ASP B 176 20.58 4.14 29.79
C ASP B 176 20.07 3.67 31.15
N LYS B 177 19.29 2.56 31.18
CA LYS B 177 18.70 1.97 32.39
C LYS B 177 19.55 0.83 32.95
N LEU B 178 20.15 0.04 32.06
CA LEU B 178 20.99 -1.12 32.41
C LEU B 178 22.34 -0.67 32.94
N LYS B 179 22.71 -1.11 34.16
CA LYS B 179 23.99 -0.76 34.77
C LYS B 179 25.00 -1.91 34.67
N VAL B 180 25.01 -2.58 33.52
CA VAL B 180 25.94 -3.68 33.24
C VAL B 180 27.06 -3.15 32.35
N LYS B 181 28.20 -3.86 32.27
CA LYS B 181 29.28 -3.44 31.38
C LYS B 181 29.08 -4.04 29.99
N ILE B 182 28.47 -5.23 29.90
CA ILE B 182 28.21 -5.88 28.61
C ILE B 182 26.80 -6.40 28.58
N ALA B 183 26.10 -6.11 27.47
CA ALA B 183 24.76 -6.63 27.16
C ALA B 183 24.88 -7.21 25.77
N MSE B 184 24.63 -8.51 25.67
CA MSE B 184 24.78 -9.24 24.43
C MSE B 184 23.61 -10.16 24.15
O MSE B 184 23.27 -10.99 25.00
CB MSE B 184 26.11 -10.05 24.49
CG MSE B 184 26.38 -10.91 23.26
SE MSE B 184 27.99 -12.03 23.54
CE MSE B 184 27.49 -13.55 22.45
N GLY B 185 23.07 -10.05 22.94
CA GLY B 185 21.99 -10.89 22.44
C GLY B 185 22.53 -12.26 22.10
N VAL B 186 21.87 -13.34 22.59
CA VAL B 186 22.37 -14.69 22.37
C VAL B 186 21.35 -15.67 21.73
N GLY B 187 20.20 -15.17 21.29
CA GLY B 187 19.18 -15.97 20.61
C GLY B 187 18.72 -17.22 21.35
N GLY B 188 18.86 -18.37 20.70
CA GLY B 188 18.46 -19.65 21.24
C GLY B 188 19.52 -20.35 22.08
N SER B 189 20.62 -19.65 22.44
CA SER B 189 21.74 -20.20 23.22
C SER B 189 21.37 -20.83 24.58
N PHE B 190 20.36 -20.29 25.30
CA PHE B 190 19.99 -20.88 26.59
C PHE B 190 19.30 -22.25 26.41
N ASP B 191 18.41 -22.35 25.39
CA ASP B 191 17.66 -23.56 25.08
C ASP B 191 18.57 -24.76 24.84
N VAL B 192 19.63 -24.58 24.05
CA VAL B 192 20.57 -25.64 23.68
C VAL B 192 21.53 -26.05 24.82
N ILE B 193 21.54 -25.30 25.94
CA ILE B 193 22.34 -25.66 27.13
C ILE B 193 21.43 -25.87 28.36
N ALA B 194 20.11 -25.96 28.17
CA ALA B 194 19.11 -26.09 29.24
C ALA B 194 19.02 -27.48 29.83
N GLU C 2 -21.40 -35.42 16.03
CA GLU C 2 -21.16 -34.61 14.85
C GLU C 2 -21.54 -33.15 15.12
N ARG C 3 -22.48 -32.95 16.05
CA ARG C 3 -22.96 -31.67 16.50
C ARG C 3 -22.69 -31.54 17.98
N LEU C 4 -22.34 -30.32 18.39
CA LEU C 4 -22.15 -29.97 19.78
C LEU C 4 -23.21 -28.92 20.13
N ASP C 5 -23.81 -29.04 21.32
CA ASP C 5 -24.79 -28.05 21.74
C ASP C 5 -24.12 -26.97 22.58
N ILE C 6 -24.19 -25.71 22.10
CA ILE C 6 -23.63 -24.56 22.81
C ILE C 6 -24.83 -23.70 23.24
N PHE C 7 -25.29 -23.90 24.49
CA PHE C 7 -26.42 -23.18 25.10
C PHE C 7 -27.69 -23.20 24.21
N GLY C 8 -28.04 -24.38 23.71
CA GLY C 8 -29.20 -24.57 22.84
C GLY C 8 -28.92 -24.46 21.35
N VAL C 9 -27.76 -23.90 20.96
CA VAL C 9 -27.37 -23.70 19.57
C VAL C 9 -26.54 -24.88 19.07
N PRO C 10 -27.03 -25.66 18.07
CA PRO C 10 -26.22 -26.80 17.58
C PRO C 10 -25.10 -26.31 16.67
N ILE C 11 -23.89 -26.82 16.88
CA ILE C 11 -22.71 -26.43 16.10
C ILE C 11 -22.12 -27.68 15.50
N ASP C 12 -21.97 -27.70 14.18
CA ASP C 12 -21.36 -28.84 13.47
C ASP C 12 -19.86 -28.86 13.81
N ARG C 13 -19.39 -30.02 14.30
CA ARG C 13 -17.99 -30.24 14.71
C ARG C 13 -17.19 -30.44 13.45
N VAL C 14 -16.90 -29.32 12.78
CA VAL C 14 -16.23 -29.34 11.49
C VAL C 14 -15.03 -28.41 11.42
N THR C 15 -14.02 -28.83 10.65
CA THR C 15 -12.87 -28.01 10.33
C THR C 15 -13.35 -27.16 9.14
N MSE C 16 -12.55 -26.16 8.77
CA MSE C 16 -12.81 -25.32 7.60
C MSE C 16 -12.98 -26.19 6.34
O MSE C 16 -13.96 -26.01 5.62
CB MSE C 16 -11.63 -24.35 7.41
CG MSE C 16 -11.53 -23.80 6.02
SE MSE C 16 -12.96 -22.54 5.93
CE MSE C 16 -11.79 -21.05 6.33
N ILE C 17 -12.05 -27.12 6.08
CA ILE C 17 -12.04 -28.01 4.91
C ILE C 17 -13.29 -28.90 4.87
N GLN C 18 -13.70 -29.45 6.03
CA GLN C 18 -14.90 -30.28 6.11
C GLN C 18 -16.13 -29.46 5.81
N ALA C 19 -16.18 -28.21 6.31
CA ALA C 19 -17.30 -27.29 6.07
C ALA C 19 -17.42 -26.98 4.59
N VAL C 20 -16.28 -26.72 3.91
CA VAL C 20 -16.22 -26.44 2.46
C VAL C 20 -16.70 -27.67 1.68
N ASP C 21 -16.25 -28.90 2.08
CA ASP C 21 -16.67 -30.16 1.45
C ASP C 21 -18.18 -30.36 1.56
N ILE C 22 -18.77 -30.04 2.73
CA ILE C 22 -20.21 -30.13 2.98
C ILE C 22 -20.96 -29.16 2.05
N LEU C 23 -20.48 -27.91 1.94
CA LEU C 23 -21.09 -26.91 1.07
C LEU C 23 -21.07 -27.38 -0.39
N ASN C 24 -19.97 -28.02 -0.83
CA ASN C 24 -19.84 -28.54 -2.19
C ASN C 24 -20.86 -29.67 -2.38
N ASN C 25 -21.04 -30.52 -1.37
CA ASN C 25 -22.03 -31.62 -1.43
C ASN C 25 -23.46 -31.08 -1.53
N PHE C 26 -23.73 -29.94 -0.85
CA PHE C 26 -25.04 -29.27 -0.87
C PHE C 26 -25.43 -28.86 -2.29
N LEU C 27 -24.43 -28.50 -3.14
CA LEU C 27 -24.63 -28.10 -4.54
C LEU C 27 -25.17 -29.27 -5.40
N GLN C 28 -25.06 -30.52 -4.92
CA GLN C 28 -25.59 -31.68 -5.64
C GLN C 28 -27.04 -31.99 -5.23
N GLU C 29 -27.59 -31.26 -4.26
CA GLU C 29 -28.96 -31.46 -3.78
C GLU C 29 -29.85 -30.29 -4.19
N ASN C 30 -30.88 -30.56 -5.04
CA ASN C 30 -31.80 -29.54 -5.53
C ASN C 30 -32.87 -29.13 -4.52
N ARG C 31 -32.42 -28.44 -3.46
CA ARG C 31 -33.25 -27.85 -2.42
C ARG C 31 -32.47 -26.73 -1.76
N LEU C 32 -33.16 -25.86 -1.03
CA LEU C 32 -32.50 -24.79 -0.31
C LEU C 32 -31.78 -25.37 0.91
N HIS C 33 -30.52 -24.96 1.11
CA HIS C 33 -29.72 -25.29 2.28
C HIS C 33 -29.40 -23.98 2.98
N ILE C 34 -29.73 -23.88 4.28
CA ILE C 34 -29.46 -22.68 5.07
C ILE C 34 -28.19 -22.91 5.85
N VAL C 35 -27.23 -21.97 5.69
CA VAL C 35 -25.94 -22.04 6.37
C VAL C 35 -25.79 -20.81 7.27
N ALA C 36 -25.42 -21.04 8.52
CA ALA C 36 -25.17 -19.97 9.49
C ALA C 36 -23.77 -20.21 10.07
N THR C 37 -23.14 -19.17 10.60
CA THR C 37 -21.82 -19.25 11.21
C THR C 37 -21.92 -18.70 12.63
N PRO C 38 -22.54 -19.46 13.58
CA PRO C 38 -22.71 -18.92 14.94
C PRO C 38 -21.40 -18.67 15.67
N ASN C 39 -21.35 -17.53 16.32
CA ASN C 39 -20.25 -17.07 17.17
C ASN C 39 -20.84 -16.85 18.57
N ALA C 40 -20.02 -16.43 19.53
CA ALA C 40 -20.47 -16.16 20.90
C ALA C 40 -21.64 -15.14 20.96
N GLU C 41 -21.58 -14.06 20.15
CA GLU C 41 -22.61 -13.02 20.07
C GLU C 41 -23.96 -13.61 19.64
N ILE C 42 -23.93 -14.49 18.63
CA ILE C 42 -25.14 -15.15 18.13
C ILE C 42 -25.71 -16.09 19.18
N VAL C 43 -24.84 -16.82 19.91
CA VAL C 43 -25.26 -17.70 21.00
C VAL C 43 -26.04 -16.88 22.04
N MSE C 44 -25.52 -15.69 22.38
CA MSE C 44 -26.16 -14.82 23.36
C MSE C 44 -27.53 -14.33 22.86
O MSE C 44 -28.50 -14.40 23.60
CB MSE C 44 -25.25 -13.63 23.71
CG MSE C 44 -25.95 -12.63 24.60
SE MSE C 44 -24.83 -11.23 25.24
CE MSE C 44 -24.67 -10.16 23.68
N MSE C 45 -27.58 -13.84 21.59
CA MSE C 45 -28.80 -13.30 20.98
C MSE C 45 -29.92 -14.34 20.96
O MSE C 45 -31.07 -14.00 21.26
CB MSE C 45 -28.52 -12.87 19.53
CG MSE C 45 -27.79 -11.54 19.41
SE MSE C 45 -27.45 -11.18 17.51
CE MSE C 45 -27.37 -9.27 17.60
N ALA C 46 -29.57 -15.60 20.65
CA ALA C 46 -30.51 -16.73 20.54
C ALA C 46 -31.17 -17.11 21.88
N GLN C 47 -30.51 -16.79 23.03
CA GLN C 47 -31.03 -17.07 24.38
C GLN C 47 -32.31 -16.27 24.64
N LYS C 48 -32.35 -15.02 24.13
CA LYS C 48 -33.47 -14.10 24.35
C LYS C 48 -34.45 -14.01 23.17
N ASP C 49 -34.11 -14.63 22.03
CA ASP C 49 -34.90 -14.60 20.81
C ASP C 49 -35.32 -16.01 20.40
N LYS C 50 -36.56 -16.42 20.78
CA LYS C 50 -37.13 -17.74 20.51
C LYS C 50 -37.16 -18.10 19.03
N GLU C 51 -37.52 -17.13 18.16
CA GLU C 51 -37.56 -17.30 16.71
C GLU C 51 -36.15 -17.58 16.16
N TYR C 52 -35.14 -16.81 16.64
CA TYR C 52 -33.75 -16.98 16.22
C TYR C 52 -33.22 -18.33 16.68
N MSE C 53 -33.55 -18.75 17.91
CA MSE C 53 -33.15 -20.05 18.46
C MSE C 53 -33.71 -21.17 17.61
O MSE C 53 -32.99 -22.12 17.30
CB MSE C 53 -33.62 -20.20 19.93
CG MSE C 53 -33.27 -21.55 20.55
SE MSE C 53 -31.36 -21.91 20.68
CE MSE C 53 -30.95 -20.77 22.29
N GLU C 54 -34.99 -21.05 17.19
CA GLU C 54 -35.68 -22.02 16.33
C GLU C 54 -34.97 -22.12 14.97
N ILE C 55 -34.64 -20.96 14.34
CA ILE C 55 -33.97 -20.92 13.04
C ILE C 55 -32.64 -21.63 13.14
N LEU C 56 -31.82 -21.31 14.16
CA LEU C 56 -30.50 -21.90 14.38
C LEU C 56 -30.55 -23.41 14.65
N ASN C 57 -31.72 -23.93 15.03
CA ASN C 57 -31.95 -25.36 15.23
C ASN C 57 -32.50 -26.05 13.98
N ASN C 58 -32.73 -25.26 12.90
CA ASN C 58 -33.30 -25.77 11.65
C ASN C 58 -32.46 -25.47 10.40
N THR C 59 -31.21 -25.04 10.60
CA THR C 59 -30.28 -24.78 9.52
C THR C 59 -29.63 -26.10 9.12
N ASP C 60 -29.12 -26.18 7.89
CA ASP C 60 -28.46 -27.37 7.36
C ASP C 60 -27.02 -27.49 7.82
N LEU C 61 -26.39 -26.35 8.18
CA LEU C 61 -25.01 -26.33 8.61
C LEU C 61 -24.73 -25.11 9.45
N ASN C 62 -24.18 -25.32 10.66
CA ASN C 62 -23.75 -24.26 11.57
C ASN C 62 -22.26 -24.40 11.77
N VAL C 63 -21.48 -23.56 11.06
CA VAL C 63 -20.02 -23.57 11.15
C VAL C 63 -19.60 -22.65 12.30
N PRO C 64 -18.75 -23.09 13.25
CA PRO C 64 -18.35 -22.19 14.33
C PRO C 64 -17.61 -20.96 13.79
N ASP C 65 -17.88 -19.78 14.37
CA ASP C 65 -17.21 -18.55 13.99
C ASP C 65 -16.53 -17.91 15.22
N GLY C 66 -15.25 -17.57 15.09
CA GLY C 66 -14.49 -16.90 16.13
C GLY C 66 -13.89 -17.82 17.18
N SER C 67 -13.25 -17.21 18.22
CA SER C 67 -12.58 -17.92 19.30
C SER C 67 -13.49 -18.32 20.45
N GLY C 68 -14.40 -17.42 20.85
CA GLY C 68 -15.32 -17.65 21.97
C GLY C 68 -16.08 -18.95 21.91
N ILE C 69 -16.70 -19.24 20.74
CA ILE C 69 -17.48 -20.47 20.59
C ILE C 69 -16.59 -21.75 20.68
N VAL C 70 -15.33 -21.67 20.19
CA VAL C 70 -14.38 -22.79 20.28
C VAL C 70 -14.00 -23.01 21.76
N PHE C 71 -13.77 -21.91 22.51
CA PHE C 71 -13.45 -21.96 23.93
C PHE C 71 -14.57 -22.66 24.69
N ALA C 72 -15.86 -22.33 24.39
CA ALA C 72 -17.04 -22.94 25.03
C ALA C 72 -17.07 -24.45 24.81
N SER C 73 -16.63 -24.92 23.62
CA SER C 73 -16.61 -26.34 23.27
C SER C 73 -15.57 -27.17 24.02
N LYS C 74 -14.60 -26.52 24.72
CA LYS C 74 -13.55 -27.21 25.49
C LYS C 74 -14.09 -28.10 26.63
N VAL C 75 -15.35 -27.86 27.06
CA VAL C 75 -16.04 -28.68 28.08
C VAL C 75 -16.39 -30.11 27.52
N PHE C 76 -16.33 -30.29 26.19
CA PHE C 76 -16.65 -31.59 25.56
C PHE C 76 -15.45 -32.50 25.34
N LYS C 77 -15.67 -33.83 25.39
CA LYS C 77 -14.64 -34.87 25.16
C LYS C 77 -13.98 -34.64 23.78
N LYS C 78 -14.81 -34.27 22.78
CA LYS C 78 -14.39 -33.91 21.43
C LYS C 78 -14.79 -32.45 21.17
N PRO C 79 -13.90 -31.47 21.50
CA PRO C 79 -14.25 -30.05 21.28
C PRO C 79 -14.27 -29.70 19.79
N LEU C 80 -14.58 -28.44 19.43
CA LEU C 80 -14.56 -28.01 18.04
C LEU C 80 -13.10 -28.09 17.57
N PRO C 81 -12.83 -28.77 16.42
CA PRO C 81 -11.42 -29.01 16.01
C PRO C 81 -10.59 -27.78 15.71
N GLU C 82 -11.21 -26.67 15.25
CA GLU C 82 -10.44 -25.46 14.95
C GLU C 82 -11.23 -24.16 14.91
N ARG C 83 -10.49 -23.05 15.08
CA ARG C 83 -11.06 -21.71 15.00
C ARG C 83 -11.27 -21.41 13.52
N VAL C 84 -12.51 -21.10 13.17
CA VAL C 84 -12.92 -20.80 11.80
C VAL C 84 -13.54 -19.40 11.83
N ALA C 85 -13.26 -18.58 10.81
CA ALA C 85 -13.89 -17.26 10.66
C ALA C 85 -14.90 -17.41 9.51
N GLY C 86 -16.11 -16.90 9.70
CA GLY C 86 -17.14 -16.96 8.67
C GLY C 86 -16.72 -16.24 7.40
N PHE C 87 -15.91 -15.18 7.52
CA PHE C 87 -15.37 -14.48 6.37
C PHE C 87 -14.47 -15.39 5.52
N ASP C 88 -13.56 -16.13 6.18
CA ASP C 88 -12.65 -17.07 5.50
C ASP C 88 -13.40 -18.23 4.89
N LEU C 89 -14.51 -18.69 5.55
CA LEU C 89 -15.33 -19.77 5.04
C LEU C 89 -15.96 -19.35 3.71
N MSE C 90 -16.46 -18.10 3.64
CA MSE C 90 -17.06 -17.58 2.42
C MSE C 90 -16.01 -17.55 1.29
O MSE C 90 -16.29 -18.06 0.20
CB MSE C 90 -17.63 -16.17 2.68
CG MSE C 90 -18.26 -15.51 1.44
SE MSE C 90 -18.55 -13.58 1.66
CE MSE C 90 -16.75 -13.07 1.78
N LEU C 91 -14.82 -16.99 1.56
CA LEU C 91 -13.75 -16.89 0.56
C LEU C 91 -13.25 -18.25 0.10
N GLU C 92 -13.04 -19.20 1.04
CA GLU C 92 -12.57 -20.55 0.71
C GLU C 92 -13.62 -21.26 -0.17
N PHE C 93 -14.92 -21.13 0.16
CA PHE C 93 -15.97 -21.74 -0.64
C PHE C 93 -16.01 -21.14 -2.05
N ILE C 94 -15.93 -19.78 -2.16
CA ILE C 94 -15.91 -19.05 -3.45
C ILE C 94 -14.71 -19.51 -4.29
N LYS C 95 -13.51 -19.57 -3.66
CA LYS C 95 -12.27 -20.01 -4.30
C LYS C 95 -12.47 -21.33 -5.05
N GLY C 96 -13.03 -22.34 -4.37
CA GLY C 96 -13.26 -23.65 -4.95
C GLY C 96 -14.31 -23.68 -6.06
N ILE C 97 -15.38 -22.88 -5.94
CA ILE C 97 -16.44 -22.91 -6.96
C ILE C 97 -16.20 -21.93 -8.13
N SER C 98 -15.20 -21.01 -8.01
CA SER C 98 -14.88 -20.02 -9.06
C SER C 98 -14.41 -20.62 -10.38
N SER C 99 -13.91 -21.88 -10.37
CA SER C 99 -13.49 -22.57 -11.58
C SER C 99 -14.53 -23.62 -12.05
N LYS C 100 -15.67 -23.73 -11.34
CA LYS C 100 -16.72 -24.72 -11.61
C LYS C 100 -17.98 -24.16 -12.27
N GLY C 101 -18.03 -22.85 -12.52
CA GLY C 101 -19.18 -22.20 -13.15
C GLY C 101 -20.41 -22.06 -12.26
N VAL C 102 -20.24 -22.22 -10.93
CA VAL C 102 -21.33 -22.09 -9.96
C VAL C 102 -21.79 -20.62 -9.89
N LYS C 103 -23.07 -20.39 -10.20
CA LYS C 103 -23.67 -19.05 -10.24
C LYS C 103 -23.89 -18.50 -8.83
N ILE C 104 -23.30 -17.35 -8.57
CA ILE C 104 -23.33 -16.66 -7.27
C ILE C 104 -24.13 -15.36 -7.35
N TYR C 105 -24.93 -15.08 -6.33
CA TYR C 105 -25.64 -13.80 -6.20
C TYR C 105 -25.22 -13.13 -4.88
N LEU C 106 -24.92 -11.83 -4.94
CA LEU C 106 -24.53 -11.06 -3.76
C LEU C 106 -25.67 -10.09 -3.34
N LEU C 107 -26.27 -10.33 -2.18
CA LEU C 107 -27.36 -9.49 -1.67
C LEU C 107 -26.99 -8.87 -0.33
N GLY C 108 -26.96 -7.54 -0.27
CA GLY C 108 -26.66 -6.85 0.97
C GLY C 108 -25.76 -5.65 0.83
N ALA C 109 -25.56 -4.95 1.98
CA ALA C 109 -24.74 -3.75 2.16
C ALA C 109 -25.29 -2.50 1.40
N ALA C 110 -24.71 -1.32 1.64
CA ALA C 110 -25.18 -0.07 1.03
C ALA C 110 -24.88 0.02 -0.45
N ALA C 111 -25.52 1.00 -1.13
CA ALA C 111 -25.44 1.35 -2.55
C ALA C 111 -24.59 0.43 -3.44
N GLN C 112 -23.35 0.84 -3.78
CA GLN C 112 -22.43 0.19 -4.70
C GLN C 112 -21.44 -0.79 -4.06
N VAL C 113 -21.65 -1.12 -2.76
CA VAL C 113 -20.76 -2.04 -2.03
C VAL C 113 -20.76 -3.46 -2.61
N ALA C 114 -21.96 -4.02 -2.93
CA ALA C 114 -22.05 -5.36 -3.50
C ALA C 114 -21.46 -5.44 -4.92
N GLU C 115 -21.60 -4.33 -5.66
CA GLU C 115 -21.07 -4.20 -7.01
C GLU C 115 -19.52 -4.17 -6.96
N GLN C 116 -18.96 -3.42 -5.98
CA GLN C 116 -17.51 -3.31 -5.78
C GLN C 116 -16.94 -4.63 -5.31
N ALA C 117 -17.67 -5.34 -4.41
CA ALA C 117 -17.31 -6.66 -3.89
C ALA C 117 -17.22 -7.66 -5.06
N ARG C 118 -18.20 -7.62 -5.97
CA ARG C 118 -18.25 -8.45 -7.19
C ARG C 118 -17.00 -8.22 -8.05
N ALA C 119 -16.70 -6.94 -8.35
CA ALA C 119 -15.53 -6.55 -9.14
C ALA C 119 -14.23 -7.07 -8.52
N ASN C 120 -14.09 -6.95 -7.19
CA ASN C 120 -12.89 -7.41 -6.47
C ASN C 120 -12.78 -8.94 -6.42
N LEU C 121 -13.91 -9.65 -6.28
CA LEU C 121 -13.93 -11.13 -6.29
C LEU C 121 -13.56 -11.67 -7.68
N GLU C 122 -13.94 -10.95 -8.75
CA GLU C 122 -13.61 -11.33 -10.14
C GLU C 122 -12.10 -11.22 -10.38
N LYS C 123 -11.42 -10.25 -9.72
CA LYS C 123 -9.96 -10.08 -9.81
C LYS C 123 -9.27 -11.17 -8.96
N LEU C 124 -9.76 -11.39 -7.72
CA LEU C 124 -9.20 -12.37 -6.77
C LEU C 124 -9.35 -13.81 -7.23
N TYR C 125 -10.53 -14.15 -7.80
CA TYR C 125 -10.86 -15.50 -8.24
C TYR C 125 -11.24 -15.50 -9.70
N PRO C 126 -10.24 -15.47 -10.63
CA PRO C 126 -10.57 -15.43 -12.06
C PRO C 126 -11.47 -16.59 -12.49
N GLY C 127 -12.54 -16.26 -13.20
CA GLY C 127 -13.52 -17.22 -13.68
C GLY C 127 -14.79 -17.25 -12.86
N VAL C 128 -14.78 -16.62 -11.65
CA VAL C 128 -15.94 -16.60 -10.74
C VAL C 128 -17.17 -16.06 -11.48
N LYS C 129 -18.31 -16.76 -11.33
CA LYS C 129 -19.56 -16.42 -11.99
C LYS C 129 -20.56 -15.78 -11.02
N ILE C 130 -20.48 -14.44 -10.90
CA ILE C 130 -21.39 -13.66 -10.06
C ILE C 130 -22.43 -13.09 -11.02
N VAL C 131 -23.63 -13.69 -11.00
CA VAL C 131 -24.72 -13.39 -11.93
C VAL C 131 -25.49 -12.11 -11.59
N GLY C 132 -25.38 -11.64 -10.36
CA GLY C 132 -26.09 -10.45 -9.96
C GLY C 132 -25.77 -9.98 -8.56
N THR C 133 -26.11 -8.72 -8.31
CA THR C 133 -25.90 -8.04 -7.04
C THR C 133 -27.10 -7.15 -6.74
N HIS C 134 -27.34 -6.90 -5.44
CA HIS C 134 -28.40 -5.98 -4.99
C HIS C 134 -28.07 -5.50 -3.60
N HIS C 135 -28.33 -4.20 -3.32
CA HIS C 135 -28.10 -3.62 -2.00
C HIS C 135 -29.01 -4.24 -0.95
N GLY C 136 -28.62 -4.12 0.32
CA GLY C 136 -29.39 -4.69 1.42
C GLY C 136 -30.29 -3.77 2.22
N TYR C 137 -30.65 -2.60 1.69
CA TYR C 137 -31.51 -1.73 2.47
C TYR C 137 -32.89 -1.62 1.79
N PHE C 138 -33.43 -2.80 1.43
CA PHE C 138 -34.74 -2.97 0.78
C PHE C 138 -35.89 -3.14 1.79
N THR C 139 -37.11 -2.81 1.38
CA THR C 139 -38.31 -2.95 2.23
C THR C 139 -38.89 -4.38 2.05
N GLU C 140 -39.86 -4.77 2.90
CA GLU C 140 -40.57 -6.07 2.88
C GLU C 140 -41.34 -6.27 1.57
N GLU C 141 -41.89 -5.17 1.02
CA GLU C 141 -42.64 -5.15 -0.24
C GLU C 141 -41.75 -5.36 -1.48
N GLU C 142 -40.43 -5.14 -1.34
CA GLU C 142 -39.46 -5.29 -2.43
C GLU C 142 -38.83 -6.67 -2.52
N GLU C 143 -38.89 -7.47 -1.42
CA GLU C 143 -38.26 -8.79 -1.33
C GLU C 143 -38.79 -9.78 -2.40
N ASN C 144 -40.11 -9.84 -2.69
CA ASN C 144 -40.65 -10.76 -3.71
C ASN C 144 -39.99 -10.55 -5.08
N LYS C 145 -39.82 -9.27 -5.46
CA LYS C 145 -39.19 -8.88 -6.73
C LYS C 145 -37.74 -9.28 -6.70
N ILE C 146 -37.05 -8.98 -5.56
CA ILE C 146 -35.64 -9.32 -5.37
C ILE C 146 -35.39 -10.81 -5.46
N ILE C 147 -36.27 -11.62 -4.81
CA ILE C 147 -36.20 -13.10 -4.80
C ILE C 147 -36.42 -13.64 -6.22
N GLU C 148 -37.32 -13.00 -6.99
CA GLU C 148 -37.58 -13.35 -8.38
C GLU C 148 -36.33 -13.18 -9.24
N GLU C 149 -35.53 -12.11 -9.02
CA GLU C 149 -34.27 -11.86 -9.75
C GLU C 149 -33.21 -12.93 -9.44
N ILE C 150 -33.04 -13.27 -8.15
CA ILE C 150 -32.11 -14.31 -7.70
C ILE C 150 -32.52 -15.66 -8.35
N ASN C 151 -33.83 -15.95 -8.34
CA ASN C 151 -34.44 -17.14 -8.94
C ASN C 151 -34.20 -17.23 -10.46
N ASN C 152 -34.60 -16.18 -11.22
CA ASN C 152 -34.52 -16.11 -12.69
C ASN C 152 -33.11 -16.25 -13.24
N LYS C 153 -32.14 -15.57 -12.62
CA LYS C 153 -30.72 -15.60 -12.99
C LYS C 153 -30.02 -16.95 -12.70
N GLY C 154 -30.74 -17.91 -12.13
CA GLY C 154 -30.22 -19.25 -11.84
C GLY C 154 -29.07 -19.30 -10.85
N ALA C 155 -29.08 -18.41 -9.83
CA ALA C 155 -28.04 -18.42 -8.81
C ALA C 155 -28.20 -19.69 -7.96
N GLU C 156 -27.08 -20.37 -7.71
CA GLU C 156 -27.07 -21.58 -6.91
C GLU C 156 -26.63 -21.24 -5.51
N VAL C 157 -25.85 -20.14 -5.39
CA VAL C 157 -25.31 -19.69 -4.11
C VAL C 157 -25.69 -18.23 -3.88
N LEU C 158 -26.27 -17.96 -2.73
CA LEU C 158 -26.67 -16.62 -2.37
C LEU C 158 -25.99 -16.22 -1.06
N PHE C 159 -25.19 -15.15 -1.11
CA PHE C 159 -24.54 -14.61 0.09
C PHE C 159 -25.38 -13.42 0.54
N VAL C 160 -25.81 -13.47 1.82
CA VAL C 160 -26.73 -12.46 2.40
C VAL C 160 -25.98 -11.62 3.46
N ALA C 161 -25.54 -10.42 3.04
CA ALA C 161 -24.76 -9.51 3.88
C ALA C 161 -25.66 -8.48 4.55
N LEU C 162 -26.51 -8.96 5.48
CA LEU C 162 -27.49 -8.16 6.18
C LEU C 162 -27.19 -7.94 7.68
N GLY C 163 -26.37 -8.83 8.24
CA GLY C 163 -26.02 -8.83 9.65
C GLY C 163 -26.92 -9.76 10.46
N ALA C 164 -26.39 -10.36 11.54
CA ALA C 164 -27.16 -11.28 12.40
C ALA C 164 -28.01 -10.48 13.40
N PRO C 165 -29.28 -10.86 13.71
CA PRO C 165 -30.04 -12.01 13.20
C PRO C 165 -30.82 -11.77 11.91
N LYS C 166 -30.86 -10.51 11.38
CA LYS C 166 -31.61 -10.16 10.16
C LYS C 166 -31.36 -11.09 8.98
N GLN C 167 -30.09 -11.39 8.67
CA GLN C 167 -29.73 -12.27 7.56
C GLN C 167 -30.35 -13.68 7.68
N GLU C 168 -30.27 -14.34 8.86
CA GLU C 168 -30.85 -15.68 9.06
C GLU C 168 -32.37 -15.64 9.01
N LYS C 169 -32.97 -14.61 9.64
CA LYS C 169 -34.41 -14.41 9.67
C LYS C 169 -34.99 -14.15 8.29
N TRP C 170 -34.31 -13.32 7.46
CA TRP C 170 -34.72 -13.03 6.08
C TRP C 170 -34.68 -14.32 5.24
N ILE C 171 -33.56 -15.09 5.32
CA ILE C 171 -33.43 -16.37 4.60
C ILE C 171 -34.56 -17.33 5.00
N TYR C 172 -34.72 -17.59 6.32
CA TYR C 172 -35.72 -18.52 6.87
C TYR C 172 -37.14 -18.13 6.52
N LYS C 173 -37.50 -16.84 6.61
CA LYS C 173 -38.84 -16.36 6.24
C LYS C 173 -39.12 -16.64 4.75
N ASN C 174 -38.06 -16.61 3.91
CA ASN C 174 -38.14 -16.80 2.47
C ASN C 174 -37.67 -18.19 2.00
N LYS C 175 -37.64 -19.18 2.94
CA LYS C 175 -37.15 -20.54 2.69
C LYS C 175 -37.94 -21.33 1.61
N ASP C 176 -39.21 -20.97 1.38
CA ASP C 176 -40.03 -21.61 0.34
C ASP C 176 -40.07 -20.79 -0.98
N LYS C 177 -39.52 -19.57 -0.96
CA LYS C 177 -39.51 -18.65 -2.11
C LYS C 177 -38.18 -18.68 -2.86
N LEU C 178 -37.07 -18.86 -2.13
CA LEU C 178 -35.72 -18.89 -2.70
C LEU C 178 -35.44 -20.22 -3.38
N LYS C 179 -35.10 -20.17 -4.69
CA LYS C 179 -34.81 -21.36 -5.47
C LYS C 179 -33.30 -21.54 -5.66
N VAL C 180 -32.52 -21.20 -4.61
CA VAL C 180 -31.08 -21.36 -4.60
C VAL C 180 -30.76 -22.63 -3.83
N LYS C 181 -29.56 -23.18 -4.03
CA LYS C 181 -29.16 -24.35 -3.30
C LYS C 181 -28.57 -23.98 -1.96
N ILE C 182 -27.89 -22.82 -1.86
CA ILE C 182 -27.26 -22.39 -0.61
C ILE C 182 -27.55 -20.92 -0.41
N ALA C 183 -28.01 -20.58 0.82
CA ALA C 183 -28.24 -19.22 1.28
C ALA C 183 -27.47 -19.12 2.59
N MSE C 184 -26.50 -18.20 2.63
CA MSE C 184 -25.62 -18.02 3.78
C MSE C 184 -25.46 -16.54 4.15
O MSE C 184 -25.08 -15.74 3.30
CB MSE C 184 -24.25 -18.64 3.45
CG MSE C 184 -23.21 -18.50 4.54
SE MSE C 184 -21.45 -19.18 3.99
CE MSE C 184 -20.30 -17.98 4.94
N GLY C 185 -25.68 -16.25 5.43
CA GLY C 185 -25.51 -14.91 6.01
C GLY C 185 -24.03 -14.60 6.17
N VAL C 186 -23.58 -13.42 5.69
CA VAL C 186 -22.14 -13.09 5.72
C VAL C 186 -21.80 -11.74 6.44
N GLY C 187 -22.79 -11.10 7.07
CA GLY C 187 -22.60 -9.85 7.82
C GLY C 187 -21.93 -8.72 7.05
N GLY C 188 -20.81 -8.23 7.58
CA GLY C 188 -20.05 -7.15 6.97
C GLY C 188 -19.02 -7.56 5.93
N SER C 189 -19.07 -8.83 5.45
CA SER C 189 -18.11 -9.41 4.49
C SER C 189 -18.01 -8.66 3.14
N PHE C 190 -19.09 -8.07 2.62
CA PHE C 190 -19.01 -7.34 1.35
C PHE C 190 -18.24 -6.05 1.52
N ASP C 191 -18.48 -5.33 2.64
CA ASP C 191 -17.83 -4.04 2.93
C ASP C 191 -16.29 -4.15 2.91
N VAL C 192 -15.75 -5.19 3.54
CA VAL C 192 -14.31 -5.43 3.67
C VAL C 192 -13.67 -5.99 2.37
N ILE C 193 -14.46 -6.53 1.44
CA ILE C 193 -13.97 -7.03 0.15
C ILE C 193 -14.05 -5.88 -0.88
N ALA C 194 -14.95 -4.90 -0.65
CA ALA C 194 -15.21 -3.75 -1.54
C ALA C 194 -14.09 -2.71 -1.58
N GLU D 2 19.36 -42.37 13.35
CA GLU D 2 19.30 -41.52 12.15
C GLU D 2 18.82 -40.11 12.48
N ARG D 3 17.92 -39.96 13.47
CA ARG D 3 17.40 -38.67 13.93
C ARG D 3 17.57 -38.53 15.43
N LEU D 4 17.93 -37.33 15.86
CA LEU D 4 18.12 -36.99 17.25
C LEU D 4 17.06 -35.96 17.63
N ASP D 5 16.50 -36.09 18.84
CA ASP D 5 15.48 -35.14 19.28
C ASP D 5 16.07 -34.01 20.12
N ILE D 6 16.03 -32.77 19.60
CA ILE D 6 16.58 -31.60 20.29
C ILE D 6 15.40 -30.76 20.74
N PHE D 7 14.97 -30.96 22.01
CA PHE D 7 13.84 -30.28 22.63
C PHE D 7 12.58 -30.30 21.74
N GLY D 8 12.24 -31.50 21.26
CA GLY D 8 11.07 -31.74 20.39
C GLY D 8 11.30 -31.55 18.90
N VAL D 9 12.46 -31.00 18.50
CA VAL D 9 12.79 -30.77 17.09
C VAL D 9 13.64 -31.94 16.57
N PRO D 10 13.15 -32.74 15.60
CA PRO D 10 13.98 -33.87 15.14
C PRO D 10 15.09 -33.37 14.21
N ILE D 11 16.31 -33.82 14.44
CA ILE D 11 17.47 -33.41 13.62
C ILE D 11 18.08 -34.65 13.02
N ASP D 12 18.21 -34.67 11.69
CA ASP D 12 18.84 -35.77 10.98
C ASP D 12 20.34 -35.75 11.28
N ARG D 13 20.86 -36.89 11.79
CA ARG D 13 22.26 -37.07 12.16
C ARG D 13 23.06 -37.22 10.86
N VAL D 14 23.34 -36.08 10.22
CA VAL D 14 24.01 -36.07 8.93
C VAL D 14 25.18 -35.10 8.86
N THR D 15 26.21 -35.49 8.06
CA THR D 15 27.32 -34.61 7.74
C THR D 15 26.81 -33.79 6.55
N MSE D 16 27.56 -32.79 6.15
CA MSE D 16 27.28 -31.97 4.97
C MSE D 16 27.09 -32.86 3.71
O MSE D 16 26.10 -32.70 3.00
CB MSE D 16 28.45 -30.99 4.76
CG MSE D 16 28.51 -30.47 3.37
SE MSE D 16 27.06 -29.25 3.24
CE MSE D 16 28.21 -27.79 3.66
N ILE D 17 28.07 -33.77 3.45
CA ILE D 17 28.07 -34.66 2.28
C ILE D 17 26.85 -35.58 2.27
N GLN D 18 26.47 -36.13 3.44
CA GLN D 18 25.31 -37.00 3.56
C GLN D 18 24.03 -36.22 3.26
N ALA D 19 23.97 -34.96 3.74
CA ALA D 19 22.80 -34.07 3.51
C ALA D 19 22.66 -33.79 2.01
N VAL D 20 23.78 -33.51 1.32
CA VAL D 20 23.81 -33.27 -0.13
C VAL D 20 23.36 -34.52 -0.89
N ASP D 21 23.83 -35.72 -0.48
CA ASP D 21 23.43 -37.02 -1.08
C ASP D 21 21.91 -37.24 -0.93
N ILE D 22 21.34 -36.91 0.25
CA ILE D 22 19.89 -37.03 0.50
C ILE D 22 19.11 -36.10 -0.42
N LEU D 23 19.55 -34.84 -0.56
CA LEU D 23 18.92 -33.85 -1.43
C LEU D 23 18.94 -34.33 -2.88
N ASN D 24 20.06 -34.92 -3.34
CA ASN D 24 20.19 -35.48 -4.69
C ASN D 24 19.17 -36.61 -4.87
N ASN D 25 19.00 -37.47 -3.84
CA ASN D 25 18.04 -38.58 -3.88
C ASN D 25 16.58 -38.05 -3.95
N PHE D 26 16.31 -36.92 -3.28
CA PHE D 26 14.99 -36.28 -3.28
C PHE D 26 14.56 -35.88 -4.69
N LEU D 27 15.53 -35.50 -5.56
CA LEU D 27 15.29 -35.13 -6.96
C LEU D 27 14.77 -36.31 -7.79
N GLN D 28 14.92 -37.55 -7.30
CA GLN D 28 14.42 -38.74 -8.01
C GLN D 28 12.97 -39.08 -7.60
N GLU D 29 12.41 -38.35 -6.63
CA GLU D 29 11.05 -38.60 -6.13
C GLU D 29 10.13 -37.45 -6.53
N ASN D 30 9.10 -37.76 -7.34
CA ASN D 30 8.15 -36.77 -7.85
C ASN D 30 7.08 -36.32 -6.82
N ARG D 31 7.57 -35.65 -5.78
CA ARG D 31 6.73 -35.07 -4.74
C ARG D 31 7.51 -33.94 -4.08
N LEU D 32 6.82 -33.06 -3.37
CA LEU D 32 7.48 -31.98 -2.68
C LEU D 32 8.19 -32.50 -1.44
N HIS D 33 9.46 -32.08 -1.28
CA HIS D 33 10.27 -32.40 -0.11
C HIS D 33 10.56 -31.08 0.58
N ILE D 34 10.23 -30.99 1.88
CA ILE D 34 10.49 -29.79 2.67
C ILE D 34 11.78 -29.97 3.45
N VAL D 35 12.70 -29.03 3.27
CA VAL D 35 14.00 -29.07 3.92
C VAL D 35 14.12 -27.83 4.81
N ALA D 36 14.49 -28.04 6.09
CA ALA D 36 14.74 -26.96 7.04
C ALA D 36 16.16 -27.20 7.59
N THR D 37 16.78 -26.14 8.13
CA THR D 37 18.13 -26.21 8.70
C THR D 37 18.02 -25.65 10.14
N PRO D 38 17.43 -26.41 11.10
CA PRO D 38 17.22 -25.85 12.44
C PRO D 38 18.53 -25.55 13.15
N ASN D 39 18.54 -24.40 13.80
CA ASN D 39 19.63 -23.91 14.65
C ASN D 39 19.04 -23.68 16.06
N ALA D 40 19.88 -23.24 17.02
CA ALA D 40 19.45 -22.97 18.40
C ALA D 40 18.24 -21.99 18.46
N GLU D 41 18.24 -20.93 17.65
CA GLU D 41 17.19 -19.91 17.58
C GLU D 41 15.86 -20.55 17.16
N ILE D 42 15.87 -21.41 16.13
CA ILE D 42 14.70 -22.14 15.64
C ILE D 42 14.15 -23.09 16.73
N VAL D 43 15.05 -23.79 17.44
CA VAL D 43 14.67 -24.66 18.57
C VAL D 43 13.91 -23.83 19.62
N MSE D 44 14.45 -22.65 20.00
CA MSE D 44 13.79 -21.75 20.95
C MSE D 44 12.39 -21.34 20.44
O MSE D 44 11.42 -21.42 21.20
CB MSE D 44 14.65 -20.52 21.24
CG MSE D 44 13.96 -19.55 22.17
SE MSE D 44 15.00 -18.04 22.78
CE MSE D 44 15.09 -17.06 21.19
N MSE D 45 12.31 -20.90 19.18
CA MSE D 45 11.03 -20.45 18.58
C MSE D 45 9.97 -21.55 18.61
O MSE D 45 8.80 -21.28 18.93
CB MSE D 45 11.27 -20.00 17.13
CG MSE D 45 11.95 -18.62 16.98
SE MSE D 45 12.37 -18.32 15.08
CE MSE D 45 12.37 -16.38 15.15
N ALA D 46 10.39 -22.80 18.30
CA ALA D 46 9.52 -23.99 18.27
C ALA D 46 8.85 -24.28 19.63
N GLN D 47 9.55 -24.00 20.75
CA GLN D 47 9.07 -24.21 22.13
C GLN D 47 7.79 -23.43 22.42
N LYS D 48 7.65 -22.23 21.86
CA LYS D 48 6.50 -21.35 22.10
C LYS D 48 5.47 -21.31 20.96
N ASP D 49 5.85 -21.81 19.77
CA ASP D 49 4.99 -21.79 18.60
C ASP D 49 4.65 -23.24 18.19
N LYS D 50 3.44 -23.68 18.56
CA LYS D 50 2.95 -25.04 18.28
C LYS D 50 2.90 -25.36 16.79
N GLU D 51 2.53 -24.36 15.94
CA GLU D 51 2.45 -24.53 14.47
C GLU D 51 3.84 -24.76 13.91
N TYR D 52 4.83 -23.97 14.37
CA TYR D 52 6.23 -24.11 13.90
C TYR D 52 6.80 -25.44 14.35
N MSE D 53 6.54 -25.85 15.60
CA MSE D 53 6.96 -27.14 16.14
C MSE D 53 6.39 -28.29 15.28
O MSE D 53 7.14 -29.22 14.92
CB MSE D 53 6.54 -27.26 17.61
CG MSE D 53 6.94 -28.59 18.24
SE MSE D 53 8.88 -28.87 18.28
CE MSE D 53 9.18 -28.37 20.18
N GLU D 54 5.09 -28.21 14.90
CA GLU D 54 4.39 -29.18 14.05
C GLU D 54 5.08 -29.29 12.69
N ILE D 55 5.35 -28.15 12.04
CA ILE D 55 6.03 -28.09 10.75
C ILE D 55 7.40 -28.78 10.82
N LEU D 56 8.25 -28.40 11.81
CA LEU D 56 9.61 -28.96 11.96
C LEU D 56 9.64 -30.48 12.19
N ASN D 57 8.52 -31.05 12.67
CA ASN D 57 8.29 -32.48 12.90
C ASN D 57 7.69 -33.17 11.67
N ASN D 58 7.37 -32.39 10.61
CA ASN D 58 6.79 -32.92 9.35
C ASN D 58 7.61 -32.59 8.09
N THR D 59 8.83 -32.10 8.25
CA THR D 59 9.76 -31.84 7.14
C THR D 59 10.42 -33.16 6.74
N ASP D 60 10.95 -33.23 5.51
CA ASP D 60 11.60 -34.43 4.98
C ASP D 60 13.04 -34.53 5.44
N LEU D 61 13.68 -33.39 5.74
CA LEU D 61 15.06 -33.34 6.17
C LEU D 61 15.34 -32.10 6.99
N ASN D 62 15.90 -32.30 8.19
CA ASN D 62 16.31 -31.22 9.10
C ASN D 62 17.82 -31.33 9.29
N VAL D 63 18.57 -30.47 8.58
CA VAL D 63 20.03 -30.46 8.67
C VAL D 63 20.43 -29.53 9.81
N PRO D 64 21.30 -29.94 10.75
CA PRO D 64 21.68 -29.02 11.83
C PRO D 64 22.39 -27.77 11.29
N ASP D 65 22.08 -26.60 11.85
CA ASP D 65 22.71 -25.33 11.45
C ASP D 65 23.36 -24.68 12.66
N GLY D 66 24.63 -24.31 12.53
CA GLY D 66 25.38 -23.62 13.58
C GLY D 66 25.96 -24.51 14.66
N SER D 67 26.57 -23.91 15.69
CA SER D 67 27.24 -24.62 16.76
C SER D 67 26.36 -25.05 17.92
N GLY D 68 25.44 -24.19 18.35
CA GLY D 68 24.53 -24.43 19.48
C GLY D 68 23.79 -25.75 19.41
N ILE D 69 23.16 -26.04 18.25
CA ILE D 69 22.41 -27.29 18.08
C ILE D 69 23.33 -28.56 18.16
N VAL D 70 24.57 -28.45 17.68
CA VAL D 70 25.56 -29.52 17.74
C VAL D 70 25.94 -29.74 19.23
N PHE D 71 26.15 -28.65 19.97
CA PHE D 71 26.47 -28.70 21.39
C PHE D 71 25.37 -29.44 22.16
N ALA D 72 24.09 -29.13 21.89
CA ALA D 72 22.94 -29.80 22.50
C ALA D 72 22.96 -31.35 22.27
N SER D 73 23.45 -31.79 21.08
CA SER D 73 23.53 -33.22 20.72
C SER D 73 24.62 -34.00 21.49
N LYS D 74 25.53 -33.29 22.19
CA LYS D 74 26.61 -33.93 22.96
C LYS D 74 26.11 -34.88 24.07
N VAL D 75 24.83 -34.73 24.49
CA VAL D 75 24.19 -35.59 25.51
C VAL D 75 23.96 -37.03 25.00
N PHE D 76 23.97 -37.23 23.67
CA PHE D 76 23.75 -38.52 23.01
C PHE D 76 25.04 -39.30 22.84
N LYS D 77 24.95 -40.64 22.86
CA LYS D 77 26.08 -41.55 22.62
C LYS D 77 26.63 -41.27 21.22
N LYS D 78 25.76 -40.96 20.26
CA LYS D 78 26.11 -40.60 18.90
C LYS D 78 25.66 -39.14 18.63
N PRO D 79 26.54 -38.14 18.91
CA PRO D 79 26.14 -36.73 18.70
C PRO D 79 26.11 -36.40 17.21
N LEU D 80 25.70 -35.18 16.86
CA LEU D 80 25.70 -34.74 15.47
C LEU D 80 27.16 -34.74 14.99
N PRO D 81 27.45 -35.40 13.82
CA PRO D 81 28.86 -35.58 13.41
C PRO D 81 29.66 -34.30 13.14
N GLU D 82 28.99 -33.23 12.67
CA GLU D 82 29.71 -31.98 12.38
C GLU D 82 28.84 -30.74 12.35
N ARG D 83 29.50 -29.59 12.56
CA ARG D 83 28.88 -28.29 12.46
C ARG D 83 28.69 -28.01 10.96
N VAL D 84 27.45 -27.75 10.59
CA VAL D 84 27.03 -27.49 9.21
C VAL D 84 26.37 -26.11 9.25
N ALA D 85 26.61 -25.30 8.20
CA ALA D 85 25.97 -24.00 8.03
C ALA D 85 24.98 -24.18 6.87
N GLY D 86 23.74 -23.68 7.07
CA GLY D 86 22.68 -23.73 6.06
C GLY D 86 23.09 -23.10 4.74
N PHE D 87 23.95 -22.07 4.82
CA PHE D 87 24.49 -21.37 3.66
C PHE D 87 25.41 -22.28 2.80
N ASP D 88 26.32 -23.02 3.47
CA ASP D 88 27.25 -23.93 2.80
C ASP D 88 26.49 -25.09 2.18
N LEU D 89 25.42 -25.57 2.84
CA LEU D 89 24.59 -26.66 2.30
C LEU D 89 23.95 -26.20 0.98
N MSE D 90 23.39 -24.97 0.98
CA MSE D 90 22.79 -24.41 -0.22
C MSE D 90 23.81 -24.34 -1.39
O MSE D 90 23.48 -24.81 -2.48
CB MSE D 90 22.14 -23.05 0.07
CG MSE D 90 21.49 -22.45 -1.16
SE MSE D 90 21.21 -20.53 -1.04
CE MSE D 90 20.59 -20.22 -2.90
N LEU D 91 25.04 -23.82 -1.16
CA LEU D 91 26.09 -23.73 -2.19
C LEU D 91 26.60 -25.07 -2.67
N GLU D 92 26.85 -26.00 -1.71
CA GLU D 92 27.33 -27.34 -2.04
C GLU D 92 26.30 -28.09 -2.89
N PHE D 93 25.00 -27.98 -2.54
CA PHE D 93 23.93 -28.63 -3.31
C PHE D 93 23.86 -28.04 -4.73
N ILE D 94 23.92 -26.70 -4.86
CA ILE D 94 23.90 -25.99 -6.16
C ILE D 94 25.10 -26.44 -7.02
N LYS D 95 26.30 -26.46 -6.41
CA LYS D 95 27.55 -26.90 -7.06
C LYS D 95 27.33 -28.24 -7.78
N GLY D 96 26.80 -29.24 -7.07
CA GLY D 96 26.55 -30.57 -7.62
C GLY D 96 25.50 -30.62 -8.71
N ILE D 97 24.41 -29.85 -8.58
CA ILE D 97 23.34 -29.91 -9.59
C ILE D 97 23.56 -28.94 -10.78
N SER D 98 24.56 -28.03 -10.69
CA SER D 98 24.85 -27.05 -11.73
C SER D 98 25.25 -27.64 -13.09
N SER D 99 25.77 -28.88 -13.09
CA SER D 99 26.19 -29.60 -14.30
C SER D 99 25.16 -30.69 -14.70
N LYS D 100 24.02 -30.77 -13.97
CA LYS D 100 22.99 -31.78 -14.20
C LYS D 100 21.69 -31.24 -14.84
N GLY D 101 21.64 -29.93 -15.11
CA GLY D 101 20.48 -29.28 -15.73
C GLY D 101 19.27 -29.14 -14.84
N VAL D 102 19.46 -29.29 -13.50
CA VAL D 102 18.37 -29.18 -12.51
C VAL D 102 17.89 -27.72 -12.43
N LYS D 103 16.59 -27.52 -12.66
CA LYS D 103 15.92 -26.22 -12.67
C LYS D 103 15.83 -25.66 -11.26
N ILE D 104 16.38 -24.47 -11.07
CA ILE D 104 16.37 -23.77 -9.79
C ILE D 104 15.55 -22.48 -9.88
N TYR D 105 14.78 -22.19 -8.84
CA TYR D 105 14.03 -20.94 -8.72
C TYR D 105 14.47 -20.26 -7.42
N LEU D 106 14.75 -18.95 -7.49
CA LEU D 106 15.14 -18.17 -6.31
C LEU D 106 14.00 -17.23 -5.87
N LEU D 107 13.41 -17.47 -4.70
CA LEU D 107 12.33 -16.62 -4.18
C LEU D 107 12.73 -15.99 -2.84
N GLY D 108 12.78 -14.67 -2.81
CA GLY D 108 13.11 -13.97 -1.57
C GLY D 108 13.99 -12.75 -1.73
N ALA D 109 14.20 -12.04 -0.60
CA ALA D 109 15.01 -10.83 -0.44
C ALA D 109 14.42 -9.60 -1.15
N ALA D 110 14.99 -8.39 -0.89
CA ALA D 110 14.50 -7.16 -1.49
C ALA D 110 14.78 -7.06 -3.00
N ALA D 111 14.10 -6.10 -3.65
CA ALA D 111 14.15 -5.72 -5.06
C ALA D 111 14.96 -6.69 -5.99
N GLN D 112 16.17 -6.28 -6.40
CA GLN D 112 17.05 -6.96 -7.35
C GLN D 112 18.08 -7.91 -6.71
N VAL D 113 18.01 -8.12 -5.37
CA VAL D 113 18.94 -8.99 -4.63
C VAL D 113 18.96 -10.41 -5.20
N ALA D 114 17.76 -10.98 -5.50
CA ALA D 114 17.62 -12.34 -6.05
C ALA D 114 18.19 -12.45 -7.47
N GLU D 115 17.94 -11.42 -8.31
CA GLU D 115 18.46 -11.32 -9.66
C GLU D 115 20.00 -11.26 -9.65
N GLN D 116 20.58 -10.47 -8.70
CA GLN D 116 22.03 -10.33 -8.53
C GLN D 116 22.63 -11.65 -8.04
N ALA D 117 21.92 -12.36 -7.13
CA ALA D 117 22.31 -13.68 -6.61
C ALA D 117 22.40 -14.67 -7.77
N ARG D 118 21.39 -14.65 -8.68
CA ARG D 118 21.31 -15.50 -9.87
C ARG D 118 22.54 -15.26 -10.76
N ALA D 119 22.83 -13.97 -11.07
CA ALA D 119 23.96 -13.56 -11.89
C ALA D 119 25.28 -14.07 -11.31
N ASN D 120 25.46 -13.93 -9.99
CA ASN D 120 26.67 -14.37 -9.29
C ASN D 120 26.82 -15.90 -9.24
N LEU D 121 25.71 -16.64 -9.08
CA LEU D 121 25.71 -18.10 -9.10
C LEU D 121 26.07 -18.65 -10.50
N GLU D 122 25.65 -17.96 -11.59
CA GLU D 122 25.98 -18.34 -12.98
C GLU D 122 27.47 -18.16 -13.26
N LYS D 123 28.12 -17.20 -12.57
CA LYS D 123 29.56 -16.97 -12.69
C LYS D 123 30.32 -18.02 -11.88
N LEU D 124 29.86 -18.29 -10.64
CA LEU D 124 30.47 -19.26 -9.72
C LEU D 124 30.33 -20.71 -10.19
N TYR D 125 29.15 -21.06 -10.72
CA TYR D 125 28.85 -22.42 -11.16
C TYR D 125 28.41 -22.40 -12.62
N PRO D 126 29.36 -22.33 -13.58
CA PRO D 126 28.97 -22.30 -15.01
C PRO D 126 28.08 -23.49 -15.40
N GLY D 127 26.97 -23.17 -16.05
CA GLY D 127 26.00 -24.18 -16.50
C GLY D 127 24.77 -24.26 -15.62
N VAL D 128 24.81 -23.65 -14.40
CA VAL D 128 23.67 -23.64 -13.47
C VAL D 128 22.41 -23.13 -14.16
N LYS D 129 21.30 -23.86 -14.00
CA LYS D 129 20.02 -23.52 -14.63
C LYS D 129 19.03 -22.90 -13.64
N ILE D 130 19.09 -21.57 -13.51
CA ILE D 130 18.19 -20.78 -12.67
C ILE D 130 17.11 -20.25 -13.61
N VAL D 131 15.93 -20.91 -13.57
CA VAL D 131 14.78 -20.63 -14.45
C VAL D 131 14.09 -19.29 -14.16
N GLY D 132 14.10 -18.87 -12.89
CA GLY D 132 13.41 -17.65 -12.48
C GLY D 132 13.76 -17.17 -11.09
N THR D 133 13.43 -15.90 -10.84
CA THR D 133 13.67 -15.23 -9.56
C THR D 133 12.48 -14.33 -9.24
N HIS D 134 12.25 -14.05 -7.96
CA HIS D 134 11.20 -13.14 -7.49
C HIS D 134 11.55 -12.65 -6.10
N HIS D 135 11.31 -11.35 -5.83
CA HIS D 135 11.59 -10.75 -4.53
C HIS D 135 10.70 -11.40 -3.43
N GLY D 136 11.10 -11.29 -2.17
CA GLY D 136 10.37 -11.89 -1.06
C GLY D 136 9.50 -10.97 -0.22
N TYR D 137 9.15 -9.78 -0.72
CA TYR D 137 8.28 -8.92 0.07
C TYR D 137 6.91 -8.80 -0.61
N PHE D 138 6.37 -9.98 -0.98
CA PHE D 138 5.08 -10.14 -1.63
C PHE D 138 3.94 -10.30 -0.60
N THR D 139 2.74 -9.91 -0.99
CA THR D 139 1.55 -10.04 -0.12
C THR D 139 0.95 -11.45 -0.31
N GLU D 140 0.03 -11.87 0.58
CA GLU D 140 -0.66 -13.17 0.50
C GLU D 140 -1.47 -13.31 -0.80
N GLU D 141 -2.07 -12.22 -1.31
CA GLU D 141 -2.84 -12.22 -2.56
C GLU D 141 -1.95 -12.42 -3.81
N GLU D 142 -0.65 -12.08 -3.73
CA GLU D 142 0.33 -12.19 -4.85
C GLU D 142 0.93 -13.58 -4.96
N GLU D 143 0.86 -14.33 -3.85
CA GLU D 143 1.36 -15.69 -3.64
C GLU D 143 0.94 -16.70 -4.72
N ASN D 144 -0.36 -16.75 -5.07
CA ASN D 144 -0.86 -17.67 -6.10
C ASN D 144 -0.20 -17.45 -7.47
N LYS D 145 0.01 -16.18 -7.89
CA LYS D 145 0.70 -15.85 -9.14
C LYS D 145 2.18 -16.25 -9.06
N ILE D 146 2.83 -16.04 -7.87
CA ILE D 146 4.22 -16.43 -7.61
C ILE D 146 4.36 -17.93 -7.84
N ILE D 147 3.53 -18.73 -7.12
CA ILE D 147 3.51 -20.21 -7.16
C ILE D 147 3.25 -20.70 -8.60
N GLU D 148 2.32 -20.05 -9.33
CA GLU D 148 2.03 -20.39 -10.72
C GLU D 148 3.26 -20.24 -11.61
N GLU D 149 4.04 -19.15 -11.43
CA GLU D 149 5.28 -18.90 -12.20
C GLU D 149 6.33 -19.97 -11.90
N ILE D 150 6.48 -20.33 -10.61
CA ILE D 150 7.42 -21.37 -10.15
C ILE D 150 7.05 -22.71 -10.82
N ASN D 151 5.75 -23.07 -10.76
CA ASN D 151 5.19 -24.30 -11.32
C ASN D 151 5.29 -24.33 -12.86
N ASN D 152 4.94 -23.21 -13.54
CA ASN D 152 5.01 -23.07 -14.99
C ASN D 152 6.42 -23.20 -15.54
N LYS D 153 7.41 -22.64 -14.84
CA LYS D 153 8.82 -22.67 -15.24
C LYS D 153 9.46 -24.05 -15.01
N GLY D 154 8.70 -24.96 -14.42
CA GLY D 154 9.12 -26.33 -14.16
C GLY D 154 10.27 -26.44 -13.20
N ALA D 155 10.37 -25.49 -12.24
CA ALA D 155 11.42 -25.49 -11.23
C ALA D 155 11.36 -26.79 -10.42
N GLU D 156 12.54 -27.40 -10.23
CA GLU D 156 12.72 -28.61 -9.46
C GLU D 156 13.12 -28.27 -8.02
N VAL D 157 13.92 -27.20 -7.85
CA VAL D 157 14.46 -26.76 -6.57
C VAL D 157 14.05 -25.31 -6.34
N LEU D 158 13.42 -25.06 -5.20
CA LEU D 158 13.00 -23.74 -4.77
C LEU D 158 13.71 -23.30 -3.50
N PHE D 159 14.54 -22.23 -3.60
CA PHE D 159 15.23 -21.69 -2.42
C PHE D 159 14.39 -20.51 -1.97
N VAL D 160 13.98 -20.54 -0.68
CA VAL D 160 13.06 -19.56 -0.08
C VAL D 160 13.82 -18.69 0.95
N ALA D 161 14.25 -17.51 0.52
CA ALA D 161 15.02 -16.57 1.34
C ALA D 161 14.10 -15.54 2.05
N LEU D 162 13.26 -16.03 2.98
CA LEU D 162 12.28 -15.20 3.70
C LEU D 162 12.61 -15.06 5.22
N GLY D 163 13.51 -15.91 5.71
CA GLY D 163 13.87 -15.93 7.13
C GLY D 163 12.98 -16.82 7.96
N ALA D 164 13.52 -17.41 9.04
CA ALA D 164 12.77 -18.33 9.92
C ALA D 164 11.93 -17.53 10.93
N PRO D 165 10.66 -17.91 11.25
CA PRO D 165 9.90 -19.08 10.76
C PRO D 165 9.10 -18.85 9.47
N LYS D 166 9.03 -17.59 8.94
CA LYS D 166 8.27 -17.25 7.72
C LYS D 166 8.51 -18.19 6.54
N GLN D 167 9.78 -18.50 6.23
CA GLN D 167 10.14 -19.36 5.11
C GLN D 167 9.54 -20.78 5.25
N GLU D 168 9.64 -21.41 6.46
CA GLU D 168 9.09 -22.76 6.68
C GLU D 168 7.57 -22.75 6.63
N LYS D 169 6.95 -21.75 7.28
CA LYS D 169 5.50 -21.57 7.33
C LYS D 169 4.92 -21.33 5.94
N TRP D 170 5.57 -20.50 5.09
CA TRP D 170 5.12 -20.23 3.72
C TRP D 170 5.14 -21.52 2.89
N ILE D 171 6.26 -22.29 2.96
CA ILE D 171 6.41 -23.55 2.26
C ILE D 171 5.31 -24.54 2.70
N TYR D 172 5.18 -24.79 4.02
CA TYR D 172 4.20 -25.72 4.58
C TYR D 172 2.74 -25.35 4.25
N LYS D 173 2.38 -24.05 4.35
CA LYS D 173 1.03 -23.57 3.97
C LYS D 173 0.75 -23.88 2.48
N ASN D 174 1.79 -23.82 1.63
CA ASN D 174 1.68 -24.05 0.19
C ASN D 174 2.18 -25.43 -0.28
N LYS D 175 2.29 -26.41 0.65
CA LYS D 175 2.81 -27.77 0.39
C LYS D 175 2.02 -28.56 -0.67
N ASP D 176 0.73 -28.21 -0.91
CA ASP D 176 -0.09 -28.88 -1.92
C ASP D 176 -0.19 -28.09 -3.23
N LYS D 177 0.32 -26.84 -3.24
CA LYS D 177 0.28 -25.93 -4.38
C LYS D 177 1.58 -25.95 -5.18
N LEU D 178 2.70 -26.04 -4.47
CA LEU D 178 4.04 -26.06 -5.05
C LEU D 178 4.35 -27.38 -5.75
N LYS D 179 4.68 -27.28 -7.05
CA LYS D 179 5.05 -28.40 -7.92
C LYS D 179 6.57 -28.43 -8.15
N VAL D 180 7.32 -28.41 -7.04
CA VAL D 180 8.78 -28.53 -7.02
C VAL D 180 9.10 -29.79 -6.25
N LYS D 181 10.31 -30.30 -6.42
CA LYS D 181 10.73 -31.47 -5.69
C LYS D 181 11.34 -31.08 -4.37
N ILE D 182 12.00 -29.92 -4.29
CA ILE D 182 12.64 -29.47 -3.05
C ILE D 182 12.31 -28.00 -2.82
N ALA D 183 11.83 -27.69 -1.62
CA ALA D 183 11.58 -26.33 -1.15
C ALA D 183 12.39 -26.21 0.15
N MSE D 184 13.37 -25.29 0.16
CA MSE D 184 14.25 -25.09 1.29
C MSE D 184 14.40 -23.61 1.65
O MSE D 184 14.73 -22.80 0.79
CB MSE D 184 15.63 -25.69 0.94
CG MSE D 184 16.68 -25.54 2.02
SE MSE D 184 18.42 -26.19 1.38
CE MSE D 184 19.57 -24.97 2.36
N GLY D 185 14.21 -23.31 2.94
CA GLY D 185 14.36 -21.97 3.52
C GLY D 185 15.84 -21.64 3.64
N VAL D 186 16.27 -20.47 3.16
CA VAL D 186 17.70 -20.13 3.15
C VAL D 186 18.06 -18.77 3.83
N GLY D 187 17.09 -18.14 4.50
CA GLY D 187 17.27 -16.89 5.22
C GLY D 187 17.91 -15.76 4.43
N GLY D 188 19.04 -15.24 4.89
CA GLY D 188 19.74 -14.14 4.23
C GLY D 188 20.77 -14.57 3.19
N SER D 189 20.74 -15.85 2.76
CA SER D 189 21.68 -16.42 1.78
C SER D 189 21.75 -15.70 0.43
N PHE D 190 20.65 -15.11 -0.07
CA PHE D 190 20.72 -14.39 -1.36
C PHE D 190 21.49 -13.07 -1.21
N ASP D 191 21.26 -12.35 -0.10
CA ASP D 191 21.91 -11.06 0.18
C ASP D 191 23.44 -11.15 0.14
N VAL D 192 23.98 -12.19 0.78
CA VAL D 192 25.44 -12.42 0.88
C VAL D 192 26.06 -12.98 -0.42
N ILE D 193 25.24 -13.55 -1.34
CA ILE D 193 25.72 -14.04 -2.65
C ILE D 193 25.62 -12.91 -3.68
N ALA D 194 24.63 -11.99 -3.53
CA ALA D 194 24.37 -10.86 -4.44
C ALA D 194 25.55 -9.88 -4.56
N GLU E 2 3.53 43.66 -7.30
CA GLU E 2 3.55 42.68 -6.21
C GLU E 2 2.21 41.99 -5.99
N ARG E 3 1.08 42.72 -6.19
CA ARG E 3 -0.29 42.21 -5.99
C ARG E 3 -1.20 42.42 -7.18
N LEU E 4 -1.96 41.36 -7.55
CA LEU E 4 -2.94 41.35 -8.64
C LEU E 4 -4.36 41.34 -8.07
N ASP E 5 -5.26 42.11 -8.68
CA ASP E 5 -6.63 42.11 -8.21
C ASP E 5 -7.48 41.13 -9.01
N ILE E 6 -8.02 40.12 -8.31
CA ILE E 6 -8.89 39.12 -8.93
C ILE E 6 -10.30 39.34 -8.37
N PHE E 7 -11.12 40.12 -9.10
CA PHE E 7 -12.50 40.48 -8.74
C PHE E 7 -12.62 41.00 -7.29
N GLY E 8 -11.75 41.95 -6.94
CA GLY E 8 -11.72 42.56 -5.61
C GLY E 8 -10.81 41.89 -4.62
N VAL E 9 -10.35 40.66 -4.91
CA VAL E 9 -9.48 39.89 -4.01
C VAL E 9 -8.01 40.12 -4.38
N PRO E 10 -7.19 40.74 -3.49
CA PRO E 10 -5.78 40.95 -3.86
C PRO E 10 -5.01 39.66 -3.70
N ILE E 11 -4.19 39.33 -4.70
CA ILE E 11 -3.39 38.10 -4.71
C ILE E 11 -1.95 38.48 -4.88
N ASP E 12 -1.10 38.05 -3.93
CA ASP E 12 0.33 38.29 -4.00
C ASP E 12 0.91 37.46 -5.16
N ARG E 13 1.61 38.14 -6.09
CA ARG E 13 2.22 37.54 -7.28
C ARG E 13 3.48 36.81 -6.81
N VAL E 14 3.28 35.62 -6.20
CA VAL E 14 4.38 34.84 -5.63
C VAL E 14 4.37 33.38 -6.08
N THR E 15 5.58 32.81 -6.17
CA THR E 15 5.74 31.38 -6.42
C THR E 15 5.64 30.74 -5.03
N MSE E 16 5.59 29.42 -4.99
CA MSE E 16 5.55 28.70 -3.72
C MSE E 16 6.78 29.03 -2.84
O MSE E 16 6.61 29.32 -1.67
CB MSE E 16 5.42 27.19 -3.90
CG MSE E 16 4.98 26.57 -2.57
SE MSE E 16 4.80 24.66 -2.46
CE MSE E 16 6.60 24.10 -3.05
N ILE E 17 7.99 28.99 -3.43
CA ILE E 17 9.24 29.27 -2.72
C ILE E 17 9.28 30.70 -2.16
N GLN E 18 8.77 31.68 -2.94
CA GLN E 18 8.71 33.08 -2.49
C GLN E 18 7.75 33.22 -1.32
N ALA E 19 6.61 32.49 -1.37
CA ALA E 19 5.60 32.49 -0.31
C ALA E 19 6.22 31.89 0.99
N VAL E 20 6.99 30.79 0.87
CA VAL E 20 7.67 30.14 2.00
C VAL E 20 8.70 31.13 2.62
N ASP E 21 9.47 31.84 1.78
CA ASP E 21 10.45 32.83 2.21
C ASP E 21 9.77 33.97 2.98
N ILE E 22 8.58 34.43 2.50
CA ILE E 22 7.81 35.50 3.16
C ILE E 22 7.35 35.01 4.54
N LEU E 23 6.82 33.80 4.63
CA LEU E 23 6.37 33.19 5.90
C LEU E 23 7.54 33.08 6.89
N ASN E 24 8.73 32.68 6.42
CA ASN E 24 9.93 32.61 7.27
C ASN E 24 10.28 34.00 7.80
N ASN E 25 10.20 35.02 6.93
CA ASN E 25 10.45 36.42 7.32
C ASN E 25 9.41 36.91 8.35
N PHE E 26 8.13 36.43 8.25
CA PHE E 26 7.06 36.82 9.18
C PHE E 26 7.37 36.42 10.62
N LEU E 27 8.14 35.32 10.77
CA LEU E 27 8.57 34.82 12.08
C LEU E 27 9.51 35.78 12.77
N GLN E 28 10.14 36.72 12.04
CA GLN E 28 11.04 37.72 12.62
C GLN E 28 10.29 39.00 13.03
N GLU E 29 8.98 39.10 12.72
CA GLU E 29 8.18 40.29 13.03
C GLU E 29 7.20 40.02 14.15
N ASN E 30 7.34 40.77 15.27
CA ASN E 30 6.54 40.64 16.49
C ASN E 30 5.12 41.19 16.36
N ARG E 31 4.30 40.53 15.54
CA ARG E 31 2.89 40.87 15.33
C ARG E 31 2.21 39.69 14.68
N LEU E 32 0.87 39.68 14.71
CA LEU E 32 0.13 38.61 14.08
C LEU E 32 0.07 38.86 12.57
N HIS E 33 0.36 37.82 11.79
CA HIS E 33 0.28 37.84 10.34
C HIS E 33 -0.81 36.88 9.92
N ILE E 34 -1.79 37.37 9.16
CA ILE E 34 -2.89 36.55 8.65
C ILE E 34 -2.56 36.12 7.24
N VAL E 35 -2.58 34.80 7.00
CA VAL E 35 -2.28 34.23 5.70
C VAL E 35 -3.53 33.50 5.19
N ALA E 36 -3.96 33.81 3.96
CA ALA E 36 -5.06 33.12 3.30
C ALA E 36 -4.51 32.58 1.96
N THR E 37 -5.19 31.57 1.39
CA THR E 37 -4.80 30.97 0.12
C THR E 37 -6.03 31.01 -0.80
N PRO E 38 -6.38 32.19 -1.35
CA PRO E 38 -7.60 32.26 -2.16
C PRO E 38 -7.54 31.43 -3.43
N ASN E 39 -8.65 30.75 -3.70
CA ASN E 39 -8.88 29.95 -4.90
C ASN E 39 -10.14 30.50 -5.59
N ALA E 40 -10.54 29.89 -6.73
CA ALA E 40 -11.72 30.31 -7.50
C ALA E 40 -13.00 30.36 -6.62
N GLU E 41 -13.20 29.32 -5.77
CA GLU E 41 -14.35 29.20 -4.88
C GLU E 41 -14.41 30.36 -3.89
N ILE E 42 -13.27 30.70 -3.27
CA ILE E 42 -13.15 31.82 -2.32
C ILE E 42 -13.48 33.15 -3.01
N VAL E 43 -12.95 33.37 -4.25
CA VAL E 43 -13.23 34.56 -5.05
C VAL E 43 -14.74 34.72 -5.22
N MSE E 44 -15.44 33.62 -5.61
CA MSE E 44 -16.89 33.60 -5.78
C MSE E 44 -17.61 33.97 -4.46
O MSE E 44 -18.52 34.80 -4.50
CB MSE E 44 -17.36 32.24 -6.31
CG MSE E 44 -18.86 32.15 -6.45
SE MSE E 44 -19.41 30.52 -7.29
CE MSE E 44 -19.40 29.40 -5.79
N MSE E 45 -17.21 33.34 -3.33
CA MSE E 45 -17.82 33.60 -2.01
C MSE E 45 -17.74 35.07 -1.64
O MSE E 45 -18.75 35.65 -1.23
CB MSE E 45 -17.13 32.78 -0.91
CG MSE E 45 -17.39 31.30 -0.96
SE MSE E 45 -16.17 30.38 0.26
CE MSE E 45 -17.52 29.13 0.90
N ALA E 46 -16.54 35.70 -1.80
CA ALA E 46 -16.24 37.11 -1.50
C ALA E 46 -17.09 38.11 -2.29
N GLN E 47 -17.61 37.70 -3.46
CA GLN E 47 -18.50 38.58 -4.25
C GLN E 47 -19.84 38.81 -3.52
N LYS E 48 -20.28 37.83 -2.71
CA LYS E 48 -21.56 37.92 -1.99
C LYS E 48 -21.40 38.19 -0.50
N ASP E 49 -20.16 38.11 0.01
CA ASP E 49 -19.89 38.27 1.43
C ASP E 49 -18.95 39.48 1.68
N LYS E 50 -19.53 40.63 1.99
CA LYS E 50 -18.83 41.89 2.23
C LYS E 50 -17.78 41.80 3.33
N GLU E 51 -18.13 41.13 4.47
CA GLU E 51 -17.22 40.92 5.60
C GLU E 51 -16.01 40.07 5.17
N TYR E 52 -16.25 39.00 4.38
CA TYR E 52 -15.20 38.11 3.90
C TYR E 52 -14.27 38.86 2.96
N MSE E 53 -14.85 39.65 2.02
CA MSE E 53 -14.14 40.49 1.04
C MSE E 53 -13.19 41.48 1.80
O MSE E 53 -12.02 41.64 1.43
CB MSE E 53 -15.16 41.22 0.14
CG MSE E 53 -14.53 42.17 -0.89
SE MSE E 53 -13.41 41.23 -2.16
CE MSE E 53 -14.78 40.70 -3.47
N GLU E 54 -13.72 42.08 2.87
CA GLU E 54 -12.99 43.01 3.74
C GLU E 54 -11.79 42.28 4.39
N ILE E 55 -12.03 41.09 4.97
CA ILE E 55 -10.96 40.27 5.59
C ILE E 55 -9.86 39.95 4.56
N LEU E 56 -10.25 39.52 3.35
CA LEU E 56 -9.29 39.16 2.27
C LEU E 56 -8.49 40.35 1.76
N ASN E 57 -8.98 41.57 2.03
CA ASN E 57 -8.27 42.80 1.70
C ASN E 57 -7.42 43.31 2.86
N ASN E 58 -7.45 42.59 4.01
CA ASN E 58 -6.68 42.98 5.20
C ASN E 58 -5.71 41.91 5.72
N THR E 59 -5.47 40.87 4.91
CA THR E 59 -4.53 39.80 5.26
C THR E 59 -3.14 40.25 4.88
N ASP E 60 -2.11 39.61 5.48
CA ASP E 60 -0.71 39.94 5.23
C ASP E 60 -0.16 39.28 3.99
N LEU E 61 -0.76 38.16 3.61
CA LEU E 61 -0.32 37.39 2.44
C LEU E 61 -1.46 36.54 1.91
N ASN E 62 -1.74 36.69 0.61
CA ASN E 62 -2.74 35.90 -0.11
C ASN E 62 -2.01 35.12 -1.20
N VAL E 63 -1.76 33.85 -0.94
CA VAL E 63 -1.06 32.96 -1.89
C VAL E 63 -2.11 32.33 -2.80
N PRO E 64 -1.94 32.39 -4.14
CA PRO E 64 -2.96 31.76 -5.03
C PRO E 64 -3.09 30.25 -4.78
N ASP E 65 -4.32 29.73 -4.78
CA ASP E 65 -4.55 28.29 -4.61
C ASP E 65 -5.33 27.74 -5.79
N GLY E 66 -4.85 26.65 -6.37
CA GLY E 66 -5.50 25.97 -7.48
C GLY E 66 -5.24 26.55 -8.85
N SER E 67 -5.92 25.98 -9.86
CA SER E 67 -5.76 26.38 -11.27
C SER E 67 -6.62 27.54 -11.71
N GLY E 68 -7.89 27.56 -11.27
CA GLY E 68 -8.85 28.58 -11.66
C GLY E 68 -8.37 30.01 -11.46
N ILE E 69 -7.84 30.30 -10.26
CA ILE E 69 -7.35 31.65 -9.95
C ILE E 69 -6.14 32.07 -10.83
N VAL E 70 -5.27 31.11 -11.18
CA VAL E 70 -4.12 31.34 -12.07
C VAL E 70 -4.67 31.66 -13.47
N PHE E 71 -5.66 30.89 -13.94
CA PHE E 71 -6.29 31.13 -15.25
C PHE E 71 -6.87 32.56 -15.31
N ALA E 72 -7.55 33.00 -14.25
CA ALA E 72 -8.13 34.36 -14.18
C ALA E 72 -7.04 35.44 -14.33
N SER E 73 -5.84 35.18 -13.73
CA SER E 73 -4.70 36.12 -13.81
C SER E 73 -4.07 36.26 -15.21
N LYS E 74 -4.37 35.34 -16.17
CA LYS E 74 -3.85 35.36 -17.55
C LYS E 74 -4.17 36.64 -18.33
N VAL E 75 -5.11 37.46 -17.81
CA VAL E 75 -5.48 38.75 -18.39
C VAL E 75 -4.36 39.78 -18.20
N PHE E 76 -3.47 39.54 -17.19
CA PHE E 76 -2.26 40.25 -16.75
C PHE E 76 -2.21 40.42 -15.24
N PRO E 79 0.95 37.67 -15.38
CA PRO E 79 0.06 36.75 -14.65
C PRO E 79 0.71 36.18 -13.39
N LEU E 80 -0.05 35.36 -12.63
CA LEU E 80 0.47 34.68 -11.45
C LEU E 80 1.54 33.69 -11.95
N PRO E 81 2.77 33.68 -11.36
CA PRO E 81 3.86 32.86 -11.93
C PRO E 81 3.63 31.36 -11.97
N GLU E 82 2.87 30.79 -11.01
CA GLU E 82 2.65 29.34 -10.99
C GLU E 82 1.44 28.89 -10.21
N ARG E 83 0.99 27.65 -10.53
CA ARG E 83 -0.10 26.99 -9.83
C ARG E 83 0.46 26.48 -8.50
N VAL E 84 -0.13 26.96 -7.41
CA VAL E 84 0.28 26.64 -6.03
C VAL E 84 -0.92 26.00 -5.33
N ALA E 85 -0.67 25.01 -4.46
CA ALA E 85 -1.73 24.41 -3.65
C ALA E 85 -1.43 24.86 -2.22
N GLY E 86 -2.44 25.35 -1.54
CA GLY E 86 -2.32 25.79 -0.15
C GLY E 86 -1.82 24.67 0.76
N PHE E 87 -2.23 23.45 0.46
CA PHE E 87 -1.80 22.27 1.22
C PHE E 87 -0.27 22.09 1.13
N ASP E 88 0.32 22.23 -0.09
CA ASP E 88 1.76 22.05 -0.30
C ASP E 88 2.53 23.17 0.37
N LEU E 89 1.96 24.42 0.36
CA LEU E 89 2.58 25.57 1.01
C LEU E 89 2.72 25.28 2.51
N MSE E 90 1.65 24.76 3.16
CA MSE E 90 1.64 24.37 4.58
C MSE E 90 2.74 23.35 4.87
O MSE E 90 3.52 23.56 5.79
CB MSE E 90 0.24 23.86 5.00
CG MSE E 90 0.16 23.46 6.49
SE MSE E 90 -1.39 22.31 6.85
CE MSE E 90 -0.87 20.78 5.93
N LEU E 91 2.79 22.26 4.11
CA LEU E 91 3.80 21.21 4.31
C LEU E 91 5.23 21.70 4.10
N GLU E 92 5.46 22.49 3.02
CA GLU E 92 6.78 23.04 2.71
C GLU E 92 7.22 24.01 3.83
N PHE E 93 6.29 24.83 4.36
CA PHE E 93 6.60 25.75 5.44
C PHE E 93 6.94 24.96 6.73
N ILE E 94 6.15 23.91 7.06
CA ILE E 94 6.39 23.03 8.23
C ILE E 94 7.77 22.37 8.11
N LYS E 95 8.06 21.82 6.92
CA LYS E 95 9.35 21.15 6.62
C LYS E 95 10.53 22.04 7.02
N GLY E 96 10.54 23.29 6.57
CA GLY E 96 11.61 24.22 6.89
C GLY E 96 11.72 24.60 8.35
N ILE E 97 10.58 24.80 9.04
CA ILE E 97 10.63 25.22 10.44
C ILE E 97 10.76 24.05 11.44
N SER E 98 10.62 22.79 10.96
CA SER E 98 10.68 21.58 11.81
C SER E 98 12.02 21.35 12.51
N SER E 99 13.10 21.93 11.99
CA SER E 99 14.44 21.83 12.56
C SER E 99 14.86 23.12 13.27
N LYS E 100 13.95 24.13 13.31
CA LYS E 100 14.22 25.44 13.90
C LYS E 100 13.55 25.69 15.28
N GLY E 101 12.81 24.70 15.79
CA GLY E 101 12.13 24.78 17.08
C GLY E 101 10.92 25.71 17.11
N VAL E 102 10.37 26.03 15.92
CA VAL E 102 9.20 26.91 15.82
C VAL E 102 7.96 26.15 16.34
N LYS E 103 7.34 26.69 17.39
CA LYS E 103 6.17 26.10 18.04
C LYS E 103 4.92 26.23 17.17
N ILE E 104 4.21 25.09 16.95
CA ILE E 104 3.02 24.98 16.08
C ILE E 104 1.80 24.50 16.85
N TYR E 105 0.66 25.13 16.58
CA TYR E 105 -0.59 24.73 17.17
C TYR E 105 -1.56 24.29 16.05
N LEU E 106 -2.21 23.14 16.21
CA LEU E 106 -3.15 22.63 15.22
C LEU E 106 -4.58 22.75 15.74
N LEU E 107 -5.37 23.66 15.15
CA LEU E 107 -6.77 23.82 15.55
C LEU E 107 -7.75 23.52 14.39
N GLY E 108 -8.62 22.54 14.58
CA GLY E 108 -9.62 22.20 13.59
C GLY E 108 -9.89 20.73 13.39
N ALA E 109 -10.88 20.43 12.53
CA ALA E 109 -11.35 19.10 12.13
C ALA E 109 -12.06 18.34 13.28
N ALA E 110 -12.69 17.19 12.96
CA ALA E 110 -13.45 16.40 13.92
C ALA E 110 -12.57 15.68 14.92
N ALA E 111 -13.22 15.17 15.99
CA ALA E 111 -12.71 14.38 17.11
C ALA E 111 -11.18 14.34 17.27
N GLN E 112 -10.53 13.26 16.83
CA GLN E 112 -9.09 13.01 17.02
C GLN E 112 -8.24 13.23 15.75
N VAL E 113 -8.77 13.93 14.74
CA VAL E 113 -8.07 14.20 13.48
C VAL E 113 -6.84 15.10 13.68
N ALA E 114 -7.01 16.22 14.43
CA ALA E 114 -5.88 17.14 14.68
C ALA E 114 -4.73 16.42 15.39
N GLU E 115 -5.06 15.55 16.39
CA GLU E 115 -4.04 14.82 17.14
C GLU E 115 -3.38 13.74 16.25
N GLN E 116 -4.15 13.10 15.33
CA GLN E 116 -3.59 12.11 14.39
C GLN E 116 -2.66 12.82 13.38
N ALA E 117 -3.05 14.04 12.94
CA ALA E 117 -2.26 14.90 12.04
C ALA E 117 -0.91 15.22 12.70
N ARG E 118 -0.94 15.56 14.01
CA ARG E 118 0.25 15.87 14.82
C ARG E 118 1.19 14.65 14.84
N ALA E 119 0.66 13.45 15.18
CA ALA E 119 1.41 12.20 15.21
C ALA E 119 2.10 11.94 13.87
N ASN E 120 1.36 12.13 12.74
CA ASN E 120 1.88 11.90 11.40
C ASN E 120 2.93 12.94 10.97
N LEU E 121 2.76 14.22 11.36
CA LEU E 121 3.73 15.27 11.06
C LEU E 121 5.03 15.07 11.83
N GLU E 122 4.94 14.50 13.05
CA GLU E 122 6.11 14.20 13.87
C GLU E 122 6.96 13.09 13.24
N LYS E 123 6.30 12.13 12.53
CA LYS E 123 6.97 11.05 11.80
C LYS E 123 7.58 11.60 10.51
N LEU E 124 6.82 12.44 9.76
CA LEU E 124 7.25 13.03 8.49
C LEU E 124 8.38 14.03 8.64
N TYR E 125 8.32 14.88 9.69
CA TYR E 125 9.30 15.91 9.93
C TYR E 125 9.88 15.76 11.33
N PRO E 126 10.86 14.83 11.52
CA PRO E 126 11.44 14.65 12.87
C PRO E 126 12.00 15.95 13.46
N GLY E 127 11.63 16.22 14.70
CA GLY E 127 12.03 17.44 15.40
C GLY E 127 10.95 18.50 15.45
N VAL E 128 9.88 18.35 14.62
CA VAL E 128 8.77 19.32 14.56
C VAL E 128 8.18 19.53 15.96
N LYS E 129 7.97 20.79 16.33
CA LYS E 129 7.47 21.15 17.64
C LYS E 129 5.99 21.56 17.60
N ILE E 130 5.08 20.57 17.70
CA ILE E 130 3.63 20.82 17.76
C ILE E 130 3.29 20.71 19.25
N VAL E 131 3.11 21.86 19.89
CA VAL E 131 2.89 22.04 21.33
C VAL E 131 1.44 21.78 21.78
N GLY E 132 0.52 21.71 20.83
CA GLY E 132 -0.88 21.49 21.13
C GLY E 132 -1.75 21.38 19.91
N THR E 133 -2.88 20.70 20.12
CA THR E 133 -3.93 20.46 19.10
C THR E 133 -5.31 20.63 19.75
N HIS E 134 -6.37 20.81 18.93
CA HIS E 134 -7.75 20.90 19.40
C HIS E 134 -8.68 20.76 18.21
N HIS E 135 -9.79 20.01 18.39
CA HIS E 135 -10.79 19.81 17.34
C HIS E 135 -11.46 21.18 16.98
N GLY E 136 -12.09 21.26 15.83
CA GLY E 136 -12.71 22.51 15.40
C GLY E 136 -14.18 22.73 15.64
N TYR E 137 -14.87 21.78 16.23
CA TYR E 137 -16.32 21.95 16.39
C TYR E 137 -16.65 22.41 17.81
N PHE E 138 -15.91 23.47 18.23
CA PHE E 138 -15.91 24.06 19.56
C PHE E 138 -16.96 25.09 19.82
N THR E 139 -17.34 25.18 21.09
CA THR E 139 -18.32 26.12 21.66
C THR E 139 -17.59 27.42 22.03
N GLU E 140 -18.36 28.47 22.44
CA GLU E 140 -17.78 29.76 22.85
C GLU E 140 -16.89 29.63 24.09
N GLU E 141 -17.31 28.79 25.07
CA GLU E 141 -16.55 28.55 26.31
C GLU E 141 -15.21 27.86 26.04
N GLU E 142 -15.20 26.97 25.01
CA GLU E 142 -14.01 26.23 24.56
C GLU E 142 -12.98 27.15 23.89
N GLU E 143 -13.44 28.17 23.10
CA GLU E 143 -12.61 29.16 22.38
C GLU E 143 -11.64 29.87 23.35
N ASN E 144 -12.15 30.29 24.52
CA ASN E 144 -11.37 30.95 25.59
C ASN E 144 -10.23 30.04 26.04
N LYS E 145 -10.54 28.74 26.25
CA LYS E 145 -9.62 27.69 26.67
C LYS E 145 -8.56 27.43 25.61
N ILE E 146 -8.99 27.37 24.32
CA ILE E 146 -8.14 27.16 23.13
C ILE E 146 -7.16 28.33 22.98
N ILE E 147 -7.68 29.58 22.93
CA ILE E 147 -6.88 30.80 22.83
C ILE E 147 -5.83 30.84 23.95
N GLU E 148 -6.26 30.55 25.21
CA GLU E 148 -5.35 30.55 26.35
C GLU E 148 -4.28 29.46 26.25
N GLU E 149 -4.66 28.28 25.72
CA GLU E 149 -3.72 27.18 25.52
C GLU E 149 -2.68 27.59 24.47
N ILE E 150 -3.15 28.20 23.35
CA ILE E 150 -2.32 28.69 22.24
C ILE E 150 -1.24 29.67 22.77
N ASN E 151 -1.67 30.66 23.55
CA ASN E 151 -0.80 31.69 24.14
C ASN E 151 0.09 31.15 25.27
N ASN E 152 -0.44 30.30 26.19
CA ASN E 152 0.35 29.76 27.31
C ASN E 152 1.48 28.82 26.86
N LYS E 153 1.21 28.02 25.82
CA LYS E 153 2.20 27.08 25.27
C LYS E 153 3.22 27.77 24.35
N GLY E 154 3.00 29.07 24.13
CA GLY E 154 3.87 29.93 23.33
C GLY E 154 3.95 29.56 21.86
N ALA E 155 2.81 29.13 21.26
CA ALA E 155 2.83 28.76 19.84
C ALA E 155 3.12 30.01 18.97
N GLU E 156 3.93 29.84 17.90
CA GLU E 156 4.24 30.94 16.98
C GLU E 156 3.41 30.82 15.71
N VAL E 157 3.13 29.59 15.28
CA VAL E 157 2.39 29.28 14.05
C VAL E 157 1.11 28.55 14.41
N LEU E 158 -0.02 29.06 13.91
CA LEU E 158 -1.34 28.47 14.11
C LEU E 158 -1.95 28.09 12.77
N PHE E 159 -2.28 26.80 12.63
CA PHE E 159 -2.98 26.30 11.44
C PHE E 159 -4.43 26.10 11.82
N VAL E 160 -5.31 26.75 11.07
CA VAL E 160 -6.74 26.76 11.37
C VAL E 160 -7.51 25.98 10.29
N ALA E 161 -7.85 24.73 10.61
CA ALA E 161 -8.53 23.81 9.69
C ALA E 161 -10.05 23.82 9.91
N LEU E 162 -10.68 24.96 9.61
CA LEU E 162 -12.13 25.17 9.79
C LEU E 162 -12.90 25.29 8.47
N GLY E 163 -12.18 25.48 7.36
CA GLY E 163 -12.78 25.66 6.05
C GLY E 163 -13.11 27.12 5.77
N ALA E 164 -13.05 27.53 4.50
CA ALA E 164 -13.33 28.92 4.11
C ALA E 164 -14.85 29.13 3.99
N PRO E 165 -15.43 30.26 4.46
CA PRO E 165 -14.79 31.44 5.06
C PRO E 165 -14.59 31.41 6.59
N LYS E 166 -15.13 30.38 7.28
CA LYS E 166 -15.06 30.26 8.75
C LYS E 166 -13.64 30.44 9.34
N GLN E 167 -12.64 29.81 8.70
CA GLN E 167 -11.26 29.92 9.17
C GLN E 167 -10.70 31.36 9.16
N GLU E 168 -10.90 32.10 8.05
CA GLU E 168 -10.43 33.50 7.95
C GLU E 168 -11.18 34.38 8.93
N LYS E 169 -12.51 34.19 9.03
CA LYS E 169 -13.39 34.96 9.93
C LYS E 169 -13.03 34.73 11.40
N TRP E 170 -12.74 33.48 11.80
CA TRP E 170 -12.36 33.16 13.18
C TRP E 170 -11.01 33.83 13.54
N ILE E 171 -10.01 33.71 12.65
CA ILE E 171 -8.70 34.33 12.85
C ILE E 171 -8.85 35.87 12.98
N TYR E 172 -9.52 36.51 12.00
CA TYR E 172 -9.74 37.96 11.97
C TYR E 172 -10.47 38.47 13.20
N LYS E 173 -11.53 37.78 13.64
CA LYS E 173 -12.29 38.17 14.85
C LYS E 173 -11.37 38.12 16.08
N ASN E 174 -10.42 37.17 16.10
CA ASN E 174 -9.52 36.96 17.23
C ASN E 174 -8.10 37.49 17.01
N LYS E 175 -7.93 38.41 16.02
CA LYS E 175 -6.64 38.98 15.63
C LYS E 175 -5.90 39.70 16.78
N ASP E 176 -6.64 40.26 17.75
CA ASP E 176 -6.03 40.97 18.88
C ASP E 176 -5.89 40.09 20.14
N LYS E 177 -6.44 38.86 20.09
CA LYS E 177 -6.39 37.89 21.21
C LYS E 177 -5.25 36.88 21.01
N LEU E 178 -5.03 36.44 19.77
CA LEU E 178 -4.00 35.47 19.40
C LEU E 178 -2.60 36.08 19.44
N LYS E 179 -1.71 35.47 20.23
CA LYS E 179 -0.33 35.94 20.40
C LYS E 179 0.65 35.20 19.48
N VAL E 180 0.14 34.70 18.35
CA VAL E 180 1.00 33.98 17.38
C VAL E 180 1.54 34.95 16.34
N LYS E 181 2.62 34.55 15.66
CA LYS E 181 3.19 35.34 14.57
C LYS E 181 2.42 35.04 13.27
N ILE E 182 1.97 33.80 13.07
CA ILE E 182 1.25 33.43 11.84
C ILE E 182 0.01 32.61 12.17
N ALA E 183 -1.12 33.00 11.59
CA ALA E 183 -2.37 32.27 11.66
C ALA E 183 -2.81 32.06 10.20
N MSE E 184 -2.96 30.79 9.82
CA MSE E 184 -3.29 30.44 8.44
C MSE E 184 -4.41 29.39 8.36
O MSE E 184 -4.31 28.33 8.99
CB MSE E 184 -1.99 29.91 7.76
CG MSE E 184 -2.20 29.44 6.32
SE MSE E 184 -0.55 28.70 5.58
CE MSE E 184 -1.27 27.42 4.39
N GLY E 185 -5.44 29.70 7.57
CA GLY E 185 -6.55 28.79 7.30
C GLY E 185 -6.10 27.68 6.37
N VAL E 186 -6.39 26.40 6.72
CA VAL E 186 -5.88 25.27 5.93
C VAL E 186 -6.98 24.26 5.48
N GLY E 187 -8.24 24.59 5.67
CA GLY E 187 -9.37 23.76 5.24
C GLY E 187 -9.35 22.31 5.71
N GLY E 188 -9.39 21.38 4.78
CA GLY E 188 -9.37 19.95 5.08
C GLY E 188 -7.98 19.33 5.19
N SER E 189 -6.92 20.15 5.28
CA SER E 189 -5.52 19.72 5.36
C SER E 189 -5.18 18.75 6.50
N PHE E 190 -5.85 18.85 7.67
CA PHE E 190 -5.57 17.90 8.78
C PHE E 190 -6.11 16.51 8.46
N ASP E 191 -7.32 16.44 7.88
CA ASP E 191 -7.97 15.17 7.52
C ASP E 191 -7.11 14.29 6.61
N VAL E 192 -6.51 14.91 5.58
CA VAL E 192 -5.67 14.24 4.59
C VAL E 192 -4.26 13.88 5.12
N ILE E 193 -3.80 14.52 6.21
CA ILE E 193 -2.51 14.20 6.85
C ILE E 193 -2.76 13.11 7.90
N ALA E 194 -3.99 13.07 8.42
CA ALA E 194 -4.47 12.07 9.39
C ALA E 194 -4.90 10.83 8.62
N MSE F 1 -1.98 6.06 18.32
CA MSE F 1 -0.85 6.60 17.55
C MSE F 1 -0.87 6.10 16.08
O MSE F 1 -1.09 6.91 15.18
CB MSE F 1 0.48 6.31 18.26
N GLU F 2 -0.59 4.80 15.83
CA GLU F 2 -0.63 4.22 14.48
C GLU F 2 -2.03 3.67 14.22
N ARG F 3 -2.78 4.39 13.38
CA ARG F 3 -4.17 4.04 13.07
C ARG F 3 -4.41 3.95 11.57
N LEU F 4 -5.35 3.06 11.18
CA LEU F 4 -5.78 2.88 9.79
C LEU F 4 -7.27 3.18 9.71
N ASP F 5 -7.69 3.78 8.61
CA ASP F 5 -9.09 4.08 8.44
C ASP F 5 -9.75 2.99 7.60
N ILE F 6 -10.77 2.33 8.15
CA ILE F 6 -11.54 1.32 7.46
C ILE F 6 -12.96 1.89 7.29
N PHE F 7 -13.23 2.50 6.12
CA PHE F 7 -14.52 3.10 5.77
C PHE F 7 -15.04 4.06 6.86
N GLY F 8 -14.16 4.95 7.33
CA GLY F 8 -14.49 5.94 8.33
C GLY F 8 -14.23 5.50 9.77
N VAL F 9 -14.01 4.19 10.00
CA VAL F 9 -13.76 3.63 11.33
C VAL F 9 -12.25 3.57 11.59
N PRO F 10 -11.72 4.30 12.59
CA PRO F 10 -10.28 4.21 12.85
C PRO F 10 -9.93 2.92 13.60
N ILE F 11 -8.90 2.22 13.14
CA ILE F 11 -8.47 1.00 13.81
C ILE F 11 -7.01 1.13 14.16
N ASP F 12 -6.67 0.91 15.44
CA ASP F 12 -5.29 0.94 15.93
C ASP F 12 -4.51 -0.23 15.36
N ARG F 13 -3.36 0.08 14.72
CA ARG F 13 -2.50 -0.91 14.06
C ARG F 13 -1.71 -1.61 15.16
N VAL F 14 -2.37 -2.56 15.84
CA VAL F 14 -1.78 -3.24 16.99
C VAL F 14 -1.88 -4.75 16.93
N THR F 15 -0.86 -5.42 17.48
CA THR F 15 -0.88 -6.87 17.67
C THR F 15 -1.61 -7.10 19.00
N MSE F 16 -1.90 -8.34 19.31
CA MSE F 16 -2.52 -8.74 20.58
C MSE F 16 -1.70 -8.24 21.79
O MSE F 16 -2.26 -7.62 22.70
CB MSE F 16 -2.65 -10.27 20.63
CG MSE F 16 -2.81 -10.80 22.04
SE MSE F 16 -4.62 -10.30 22.51
CE MSE F 16 -5.30 -12.04 22.00
N ILE F 17 -0.38 -8.48 21.79
CA ILE F 17 0.56 -8.11 22.85
C ILE F 17 0.60 -6.58 23.05
N GLN F 18 0.63 -5.82 21.94
CA GLN F 18 0.63 -4.37 21.98
C GLN F 18 -0.67 -3.86 22.56
N ALA F 19 -1.80 -4.49 22.19
CA ALA F 19 -3.13 -4.10 22.69
C ALA F 19 -3.19 -4.31 24.20
N VAL F 20 -2.68 -5.46 24.71
CA VAL F 20 -2.62 -5.78 26.13
C VAL F 20 -1.74 -4.76 26.88
N ASP F 21 -0.57 -4.40 26.30
CA ASP F 21 0.34 -3.41 26.89
C ASP F 21 -0.35 -2.04 27.02
N ILE F 22 -1.09 -1.63 25.97
CA ILE F 22 -1.84 -0.36 25.97
C ILE F 22 -2.90 -0.37 27.09
N LEU F 23 -3.68 -1.47 27.20
CA LEU F 23 -4.70 -1.62 28.25
C LEU F 23 -4.08 -1.52 29.65
N ASN F 24 -2.92 -2.16 29.86
CA ASN F 24 -2.18 -2.10 31.12
C ASN F 24 -1.78 -0.65 31.41
N ASN F 25 -1.31 0.08 30.38
CA ASN F 25 -0.92 1.50 30.52
C ASN F 25 -2.15 2.39 30.84
N PHE F 26 -3.34 2.03 30.32
CA PHE F 26 -4.59 2.76 30.59
C PHE F 26 -4.92 2.75 32.09
N LEU F 27 -4.54 1.68 32.82
CA LEU F 27 -4.75 1.55 34.26
C LEU F 27 -3.95 2.56 35.07
N GLN F 28 -2.92 3.19 34.47
CA GLN F 28 -2.09 4.20 35.11
C GLN F 28 -2.64 5.62 34.86
N GLU F 29 -3.73 5.74 34.09
CA GLU F 29 -4.34 7.02 33.79
C GLU F 29 -5.73 7.11 34.45
N ASN F 30 -5.90 8.05 35.39
CA ASN F 30 -7.14 8.21 36.14
C ASN F 30 -8.26 8.93 35.35
N ARG F 31 -8.77 8.25 34.33
CA ARG F 31 -9.86 8.70 33.48
C ARG F 31 -10.48 7.50 32.82
N LEU F 32 -11.70 7.65 32.31
CA LEU F 32 -12.37 6.55 31.61
C LEU F 32 -11.76 6.38 30.23
N HIS F 33 -11.42 5.13 29.90
CA HIS F 33 -10.90 4.76 28.59
C HIS F 33 -11.94 3.84 27.96
N ILE F 34 -12.41 4.20 26.76
CA ILE F 34 -13.38 3.39 26.03
C ILE F 34 -12.62 2.52 25.02
N VAL F 35 -12.83 1.21 25.11
CA VAL F 35 -12.20 0.23 24.23
C VAL F 35 -13.28 -0.47 23.42
N ALA F 36 -13.11 -0.52 22.09
CA ALA F 36 -13.98 -1.24 21.18
C ALA F 36 -13.12 -2.21 20.36
N THR F 37 -13.73 -3.26 19.79
CA THR F 37 -13.04 -4.25 18.98
C THR F 37 -13.78 -4.34 17.62
N PRO F 38 -13.63 -3.33 16.74
CA PRO F 38 -14.39 -3.38 15.47
C PRO F 38 -14.02 -4.53 14.56
N ASN F 39 -15.06 -5.15 14.01
CA ASN F 39 -14.96 -6.24 13.03
C ASN F 39 -15.70 -5.78 11.77
N ALA F 40 -15.73 -6.62 10.71
CA ALA F 40 -16.42 -6.31 9.44
C ALA F 40 -17.88 -5.88 9.66
N GLU F 41 -18.61 -6.60 10.52
CA GLU F 41 -20.03 -6.34 10.84
C GLU F 41 -20.21 -4.93 11.42
N ILE F 42 -19.33 -4.56 12.39
CA ILE F 42 -19.37 -3.23 13.03
C ILE F 42 -19.09 -2.12 11.99
N VAL F 43 -18.12 -2.32 11.10
CA VAL F 43 -17.79 -1.39 10.03
C VAL F 43 -19.05 -1.15 9.18
N MSE F 44 -19.75 -2.24 8.78
CA MSE F 44 -20.98 -2.14 8.00
C MSE F 44 -22.05 -1.35 8.74
O MSE F 44 -22.65 -0.44 8.15
CB MSE F 44 -21.49 -3.53 7.63
CG MSE F 44 -22.79 -3.44 6.83
SE MSE F 44 -23.43 -5.10 6.16
CE MSE F 44 -24.07 -5.92 7.81
N MSE F 45 -22.29 -1.70 10.03
CA MSE F 45 -23.27 -1.01 10.91
C MSE F 45 -23.02 0.50 11.00
O MSE F 45 -23.97 1.28 10.92
CB MSE F 45 -23.24 -1.60 12.32
CG MSE F 45 -23.93 -2.95 12.45
SE MSE F 45 -23.72 -3.59 14.28
CE MSE F 45 -25.25 -4.69 14.33
N ALA F 46 -21.75 0.89 11.18
CA ALA F 46 -21.32 2.29 11.34
C ALA F 46 -21.62 3.16 10.10
N GLN F 47 -21.64 2.56 8.89
CA GLN F 47 -21.98 3.24 7.63
C GLN F 47 -23.42 3.83 7.63
N LYS F 48 -24.35 3.14 8.32
CA LYS F 48 -25.75 3.55 8.36
C LYS F 48 -26.17 4.24 9.68
N ASP F 49 -25.30 4.17 10.70
CA ASP F 49 -25.55 4.69 12.03
C ASP F 49 -24.54 5.78 12.39
N LYS F 50 -24.94 7.05 12.15
CA LYS F 50 -24.12 8.26 12.39
C LYS F 50 -23.62 8.36 13.82
N GLU F 51 -24.49 8.03 14.81
CA GLU F 51 -24.13 8.05 16.24
C GLU F 51 -23.06 6.99 16.54
N TYR F 52 -23.21 5.77 15.97
CA TYR F 52 -22.23 4.69 16.16
C TYR F 52 -20.90 5.08 15.53
N MSE F 53 -20.93 5.66 14.32
CA MSE F 53 -19.72 6.14 13.63
C MSE F 53 -18.98 7.18 14.49
O MSE F 53 -17.76 7.10 14.63
CB MSE F 53 -20.07 6.72 12.24
CG MSE F 53 -18.87 7.30 11.49
SE MSE F 53 -17.60 5.89 11.03
CE MSE F 53 -18.54 5.18 9.42
N GLU F 54 -19.72 8.11 15.10
CA GLU F 54 -19.18 9.15 15.98
C GLU F 54 -18.51 8.53 17.23
N ILE F 55 -19.19 7.57 17.89
CA ILE F 55 -18.64 6.86 19.06
C ILE F 55 -17.31 6.16 18.71
N LEU F 56 -17.31 5.43 17.59
CA LEU F 56 -16.12 4.69 17.13
C LEU F 56 -14.94 5.60 16.77
N ASN F 57 -15.23 6.89 16.56
CA ASN F 57 -14.21 7.91 16.28
C ASN F 57 -13.75 8.62 17.54
N ASN F 58 -14.37 8.28 18.69
CA ASN F 58 -14.06 8.91 20.00
C ASN F 58 -13.64 7.90 21.08
N THR F 59 -13.24 6.69 20.68
CA THR F 59 -12.79 5.68 21.63
C THR F 59 -11.29 5.84 21.81
N ASP F 60 -10.74 5.29 22.91
CA ASP F 60 -9.31 5.36 23.23
C ASP F 60 -8.50 4.29 22.52
N LEU F 61 -9.14 3.18 22.17
CA LEU F 61 -8.49 2.05 21.52
C LEU F 61 -9.51 1.22 20.76
N ASN F 62 -9.24 1.00 19.45
CA ASN F 62 -10.04 0.17 18.56
C ASN F 62 -9.16 -0.96 18.09
N VAL F 63 -9.30 -2.14 18.73
CA VAL F 63 -8.49 -3.33 18.40
C VAL F 63 -9.21 -4.06 17.27
N PRO F 64 -8.53 -4.45 16.17
CA PRO F 64 -9.25 -5.18 15.10
C PRO F 64 -9.77 -6.52 15.59
N ASP F 65 -10.98 -6.89 15.17
CA ASP F 65 -11.57 -8.19 15.52
C ASP F 65 -11.92 -8.99 14.27
N GLY F 66 -11.48 -10.24 14.22
CA GLY F 66 -11.77 -11.16 13.12
C GLY F 66 -10.89 -11.03 11.89
N SER F 67 -11.24 -11.78 10.81
CA SER F 67 -10.48 -11.85 9.56
C SER F 67 -10.82 -10.77 8.56
N GLY F 68 -12.12 -10.51 8.39
CA GLY F 68 -12.62 -9.53 7.41
C GLY F 68 -11.96 -8.16 7.50
N ILE F 69 -11.87 -7.59 8.70
CA ILE F 69 -11.26 -6.26 8.89
C ILE F 69 -9.75 -6.28 8.54
N VAL F 70 -9.04 -7.38 8.83
CA VAL F 70 -7.62 -7.53 8.48
C VAL F 70 -7.50 -7.56 6.94
N PHE F 71 -8.38 -8.33 6.25
CA PHE F 71 -8.40 -8.42 4.80
C PHE F 71 -8.59 -7.02 4.19
N ALA F 72 -9.55 -6.21 4.73
CA ALA F 72 -9.80 -4.83 4.27
C ALA F 72 -8.55 -3.96 4.34
N SER F 73 -7.71 -4.15 5.39
CA SER F 73 -6.47 -3.39 5.61
C SER F 73 -5.35 -3.72 4.63
N LYS F 74 -5.48 -4.81 3.84
CA LYS F 74 -4.46 -5.23 2.86
C LYS F 74 -4.26 -4.18 1.73
N VAL F 75 -5.21 -3.23 1.57
CA VAL F 75 -5.10 -2.15 0.56
C VAL F 75 -3.99 -1.14 0.95
N PHE F 76 -3.59 -1.14 2.23
CA PHE F 76 -2.59 -0.22 2.78
C PHE F 76 -1.17 -0.76 2.64
N LYS F 77 -0.17 0.14 2.52
CA LYS F 77 1.27 -0.23 2.48
C LYS F 77 1.61 -0.94 3.81
N LYS F 78 0.96 -0.49 4.92
CA LYS F 78 1.13 -1.05 6.26
C LYS F 78 -0.21 -1.62 6.73
N PRO F 79 -0.54 -2.88 6.41
CA PRO F 79 -1.83 -3.44 6.86
C PRO F 79 -1.84 -3.73 8.38
N LEU F 80 -2.98 -4.21 8.89
CA LEU F 80 -3.10 -4.60 10.29
C LEU F 80 -2.15 -5.78 10.51
N PRO F 81 -1.25 -5.74 11.55
CA PRO F 81 -0.23 -6.80 11.67
C PRO F 81 -0.75 -8.21 11.92
N GLU F 82 -1.91 -8.37 12.59
CA GLU F 82 -2.43 -9.72 12.84
C GLU F 82 -3.92 -9.81 13.14
N ARG F 83 -4.47 -11.01 12.94
CA ARG F 83 -5.86 -11.32 13.24
C ARG F 83 -5.95 -11.48 14.75
N VAL F 84 -6.79 -10.67 15.36
CA VAL F 84 -7.03 -10.65 16.80
C VAL F 84 -8.53 -10.91 17.01
N ALA F 85 -8.89 -11.74 18.02
CA ALA F 85 -10.28 -11.98 18.40
C ALA F 85 -10.51 -11.17 19.67
N GLY F 86 -11.63 -10.43 19.75
CA GLY F 86 -11.95 -9.63 20.93
C GLY F 86 -12.04 -10.48 22.18
N PHE F 87 -12.52 -11.72 22.03
CA PHE F 87 -12.64 -12.67 23.13
C PHE F 87 -11.26 -13.00 23.75
N ASP F 88 -10.26 -13.26 22.89
CA ASP F 88 -8.90 -13.58 23.34
C ASP F 88 -8.24 -12.37 24.01
N LEU F 89 -8.53 -11.15 23.48
CA LEU F 89 -8.01 -9.91 24.07
C LEU F 89 -8.52 -9.77 25.51
N MSE F 90 -9.82 -10.00 25.72
CA MSE F 90 -10.44 -9.92 27.06
C MSE F 90 -9.76 -10.92 28.03
O MSE F 90 -9.34 -10.50 29.11
CB MSE F 90 -11.94 -10.19 26.99
CG MSE F 90 -12.66 -10.08 28.35
SE MSE F 90 -14.47 -10.89 28.27
CE MSE F 90 -13.94 -12.77 27.99
N LEU F 91 -9.68 -12.22 27.65
CA LEU F 91 -9.01 -13.22 28.49
C LEU F 91 -7.55 -12.91 28.77
N GLU F 92 -6.77 -12.46 27.74
CA GLU F 92 -5.35 -12.12 27.91
C GLU F 92 -5.19 -10.92 28.87
N PHE F 93 -6.04 -9.90 28.73
CA PHE F 93 -6.00 -8.77 29.63
C PHE F 93 -6.36 -9.19 31.09
N ILE F 94 -7.42 -10.02 31.27
CA ILE F 94 -7.86 -10.54 32.59
C ILE F 94 -6.72 -11.35 33.22
N LYS F 95 -6.10 -12.26 32.42
CA LYS F 95 -4.98 -13.09 32.85
C LYS F 95 -3.90 -12.23 33.56
N GLY F 96 -3.46 -11.16 32.90
CA GLY F 96 -2.43 -10.27 33.44
C GLY F 96 -2.86 -9.51 34.70
N ILE F 97 -4.12 -9.04 34.76
CA ILE F 97 -4.55 -8.24 35.92
C ILE F 97 -5.08 -9.09 37.09
N SER F 98 -5.32 -10.39 36.87
CA SER F 98 -5.86 -11.32 37.86
C SER F 98 -5.00 -11.44 39.12
N SER F 99 -3.68 -11.22 39.01
CA SER F 99 -2.75 -11.30 40.13
C SER F 99 -2.38 -9.91 40.68
N LYS F 100 -2.99 -8.85 40.12
CA LYS F 100 -2.68 -7.46 40.49
C LYS F 100 -3.74 -6.76 41.35
N GLY F 101 -4.82 -7.46 41.68
CA GLY F 101 -5.89 -6.92 42.51
C GLY F 101 -6.76 -5.90 41.81
N VAL F 102 -6.71 -5.84 40.46
CA VAL F 102 -7.50 -4.90 39.66
C VAL F 102 -8.97 -5.31 39.76
N LYS F 103 -9.80 -4.40 40.31
CA LYS F 103 -11.22 -4.65 40.53
C LYS F 103 -11.98 -4.67 39.19
N ILE F 104 -12.66 -5.78 38.92
CA ILE F 104 -13.40 -6.03 37.70
C ILE F 104 -14.89 -6.12 37.99
N TYR F 105 -15.68 -5.51 37.12
CA TYR F 105 -17.14 -5.63 37.18
C TYR F 105 -17.64 -6.23 35.85
N LEU F 106 -18.56 -7.22 35.94
CA LEU F 106 -19.15 -7.88 34.77
C LEU F 106 -20.60 -7.44 34.59
N LEU F 107 -20.91 -6.72 33.51
CA LEU F 107 -22.26 -6.28 33.23
C LEU F 107 -22.73 -6.81 31.88
N GLY F 108 -23.81 -7.59 31.88
CA GLY F 108 -24.38 -8.13 30.65
C GLY F 108 -24.85 -9.57 30.73
N ALA F 109 -25.49 -10.02 29.64
CA ALA F 109 -26.05 -11.37 29.41
C ALA F 109 -27.29 -11.67 30.30
N ALA F 110 -27.96 -12.81 30.05
CA ALA F 110 -29.19 -13.17 30.79
C ALA F 110 -28.93 -13.57 32.24
N ALA F 111 -30.02 -13.65 33.02
CA ALA F 111 -30.02 -14.04 34.43
C ALA F 111 -29.11 -15.23 34.74
N GLN F 112 -28.12 -15.01 35.62
CA GLN F 112 -27.10 -15.91 36.17
C GLN F 112 -25.88 -16.17 35.25
N VAL F 113 -25.88 -15.68 33.99
CA VAL F 113 -24.75 -15.87 33.07
C VAL F 113 -23.50 -15.09 33.53
N ALA F 114 -23.66 -13.82 33.94
CA ALA F 114 -22.52 -13.02 34.44
C ALA F 114 -21.94 -13.67 35.70
N GLU F 115 -22.81 -14.18 36.58
CA GLU F 115 -22.45 -14.87 37.83
C GLU F 115 -21.64 -16.16 37.53
N GLN F 116 -22.08 -16.95 36.53
CA GLN F 116 -21.41 -18.18 36.12
C GLN F 116 -20.07 -17.85 35.48
N ALA F 117 -20.01 -16.77 34.66
CA ALA F 117 -18.77 -16.29 34.02
C ALA F 117 -17.74 -15.91 35.09
N ARG F 118 -18.20 -15.19 36.15
CA ARG F 118 -17.40 -14.80 37.31
C ARG F 118 -16.79 -16.03 37.97
N ALA F 119 -17.63 -17.04 38.28
CA ALA F 119 -17.21 -18.30 38.91
C ALA F 119 -16.14 -19.01 38.10
N ASN F 120 -16.30 -19.10 36.75
CA ASN F 120 -15.33 -19.77 35.89
C ASN F 120 -14.06 -19.00 35.70
N LEU F 121 -14.14 -17.64 35.66
CA LEU F 121 -12.94 -16.81 35.58
C LEU F 121 -12.10 -16.95 36.86
N GLU F 122 -12.77 -17.11 38.02
CA GLU F 122 -12.11 -17.34 39.30
C GLU F 122 -11.36 -18.66 39.33
N LYS F 123 -11.89 -19.69 38.64
CA LYS F 123 -11.23 -21.00 38.52
C LYS F 123 -10.06 -20.92 37.53
N LEU F 124 -10.28 -20.25 36.37
CA LEU F 124 -9.27 -20.10 35.31
C LEU F 124 -8.10 -19.21 35.73
N TYR F 125 -8.39 -18.10 36.44
CA TYR F 125 -7.37 -17.14 36.84
C TYR F 125 -7.43 -16.95 38.37
N PRO F 126 -6.84 -17.89 39.16
CA PRO F 126 -6.90 -17.75 40.63
C PRO F 126 -6.39 -16.41 41.12
N GLY F 127 -7.19 -15.76 41.96
CA GLY F 127 -6.86 -14.45 42.53
C GLY F 127 -7.59 -13.29 41.90
N VAL F 128 -8.16 -13.47 40.67
CA VAL F 128 -8.90 -12.45 39.95
C VAL F 128 -9.95 -11.77 40.88
N LYS F 129 -9.99 -10.44 40.88
CA LYS F 129 -10.89 -9.70 41.77
C LYS F 129 -12.08 -9.14 41.02
N ILE F 130 -13.16 -9.96 40.96
CA ILE F 130 -14.42 -9.58 40.34
C ILE F 130 -15.32 -9.14 41.47
N VAL F 131 -15.48 -7.82 41.62
CA VAL F 131 -16.21 -7.17 42.72
C VAL F 131 -17.73 -7.23 42.57
N GLY F 132 -18.21 -7.44 41.37
CA GLY F 132 -19.66 -7.49 41.14
C GLY F 132 -20.04 -7.89 39.75
N THR F 133 -21.30 -8.31 39.63
CA THR F 133 -21.92 -8.74 38.38
C THR F 133 -23.37 -8.24 38.33
N HIS F 134 -23.89 -8.06 37.09
CA HIS F 134 -25.28 -7.67 36.86
C HIS F 134 -25.67 -8.08 35.45
N HIS F 135 -26.92 -8.57 35.28
CA HIS F 135 -27.42 -9.02 33.99
C HIS F 135 -27.56 -7.82 33.03
N GLY F 136 -27.63 -8.09 31.73
CA GLY F 136 -27.73 -7.05 30.70
C GLY F 136 -29.09 -6.79 30.09
N TYR F 137 -30.15 -7.22 30.74
CA TYR F 137 -31.49 -6.96 30.17
C TYR F 137 -32.23 -5.99 31.06
N PHE F 138 -31.50 -4.91 31.45
CA PHE F 138 -32.00 -3.85 32.33
C PHE F 138 -32.71 -2.75 31.55
N THR F 139 -33.67 -2.10 32.21
CA THR F 139 -34.44 -1.01 31.62
C THR F 139 -33.60 0.27 31.73
N GLU F 140 -33.92 1.27 30.88
CA GLU F 140 -33.17 2.54 30.83
C GLU F 140 -33.08 3.25 32.19
N GLU F 141 -34.13 3.15 33.03
CA GLU F 141 -34.28 3.73 34.36
C GLU F 141 -33.56 2.94 35.46
N GLU F 142 -33.14 1.69 35.20
CA GLU F 142 -32.41 0.86 36.16
C GLU F 142 -30.93 1.14 36.12
N GLU F 143 -30.52 1.75 35.02
CA GLU F 143 -29.17 2.12 34.63
C GLU F 143 -28.43 2.95 35.71
N ASN F 144 -29.04 4.01 36.25
CA ASN F 144 -28.42 4.86 37.28
C ASN F 144 -28.05 4.09 38.54
N LYS F 145 -28.92 3.17 39.04
CA LYS F 145 -28.60 2.33 40.21
C LYS F 145 -27.50 1.31 39.89
N ILE F 146 -27.43 0.84 38.62
CA ILE F 146 -26.40 -0.12 38.16
C ILE F 146 -25.04 0.59 38.21
N ILE F 147 -24.95 1.77 37.54
CA ILE F 147 -23.76 2.62 37.50
C ILE F 147 -23.31 2.96 38.93
N GLU F 148 -24.28 3.27 39.85
CA GLU F 148 -23.98 3.54 41.26
C GLU F 148 -23.31 2.34 41.93
N GLU F 149 -23.79 1.11 41.66
CA GLU F 149 -23.19 -0.12 42.23
C GLU F 149 -21.78 -0.34 41.70
N ILE F 150 -21.55 -0.10 40.40
CA ILE F 150 -20.27 -0.22 39.73
C ILE F 150 -19.27 0.74 40.40
N ASN F 151 -19.69 2.00 40.60
CA ASN F 151 -18.87 3.04 41.23
C ASN F 151 -18.65 2.78 42.73
N ASN F 152 -19.69 2.34 43.45
CA ASN F 152 -19.61 2.05 44.88
C ASN F 152 -18.64 0.90 45.17
N LYS F 153 -18.59 -0.09 44.29
CA LYS F 153 -17.69 -1.26 44.40
C LYS F 153 -16.26 -0.94 43.99
N GLY F 154 -16.03 0.29 43.53
CA GLY F 154 -14.72 0.78 43.10
C GLY F 154 -14.14 0.04 41.91
N ALA F 155 -15.00 -0.47 41.02
CA ALA F 155 -14.52 -1.18 39.84
C ALA F 155 -13.56 -0.32 38.99
N GLU F 156 -12.43 -0.91 38.55
CA GLU F 156 -11.43 -0.25 37.70
C GLU F 156 -11.66 -0.63 36.23
N VAL F 157 -12.11 -1.88 35.99
CA VAL F 157 -12.34 -2.45 34.67
C VAL F 157 -13.79 -2.94 34.60
N LEU F 158 -14.50 -2.50 33.57
CA LEU F 158 -15.88 -2.90 33.38
C LEU F 158 -16.01 -3.57 32.00
N PHE F 159 -16.45 -4.83 31.99
CA PHE F 159 -16.70 -5.55 30.74
C PHE F 159 -18.21 -5.49 30.51
N VAL F 160 -18.58 -5.01 29.31
CA VAL F 160 -19.97 -4.76 28.92
C VAL F 160 -20.39 -5.75 27.83
N ALA F 161 -21.09 -6.83 28.25
CA ALA F 161 -21.54 -7.90 27.35
C ALA F 161 -22.98 -7.69 26.90
N LEU F 162 -23.19 -6.61 26.11
CA LEU F 162 -24.52 -6.24 25.63
C LEU F 162 -24.69 -6.41 24.12
N GLY F 163 -23.57 -6.59 23.40
CA GLY F 163 -23.58 -6.75 21.96
C GLY F 163 -23.44 -5.43 21.25
N ALA F 164 -22.83 -5.44 20.06
CA ALA F 164 -22.65 -4.22 19.27
C ALA F 164 -23.93 -3.91 18.46
N PRO F 165 -24.37 -2.64 18.34
CA PRO F 165 -23.78 -1.39 18.87
C PRO F 165 -24.21 -1.00 20.30
N LYS F 166 -25.20 -1.71 20.92
CA LYS F 166 -25.74 -1.45 22.28
C LYS F 166 -24.66 -1.24 23.37
N GLN F 167 -23.60 -2.07 23.35
CA GLN F 167 -22.51 -1.96 24.33
C GLN F 167 -21.71 -0.64 24.20
N GLU F 168 -21.28 -0.22 22.98
CA GLU F 168 -20.53 1.03 22.78
C GLU F 168 -21.43 2.24 23.08
N LYS F 169 -22.70 2.18 22.67
CA LYS F 169 -23.66 3.25 22.88
C LYS F 169 -23.96 3.45 24.36
N TRP F 170 -24.11 2.34 25.12
CA TRP F 170 -24.35 2.40 26.56
C TRP F 170 -23.16 3.02 27.29
N ILE F 171 -21.94 2.56 26.98
CA ILE F 171 -20.71 3.08 27.57
C ILE F 171 -20.56 4.59 27.29
N TYR F 172 -20.66 4.98 26.00
CA TYR F 172 -20.54 6.38 25.57
C TYR F 172 -21.57 7.30 26.19
N LYS F 173 -22.84 6.86 26.24
CA LYS F 173 -23.91 7.66 26.88
C LYS F 173 -23.59 7.92 28.37
N ASN F 174 -22.93 6.94 29.01
CA ASN F 174 -22.60 6.99 30.43
C ASN F 174 -21.13 7.28 30.73
N LYS F 175 -20.40 7.85 29.74
CA LYS F 175 -18.97 8.14 29.86
C LYS F 175 -18.60 9.10 31.00
N ASP F 176 -19.53 10.01 31.39
CA ASP F 176 -19.27 10.95 32.47
C ASP F 176 -19.78 10.46 33.83
N LYS F 177 -20.55 9.35 33.84
CA LYS F 177 -21.14 8.75 35.05
C LYS F 177 -20.30 7.60 35.60
N LEU F 178 -19.72 6.80 34.70
CA LEU F 178 -18.86 5.65 35.05
C LEU F 178 -17.51 6.09 35.58
N LYS F 179 -17.16 5.66 36.80
CA LYS F 179 -15.88 6.02 37.41
C LYS F 179 -14.85 4.87 37.29
N VAL F 180 -14.84 4.21 36.13
CA VAL F 180 -13.90 3.10 35.87
C VAL F 180 -12.79 3.62 34.98
N LYS F 181 -11.64 2.92 34.95
CA LYS F 181 -10.55 3.32 34.07
C LYS F 181 -10.74 2.72 32.69
N ILE F 182 -11.37 1.54 32.60
CA ILE F 182 -11.59 0.89 31.30
C ILE F 182 -13.02 0.34 31.22
N ALA F 183 -13.71 0.66 30.14
CA ALA F 183 -15.03 0.14 29.81
C ALA F 183 -14.89 -0.44 28.42
N MSE F 184 -15.15 -1.74 28.31
CA MSE F 184 -14.96 -2.46 27.07
C MSE F 184 -16.14 -3.38 26.75
O MSE F 184 -16.50 -4.21 27.58
CB MSE F 184 -13.63 -3.27 27.14
CG MSE F 184 -13.34 -4.12 25.91
SE MSE F 184 -11.80 -5.31 26.18
CE MSE F 184 -10.64 -4.02 27.02
N GLY F 185 -16.68 -3.22 25.54
CA GLY F 185 -17.77 -4.04 25.02
C GLY F 185 -17.22 -5.42 24.67
N VAL F 186 -17.89 -6.50 25.15
CA VAL F 186 -17.37 -7.87 24.93
C VAL F 186 -18.39 -8.83 24.28
N GLY F 187 -19.55 -8.33 23.83
CA GLY F 187 -20.56 -9.12 23.12
C GLY F 187 -21.03 -10.37 23.84
N GLY F 188 -20.91 -11.52 23.19
CA GLY F 188 -21.32 -12.79 23.77
C GLY F 188 -20.28 -13.50 24.62
N SER F 189 -19.18 -12.79 24.99
CA SER F 189 -18.04 -13.36 25.75
C SER F 189 -18.42 -14.00 27.09
N PHE F 190 -19.43 -13.48 27.83
CA PHE F 190 -19.81 -14.09 29.11
C PHE F 190 -20.49 -15.43 28.89
N ASP F 191 -21.37 -15.53 27.87
CA ASP F 191 -22.11 -16.76 27.56
C ASP F 191 -21.20 -17.96 27.33
N VAL F 192 -20.13 -17.76 26.55
CA VAL F 192 -19.16 -18.80 26.21
C VAL F 192 -18.19 -19.15 27.35
N ILE F 193 -18.06 -18.28 28.37
CA ILE F 193 -17.22 -18.58 29.52
C ILE F 193 -18.05 -19.20 30.65
N ALA F 194 -19.38 -19.01 30.59
CA ALA F 194 -20.35 -19.49 31.58
C ALA F 194 -20.66 -21.01 31.54
N GLY F 195 -20.07 -21.73 30.59
CA GLY F 195 -20.25 -23.17 30.42
C GLY F 195 -19.41 -24.02 31.35
N GLU G 2 30.32 -6.84 -11.73
CA GLU G 2 29.80 -5.66 -12.44
C GLU G 2 29.46 -4.52 -11.52
N ARG G 3 29.18 -4.82 -10.24
CA ARG G 3 28.82 -3.80 -9.24
C ARG G 3 29.51 -4.08 -7.92
N LEU G 4 29.70 -3.01 -7.15
CA LEU G 4 30.16 -3.06 -5.78
C LEU G 4 29.20 -2.26 -4.90
N ASP G 5 29.21 -2.58 -3.62
CA ASP G 5 28.33 -1.96 -2.65
C ASP G 5 29.08 -0.97 -1.79
N ILE G 6 28.64 0.28 -1.78
CA ILE G 6 29.23 1.34 -0.96
C ILE G 6 28.15 1.73 0.03
N PHE G 7 28.23 1.13 1.25
CA PHE G 7 27.31 1.37 2.37
C PHE G 7 25.83 1.24 1.95
N GLY G 8 25.51 0.16 1.24
CA GLY G 8 24.14 -0.12 0.78
C GLY G 8 23.82 0.41 -0.59
N VAL G 9 24.65 1.33 -1.11
CA VAL G 9 24.43 1.90 -2.44
C VAL G 9 25.19 1.09 -3.48
N PRO G 10 24.50 0.52 -4.50
CA PRO G 10 25.23 -0.23 -5.54
C PRO G 10 25.83 0.76 -6.56
N ILE G 11 27.06 0.51 -6.97
CA ILE G 11 27.75 1.37 -7.93
C ILE G 11 28.31 0.48 -9.02
N ASP G 12 28.01 0.82 -10.28
CA ASP G 12 28.48 0.06 -11.42
C ASP G 12 29.98 0.27 -11.61
N ARG G 13 30.68 -0.86 -11.78
CA ARG G 13 32.13 -0.83 -11.91
C ARG G 13 32.43 -0.51 -13.39
N VAL G 14 32.30 0.78 -13.74
CA VAL G 14 32.43 1.27 -15.12
C VAL G 14 33.32 2.48 -15.25
N THR G 15 34.02 2.57 -16.38
CA THR G 15 34.82 3.74 -16.74
C THR G 15 33.82 4.68 -17.43
N MSE G 16 34.26 5.90 -17.73
CA MSE G 16 33.49 6.91 -18.45
C MSE G 16 32.97 6.35 -19.79
O MSE G 16 31.77 6.44 -20.08
CB MSE G 16 34.37 8.15 -18.65
CG MSE G 16 34.18 8.86 -20.00
SE MSE G 16 32.65 9.96 -19.89
CE MSE G 16 33.53 11.37 -19.05
N ILE G 17 33.89 5.77 -20.59
CA ILE G 17 33.61 5.20 -21.92
C ILE G 17 32.61 4.06 -21.86
N GLN G 18 32.76 3.17 -20.86
CA GLN G 18 31.85 2.04 -20.68
C GLN G 18 30.46 2.54 -20.33
N ALA G 19 30.38 3.58 -19.48
CA ALA G 19 29.10 4.18 -19.07
C ALA G 19 28.40 4.79 -20.30
N VAL G 20 29.16 5.50 -21.17
CA VAL G 20 28.64 6.08 -22.42
C VAL G 20 28.09 4.98 -23.34
N ASP G 21 28.87 3.87 -23.49
CA ASP G 21 28.45 2.72 -24.30
C ASP G 21 27.14 2.12 -23.77
N ILE G 22 26.99 2.02 -22.43
CA ILE G 22 25.77 1.48 -21.81
C ILE G 22 24.58 2.38 -22.12
N LEU G 23 24.76 3.71 -21.97
CA LEU G 23 23.71 4.70 -22.29
C LEU G 23 23.28 4.59 -23.76
N ASN G 24 24.26 4.44 -24.68
CA ASN G 24 23.96 4.29 -26.12
C ASN G 24 23.11 3.02 -26.32
N ASN G 25 23.46 1.91 -25.63
CA ASN G 25 22.71 0.65 -25.70
C ASN G 25 21.28 0.78 -25.15
N PHE G 26 21.10 1.60 -24.09
CA PHE G 26 19.79 1.88 -23.47
C PHE G 26 18.81 2.48 -24.50
N LEU G 27 19.32 3.28 -25.46
CA LEU G 27 18.53 3.89 -26.54
C LEU G 27 17.89 2.85 -27.47
N GLN G 28 18.40 1.61 -27.47
CA GLN G 28 17.84 0.53 -28.30
C GLN G 28 16.73 -0.24 -27.57
N GLU G 29 16.48 0.08 -26.28
CA GLU G 29 15.43 -0.58 -25.48
C GLU G 29 14.31 0.40 -25.22
N ASN G 30 13.10 0.12 -25.75
CA ASN G 30 11.94 0.99 -25.62
C ASN G 30 11.27 0.94 -24.24
N ARG G 31 11.99 1.43 -23.24
CA ARG G 31 11.51 1.54 -21.86
C ARG G 31 12.31 2.64 -21.17
N LEU G 32 11.82 3.14 -20.04
CA LEU G 32 12.55 4.15 -19.29
C LEU G 32 13.71 3.52 -18.55
N HIS G 33 14.89 4.15 -18.64
CA HIS G 33 16.10 3.75 -17.92
C HIS G 33 16.48 4.90 -16.99
N ILE G 34 16.59 4.61 -15.68
CA ILE G 34 16.98 5.61 -14.69
C ILE G 34 18.48 5.54 -14.45
N VAL G 35 19.16 6.67 -14.63
CA VAL G 35 20.61 6.79 -14.43
C VAL G 35 20.88 7.76 -13.30
N ALA G 36 21.70 7.34 -12.32
CA ALA G 36 22.15 8.20 -11.22
C ALA G 36 23.67 8.17 -11.21
N THR G 37 24.30 9.19 -10.59
CA THR G 37 25.76 9.29 -10.51
C THR G 37 26.13 9.46 -9.02
N PRO G 38 26.06 8.39 -8.20
CA PRO G 38 26.35 8.57 -6.77
C PRO G 38 27.80 8.96 -6.46
N ASN G 39 27.93 9.92 -5.55
CA ASN G 39 29.20 10.44 -5.03
C ASN G 39 29.20 10.25 -3.52
N ALA G 40 30.28 10.67 -2.82
CA ALA G 40 30.41 10.55 -1.36
C ALA G 40 29.22 11.18 -0.62
N GLU G 41 28.80 12.37 -1.04
CA GLU G 41 27.68 13.13 -0.48
C GLU G 41 26.36 12.35 -0.60
N ILE G 42 26.10 11.75 -1.77
CA ILE G 42 24.87 10.95 -2.01
C ILE G 42 24.87 9.70 -1.12
N VAL G 43 26.02 9.00 -0.99
CA VAL G 43 26.14 7.82 -0.14
C VAL G 43 25.80 8.21 1.32
N MSE G 44 26.28 9.40 1.79
CA MSE G 44 25.97 9.90 3.14
C MSE G 44 24.46 10.19 3.28
O MSE G 44 23.85 9.77 4.26
CB MSE G 44 26.79 11.16 3.45
CG MSE G 44 26.45 11.73 4.80
SE MSE G 44 27.59 13.16 5.35
CE MSE G 44 26.85 14.54 4.29
N MSE G 45 23.88 10.91 2.29
CA MSE G 45 22.44 11.24 2.27
C MSE G 45 21.55 9.97 2.32
O MSE G 45 20.56 9.95 3.05
CB MSE G 45 22.07 12.03 1.01
CG MSE G 45 22.49 13.47 1.04
SE MSE G 45 22.08 14.27 -0.69
CE MSE G 45 21.91 16.09 -0.08
N ALA G 46 21.89 8.92 1.55
CA ALA G 46 21.11 7.67 1.50
C ALA G 46 21.08 6.88 2.85
N GLN G 47 22.08 7.10 3.72
CA GLN G 47 22.14 6.46 5.06
C GLN G 47 21.00 6.97 5.97
N LYS G 48 20.57 8.24 5.78
CA LYS G 48 19.52 8.87 6.57
C LYS G 48 18.16 8.95 5.87
N ASP G 49 18.11 8.62 4.58
CA ASP G 49 16.90 8.72 3.76
C ASP G 49 16.58 7.36 3.15
N LYS G 50 15.70 6.59 3.82
CA LYS G 50 15.31 5.24 3.38
C LYS G 50 14.72 5.21 1.96
N GLU G 51 13.88 6.22 1.59
CA GLU G 51 13.30 6.33 0.25
C GLU G 51 14.40 6.52 -0.81
N TYR G 52 15.40 7.39 -0.53
CA TYR G 52 16.52 7.64 -1.43
C TYR G 52 17.37 6.36 -1.59
N MSE G 53 17.60 5.63 -0.47
CA MSE G 53 18.35 4.36 -0.51
C MSE G 53 17.64 3.35 -1.43
O MSE G 53 18.29 2.68 -2.23
CB MSE G 53 18.54 3.79 0.91
CG MSE G 53 19.23 2.45 0.93
SE MSE G 53 21.08 2.62 0.37
CE MSE G 53 21.83 3.23 2.10
N GLU G 54 16.31 3.29 -1.32
CA GLU G 54 15.46 2.40 -2.14
C GLU G 54 15.59 2.73 -3.62
N ILE G 55 15.50 4.02 -3.97
CA ILE G 55 15.61 4.50 -5.36
C ILE G 55 16.97 4.11 -5.96
N LEU G 56 18.04 4.37 -5.21
CA LEU G 56 19.42 4.07 -5.65
C LEU G 56 19.66 2.57 -5.86
N ASN G 57 18.84 1.74 -5.23
CA ASN G 57 18.87 0.27 -5.37
C ASN G 57 17.96 -0.21 -6.50
N ASN G 58 17.27 0.70 -7.19
CA ASN G 58 16.34 0.36 -8.27
C ASN G 58 16.60 1.10 -9.59
N THR G 59 17.76 1.75 -9.73
CA THR G 59 18.13 2.44 -10.97
C THR G 59 18.74 1.44 -11.96
N ASP G 60 18.80 1.78 -13.27
CA ASP G 60 19.38 0.93 -14.32
C ASP G 60 20.90 1.04 -14.40
N LEU G 61 21.45 2.16 -13.95
CA LEU G 61 22.88 2.42 -13.99
C LEU G 61 23.27 3.47 -12.95
N ASN G 62 24.23 3.13 -12.07
CA ASN G 62 24.82 4.05 -11.07
C ASN G 62 26.29 4.25 -11.40
N VAL G 63 26.62 5.36 -12.06
CA VAL G 63 28.00 5.67 -12.45
C VAL G 63 28.68 6.37 -11.26
N PRO G 64 29.89 5.96 -10.82
CA PRO G 64 30.55 6.69 -9.72
C PRO G 64 30.83 8.15 -10.09
N ASP G 65 30.61 9.06 -9.14
CA ASP G 65 30.92 10.48 -9.35
C ASP G 65 31.90 10.97 -8.29
N GLY G 66 32.95 11.65 -8.73
CA GLY G 66 33.95 12.24 -7.84
C GLY G 66 35.03 11.28 -7.36
N SER G 67 35.92 11.78 -6.50
CA SER G 67 37.09 11.06 -6.00
C SER G 67 36.82 10.21 -4.75
N GLY G 68 36.05 10.77 -3.81
CA GLY G 68 35.71 10.11 -2.55
C GLY G 68 35.15 8.70 -2.71
N ILE G 69 34.16 8.51 -3.61
CA ILE G 69 33.55 7.19 -3.83
C ILE G 69 34.57 6.18 -4.40
N VAL G 70 35.51 6.64 -5.25
CA VAL G 70 36.58 5.79 -5.80
C VAL G 70 37.51 5.35 -4.67
N PHE G 71 37.89 6.31 -3.77
CA PHE G 71 38.72 6.03 -2.61
C PHE G 71 38.07 4.95 -1.74
N ALA G 72 36.75 5.04 -1.47
CA ALA G 72 35.99 4.06 -0.68
C ALA G 72 36.07 2.66 -1.30
N SER G 73 36.07 2.56 -2.66
CA SER G 73 36.12 1.30 -3.37
C SER G 73 37.48 0.59 -3.30
N LYS G 74 38.55 1.29 -2.84
CA LYS G 74 39.90 0.70 -2.72
C LYS G 74 39.97 -0.49 -1.74
N VAL G 75 38.97 -0.62 -0.85
CA VAL G 75 38.87 -1.75 0.12
C VAL G 75 38.54 -3.08 -0.61
N PHE G 76 38.03 -3.01 -1.85
CA PHE G 76 37.66 -4.19 -2.64
C PHE G 76 38.81 -4.74 -3.44
N LYS G 77 38.80 -6.06 -3.70
CA LYS G 77 39.76 -6.76 -4.55
C LYS G 77 39.67 -6.15 -5.97
N LYS G 78 38.46 -5.72 -6.39
CA LYS G 78 38.21 -5.06 -7.67
C LYS G 78 37.65 -3.65 -7.42
N PRO G 79 38.51 -2.62 -7.25
CA PRO G 79 37.98 -1.27 -7.01
C PRO G 79 37.37 -0.65 -8.26
N LEU G 80 36.77 0.56 -8.12
CA LEU G 80 36.21 1.28 -9.26
C LEU G 80 37.38 1.62 -10.20
N PRO G 81 37.26 1.37 -11.52
CA PRO G 81 38.41 1.57 -12.42
C PRO G 81 38.93 3.00 -12.58
N GLU G 82 38.06 4.02 -12.45
CA GLU G 82 38.50 5.41 -12.60
C GLU G 82 37.56 6.45 -11.99
N ARG G 83 38.11 7.64 -11.76
CA ARG G 83 37.38 8.79 -11.26
C ARG G 83 36.61 9.36 -12.45
N VAL G 84 35.28 9.42 -12.31
CA VAL G 84 34.37 9.92 -13.33
C VAL G 84 33.60 11.08 -12.73
N ALA G 85 33.36 12.14 -13.53
CA ALA G 85 32.51 13.25 -13.11
C ALA G 85 31.21 13.09 -13.89
N GLY G 86 30.08 13.25 -13.18
CA GLY G 86 28.75 13.14 -13.78
C GLY G 86 28.57 14.16 -14.90
N PHE G 87 29.20 15.35 -14.73
CA PHE G 87 29.16 16.43 -15.72
C PHE G 87 29.80 15.99 -17.05
N ASP G 88 30.98 15.35 -16.98
CA ASP G 88 31.71 14.88 -18.15
C ASP G 88 30.95 13.77 -18.85
N LEU G 89 30.31 12.86 -18.08
CA LEU G 89 29.49 11.78 -18.61
C LEU G 89 28.33 12.37 -19.46
N MSE G 90 27.65 13.40 -18.93
CA MSE G 90 26.56 14.06 -19.66
C MSE G 90 27.07 14.64 -20.99
O MSE G 90 26.44 14.38 -22.03
CB MSE G 90 25.96 15.18 -18.78
CG MSE G 90 24.81 15.93 -19.45
SE MSE G 90 24.47 17.56 -18.47
CE MSE G 90 23.64 18.60 -19.92
N LEU G 91 28.18 15.42 -20.98
CA LEU G 91 28.70 16.04 -22.19
C LEU G 91 29.16 15.01 -23.22
N GLU G 92 29.84 13.94 -22.75
CA GLU G 92 30.33 12.89 -23.63
C GLU G 92 29.14 12.16 -24.27
N PHE G 93 28.10 11.86 -23.50
CA PHE G 93 26.90 11.21 -24.02
C PHE G 93 26.20 12.09 -25.10
N ILE G 94 26.03 13.41 -24.79
CA ILE G 94 25.42 14.40 -25.70
C ILE G 94 26.22 14.47 -27.01
N LYS G 95 27.57 14.57 -26.90
CA LYS G 95 28.49 14.62 -28.03
C LYS G 95 28.18 13.49 -29.03
N GLY G 96 28.10 12.25 -28.54
CA GLY G 96 27.83 11.09 -29.39
C GLY G 96 26.44 11.07 -30.03
N ILE G 97 25.41 11.51 -29.29
CA ILE G 97 24.05 11.47 -29.83
C ILE G 97 23.67 12.72 -30.65
N SER G 98 24.51 13.79 -30.62
CA SER G 98 24.26 15.06 -31.30
C SER G 98 24.18 14.94 -32.83
N SER G 99 24.78 13.89 -33.40
CA SER G 99 24.77 13.63 -34.85
C SER G 99 23.80 12.49 -35.22
N LYS G 100 23.04 11.98 -34.22
CA LYS G 100 22.14 10.84 -34.42
C LYS G 100 20.64 11.18 -34.38
N GLY G 101 20.31 12.45 -34.20
CA GLY G 101 18.93 12.91 -34.15
C GLY G 101 18.15 12.54 -32.90
N VAL G 102 18.87 12.16 -31.82
CA VAL G 102 18.27 11.76 -30.54
C VAL G 102 17.67 13.00 -29.86
N LYS G 103 16.33 13.00 -29.67
CA LYS G 103 15.60 14.10 -29.06
C LYS G 103 15.91 14.24 -27.57
N ILE G 104 16.40 15.41 -27.17
CA ILE G 104 16.81 15.72 -25.80
C ILE G 104 15.87 16.77 -25.19
N TYR G 105 15.52 16.58 -23.92
CA TYR G 105 14.79 17.56 -23.16
C TYR G 105 15.61 18.00 -21.94
N LEU G 106 15.68 19.34 -21.69
CA LEU G 106 16.39 19.86 -20.52
C LEU G 106 15.40 20.32 -19.47
N LEU G 107 15.41 19.70 -18.28
CA LEU G 107 14.52 20.12 -17.19
C LEU G 107 15.33 20.50 -15.94
N GLY G 108 15.21 21.75 -15.51
CA GLY G 108 15.87 22.17 -14.29
C GLY G 108 16.45 23.56 -14.33
N ALA G 109 16.98 23.99 -13.17
CA ALA G 109 17.64 25.28 -12.90
C ALA G 109 16.69 26.48 -12.96
N ALA G 110 17.15 27.67 -12.54
CA ALA G 110 16.31 28.88 -12.49
C ALA G 110 15.90 29.39 -13.88
N ALA G 111 14.92 30.31 -13.92
CA ALA G 111 14.39 30.93 -15.13
C ALA G 111 15.47 31.29 -16.18
N GLN G 112 15.34 30.70 -17.39
CA GLN G 112 16.16 30.86 -18.60
C GLN G 112 17.52 30.12 -18.59
N VAL G 113 17.90 29.45 -17.47
CA VAL G 113 19.20 28.74 -17.39
C VAL G 113 19.21 27.53 -18.35
N ALA G 114 18.11 26.71 -18.37
CA ALA G 114 18.01 25.56 -19.28
C ALA G 114 18.02 26.03 -20.75
N GLU G 115 17.39 27.19 -21.04
CA GLU G 115 17.33 27.81 -22.37
C GLU G 115 18.71 28.24 -22.82
N GLN G 116 19.50 28.88 -21.93
CA GLN G 116 20.86 29.33 -22.20
C GLN G 116 21.76 28.11 -22.40
N ALA G 117 21.62 27.04 -21.55
CA ALA G 117 22.37 25.79 -21.68
C ALA G 117 22.06 25.12 -23.05
N ARG G 118 20.78 25.14 -23.50
CA ARG G 118 20.36 24.61 -24.81
C ARG G 118 21.09 25.36 -25.93
N ALA G 119 21.07 26.71 -25.88
CA ALA G 119 21.75 27.57 -26.85
C ALA G 119 23.24 27.24 -26.92
N ASN G 120 23.89 27.07 -25.76
CA ASN G 120 25.32 26.77 -25.69
C ASN G 120 25.67 25.37 -26.20
N LEU G 121 24.81 24.38 -25.91
CA LEU G 121 25.01 23.00 -26.39
C LEU G 121 24.83 22.92 -27.92
N GLU G 122 23.95 23.76 -28.48
CA GLU G 122 23.74 23.82 -29.94
C GLU G 122 24.96 24.38 -30.65
N LYS G 123 25.71 25.31 -29.99
CA LYS G 123 26.95 25.86 -30.52
C LYS G 123 28.09 24.84 -30.39
N LEU G 124 28.20 24.17 -29.22
CA LEU G 124 29.22 23.17 -28.91
C LEU G 124 29.09 21.89 -29.72
N TYR G 125 27.84 21.41 -29.91
CA TYR G 125 27.57 20.18 -30.63
C TYR G 125 26.61 20.45 -31.79
N PRO G 126 27.09 20.99 -32.93
CA PRO G 126 26.16 21.28 -34.04
C PRO G 126 25.35 20.07 -34.49
N GLY G 127 24.05 20.26 -34.59
CA GLY G 127 23.12 19.21 -35.00
C GLY G 127 22.35 18.61 -33.84
N VAL G 128 22.78 18.91 -32.57
CA VAL G 128 22.12 18.41 -31.36
C VAL G 128 20.62 18.78 -31.40
N LYS G 129 19.76 17.79 -31.13
CA LYS G 129 18.31 17.98 -31.19
C LYS G 129 17.71 18.11 -29.78
N ILE G 130 17.68 19.35 -29.27
CA ILE G 130 17.07 19.67 -27.97
C ILE G 130 15.68 20.19 -28.29
N VAL G 131 14.67 19.33 -28.07
CA VAL G 131 13.26 19.60 -28.41
C VAL G 131 12.52 20.51 -27.41
N GLY G 132 13.07 20.67 -26.20
CA GLY G 132 12.41 21.51 -25.22
C GLY G 132 13.20 21.69 -23.96
N THR G 133 12.85 22.73 -23.21
CA THR G 133 13.46 23.09 -21.93
C THR G 133 12.38 23.59 -20.97
N HIS G 134 12.63 23.44 -19.66
CA HIS G 134 11.75 23.96 -18.62
C HIS G 134 12.54 24.16 -17.33
N HIS G 135 12.25 25.25 -16.58
CA HIS G 135 12.92 25.55 -15.32
C HIS G 135 12.62 24.48 -14.26
N GLY G 136 13.45 24.41 -13.22
CA GLY G 136 13.32 23.40 -12.18
C GLY G 136 12.77 23.83 -10.83
N TYR G 137 12.10 24.96 -10.78
CA TYR G 137 11.54 25.36 -9.48
C TYR G 137 10.02 25.30 -9.54
N PHE G 138 9.52 24.17 -10.07
CA PHE G 138 8.10 23.90 -10.26
C PHE G 138 7.47 23.21 -9.06
N THR G 139 6.16 23.41 -8.88
CA THR G 139 5.37 22.79 -7.82
C THR G 139 4.87 21.42 -8.33
N GLU G 140 4.31 20.61 -7.43
CA GLU G 140 3.72 19.32 -7.75
C GLU G 140 2.49 19.44 -8.70
N GLU G 141 1.79 20.60 -8.73
CA GLU G 141 0.63 20.77 -9.62
C GLU G 141 1.01 21.37 -10.98
N GLU G 142 2.32 21.50 -11.23
CA GLU G 142 2.83 21.95 -12.52
C GLU G 142 3.53 20.78 -13.24
N GLU G 143 3.93 19.73 -12.48
CA GLU G 143 4.74 18.64 -13.06
C GLU G 143 3.97 17.81 -14.08
N ASN G 144 2.64 17.67 -13.96
CA ASN G 144 1.88 16.90 -14.93
C ASN G 144 1.94 17.55 -16.32
N LYS G 145 1.84 18.90 -16.41
CA LYS G 145 1.95 19.66 -17.65
C LYS G 145 3.40 19.64 -18.21
N ILE G 146 4.40 19.52 -17.31
CA ILE G 146 5.81 19.39 -17.69
C ILE G 146 6.02 18.03 -18.35
N ILE G 147 5.57 16.94 -17.68
CA ILE G 147 5.68 15.56 -18.17
C ILE G 147 4.95 15.43 -19.52
N GLU G 148 3.75 16.06 -19.66
CA GLU G 148 2.99 16.03 -20.91
C GLU G 148 3.77 16.64 -22.07
N GLU G 149 4.47 17.75 -21.84
CA GLU G 149 5.29 18.43 -22.85
C GLU G 149 6.47 17.56 -23.25
N ILE G 150 7.13 16.93 -22.26
CA ILE G 150 8.28 16.02 -22.46
C ILE G 150 7.82 14.88 -23.38
N ASN G 151 6.67 14.26 -23.06
CA ASN G 151 6.10 13.15 -23.83
C ASN G 151 5.61 13.57 -25.21
N ASN G 152 4.92 14.72 -25.29
CA ASN G 152 4.39 15.25 -26.56
C ASN G 152 5.49 15.58 -27.57
N LYS G 153 6.63 16.11 -27.07
CA LYS G 153 7.79 16.45 -27.89
C LYS G 153 8.59 15.21 -28.32
N GLY G 154 8.18 14.02 -27.86
CA GLY G 154 8.81 12.73 -28.14
C GLY G 154 10.26 12.67 -27.68
N ALA G 155 10.58 13.31 -26.55
CA ALA G 155 11.95 13.29 -26.02
C ALA G 155 12.39 11.86 -25.73
N GLU G 156 13.63 11.50 -26.13
CA GLU G 156 14.22 10.20 -25.87
C GLU G 156 15.12 10.25 -24.65
N VAL G 157 15.74 11.40 -24.41
CA VAL G 157 16.69 11.63 -23.30
C VAL G 157 16.30 12.85 -22.52
N LEU G 158 16.20 12.69 -21.21
CA LEU G 158 15.80 13.78 -20.33
C LEU G 158 16.88 14.01 -19.26
N PHE G 159 17.46 15.20 -19.23
CA PHE G 159 18.46 15.59 -18.21
C PHE G 159 17.72 16.40 -17.16
N VAL G 160 17.83 15.96 -15.91
CA VAL G 160 17.11 16.53 -14.76
C VAL G 160 18.09 17.25 -13.81
N ALA G 161 18.17 18.58 -13.94
CA ALA G 161 19.07 19.43 -13.14
C ALA G 161 18.38 20.03 -11.94
N LEU G 162 18.02 19.17 -10.98
CA LEU G 162 17.30 19.55 -9.75
C LEU G 162 18.14 19.45 -8.48
N GLY G 163 19.27 18.77 -8.56
CA GLY G 163 20.12 18.51 -7.40
C GLY G 163 19.68 17.27 -6.65
N ALA G 164 20.65 16.53 -6.10
CA ALA G 164 20.38 15.31 -5.36
C ALA G 164 19.88 15.65 -3.95
N PRO G 165 18.89 14.92 -3.37
CA PRO G 165 18.16 13.76 -3.91
C PRO G 165 16.91 14.09 -4.75
N LYS G 166 16.52 15.39 -4.84
CA LYS G 166 15.29 15.81 -5.57
C LYS G 166 15.21 15.25 -7.00
N GLN G 167 16.33 15.28 -7.77
CA GLN G 167 16.33 14.80 -9.15
C GLN G 167 16.00 13.28 -9.27
N GLU G 168 16.62 12.42 -8.43
CA GLU G 168 16.36 10.97 -8.46
C GLU G 168 14.94 10.67 -8.01
N LYS G 169 14.49 11.37 -6.94
CA LYS G 169 13.13 11.21 -6.38
C LYS G 169 12.05 11.58 -7.38
N TRP G 170 12.26 12.70 -8.10
CA TRP G 170 11.34 13.17 -9.11
C TRP G 170 11.22 12.17 -10.27
N ILE G 171 12.36 11.69 -10.80
CA ILE G 171 12.40 10.70 -11.89
C ILE G 171 11.66 9.40 -11.46
N TYR G 172 12.05 8.85 -10.29
CA TYR G 172 11.48 7.61 -9.76
C TYR G 172 9.98 7.69 -9.52
N LYS G 173 9.50 8.80 -8.91
CA LYS G 173 8.06 8.99 -8.67
C LYS G 173 7.29 9.01 -9.99
N ASN G 174 7.92 9.50 -11.07
CA ASN G 174 7.31 9.66 -12.39
C ASN G 174 7.77 8.60 -13.40
N LYS G 175 8.34 7.48 -12.92
CA LYS G 175 8.88 6.41 -13.76
C LYS G 175 7.85 5.76 -14.72
N ASP G 176 6.56 5.78 -14.35
CA ASP G 176 5.48 5.22 -15.17
C ASP G 176 4.79 6.28 -16.05
N LYS G 177 5.11 7.56 -15.82
CA LYS G 177 4.52 8.69 -16.56
C LYS G 177 5.43 9.17 -17.70
N LEU G 178 6.75 9.15 -17.47
CA LEU G 178 7.75 9.61 -18.43
C LEU G 178 7.93 8.59 -19.56
N LYS G 179 7.74 9.01 -20.81
CA LYS G 179 7.89 8.15 -21.96
C LYS G 179 9.23 8.37 -22.67
N VAL G 180 10.29 8.60 -21.88
CA VAL G 180 11.66 8.78 -22.39
C VAL G 180 12.41 7.45 -22.27
N LYS G 181 13.52 7.27 -22.98
CA LYS G 181 14.35 6.07 -22.84
C LYS G 181 15.37 6.26 -21.73
N ILE G 182 15.84 7.49 -21.50
CA ILE G 182 16.80 7.77 -20.43
C ILE G 182 16.41 9.03 -19.67
N ALA G 183 16.40 8.92 -18.35
CA ALA G 183 16.21 10.05 -17.44
C ALA G 183 17.40 10.02 -16.50
N MSE G 184 18.17 11.12 -16.48
CA MSE G 184 19.38 11.24 -15.69
C MSE G 184 19.49 12.58 -14.94
O MSE G 184 19.40 13.65 -15.56
CB MSE G 184 20.58 11.05 -16.62
CG MSE G 184 21.92 11.17 -15.93
SE MSE G 184 23.41 11.10 -17.22
CE MSE G 184 22.69 9.75 -18.41
N GLY G 185 19.75 12.49 -13.62
CA GLY G 185 19.95 13.64 -12.74
C GLY G 185 21.31 14.25 -12.99
N VAL G 186 21.39 15.59 -13.17
CA VAL G 186 22.66 16.24 -13.54
C VAL G 186 23.07 17.43 -12.62
N GLY G 187 22.36 17.63 -11.51
CA GLY G 187 22.66 18.66 -10.52
C GLY G 187 22.81 20.07 -11.05
N GLY G 188 23.99 20.68 -10.80
CA GLY G 188 24.31 22.03 -11.24
C GLY G 188 24.85 22.17 -12.64
N SER G 189 24.80 21.07 -13.45
CA SER G 189 25.33 21.00 -14.82
C SER G 189 24.79 22.05 -15.79
N PHE G 190 23.51 22.47 -15.69
CA PHE G 190 22.98 23.48 -16.61
C PHE G 190 23.55 24.85 -16.31
N ASP G 191 23.71 25.19 -15.01
CA ASP G 191 24.23 26.49 -14.59
C ASP G 191 25.61 26.80 -15.18
N VAL G 192 26.52 25.79 -15.14
CA VAL G 192 27.89 25.89 -15.64
C VAL G 192 27.99 25.82 -17.17
N ILE G 193 26.96 25.30 -17.88
CA ILE G 193 26.94 25.26 -19.35
C ILE G 193 26.28 26.54 -19.85
N ALA G 194 25.47 27.23 -19.00
CA ALA G 194 24.71 28.43 -19.36
C ALA G 194 25.52 29.74 -19.45
N GLY G 195 26.81 29.68 -19.15
CA GLY G 195 27.68 30.83 -19.17
C GLY G 195 28.21 31.20 -20.54
N GLU H 2 -0.38 -0.91 -16.29
CA GLU H 2 0.35 -2.09 -15.86
C GLU H 2 0.45 -3.15 -16.99
N ARG H 3 1.49 -4.03 -16.91
CA ARG H 3 1.74 -5.09 -17.89
C ARG H 3 1.85 -6.49 -17.30
N LEU H 4 1.07 -7.43 -17.88
CA LEU H 4 1.05 -8.84 -17.53
C LEU H 4 2.05 -9.61 -18.42
N ASP H 5 2.85 -10.51 -17.81
CA ASP H 5 3.75 -11.29 -18.64
C ASP H 5 3.11 -12.63 -18.98
N ILE H 6 2.91 -12.89 -20.28
CA ILE H 6 2.35 -14.16 -20.77
C ILE H 6 3.48 -14.84 -21.53
N PHE H 7 4.18 -15.75 -20.84
CA PHE H 7 5.32 -16.54 -21.33
C PHE H 7 6.36 -15.67 -22.07
N GLY H 8 6.77 -14.58 -21.43
CA GLY H 8 7.75 -13.66 -21.97
C GLY H 8 7.18 -12.48 -22.75
N VAL H 9 5.90 -12.57 -23.15
CA VAL H 9 5.23 -11.53 -23.95
C VAL H 9 4.49 -10.56 -23.03
N PRO H 10 4.89 -9.26 -22.98
CA PRO H 10 4.16 -8.32 -22.11
C PRO H 10 2.83 -7.92 -22.70
N ILE H 11 1.80 -7.87 -21.88
CA ILE H 11 0.43 -7.56 -22.31
C ILE H 11 -0.13 -6.45 -21.44
N ASP H 12 -0.54 -5.36 -22.08
CA ASP H 12 -1.14 -4.22 -21.40
C ASP H 12 -2.54 -4.58 -20.91
N ARG H 13 -2.81 -4.37 -19.63
CA ARG H 13 -4.07 -4.73 -18.99
C ARG H 13 -5.11 -3.67 -19.32
N VAL H 14 -5.64 -3.72 -20.55
CA VAL H 14 -6.56 -2.69 -21.03
C VAL H 14 -7.79 -3.26 -21.66
N THR H 15 -8.92 -2.55 -21.48
CA THR H 15 -10.20 -2.85 -22.15
C THR H 15 -10.01 -2.29 -23.56
N MSE H 16 -10.87 -2.68 -24.53
CA MSE H 16 -10.75 -2.17 -25.90
C MSE H 16 -10.87 -0.62 -25.96
O MSE H 16 -10.13 0.01 -26.71
CB MSE H 16 -11.76 -2.84 -26.84
CG MSE H 16 -11.52 -2.50 -28.32
SE MSE H 16 -12.61 -0.97 -28.88
CE MSE H 16 -14.30 -1.95 -29.17
N ILE H 17 -11.80 -0.03 -25.17
CA ILE H 17 -12.02 1.43 -25.10
C ILE H 17 -10.74 2.13 -24.57
N GLN H 18 -10.16 1.61 -23.48
CA GLN H 18 -8.92 2.14 -22.89
C GLN H 18 -7.77 2.12 -23.89
N ALA H 19 -7.68 1.04 -24.69
CA ALA H 19 -6.67 0.85 -25.71
C ALA H 19 -6.89 1.92 -26.82
N VAL H 20 -8.18 2.14 -27.25
CA VAL H 20 -8.49 3.19 -28.25
C VAL H 20 -8.03 4.58 -27.70
N ASP H 21 -8.30 4.85 -26.40
CA ASP H 21 -7.94 6.07 -25.69
C ASP H 21 -6.42 6.26 -25.65
N ILE H 22 -5.64 5.18 -25.41
CA ILE H 22 -4.16 5.21 -25.43
C ILE H 22 -3.71 5.56 -26.86
N LEU H 23 -4.31 4.93 -27.88
CA LEU H 23 -3.99 5.22 -29.29
C LEU H 23 -4.23 6.70 -29.62
N ASN H 24 -5.34 7.29 -29.12
CA ASN H 24 -5.67 8.70 -29.31
C ASN H 24 -4.59 9.56 -28.67
N ASN H 25 -4.12 9.18 -27.46
CA ASN H 25 -3.05 9.90 -26.75
C ASN H 25 -1.72 9.84 -27.51
N PHE H 26 -1.43 8.68 -28.18
CA PHE H 26 -0.24 8.46 -28.99
C PHE H 26 -0.13 9.50 -30.11
N LEU H 27 -1.28 9.94 -30.65
CA LEU H 27 -1.33 10.95 -31.72
C LEU H 27 -0.81 12.32 -31.27
N GLN H 28 -0.74 12.56 -29.95
CA GLN H 28 -0.23 13.81 -29.39
C GLN H 28 1.28 13.76 -29.14
N GLU H 29 1.91 12.60 -29.36
CA GLU H 29 3.35 12.42 -29.11
C GLU H 29 4.12 12.27 -30.42
N ASN H 30 5.05 13.21 -30.66
CA ASN H 30 5.89 13.30 -31.85
C ASN H 30 6.98 12.21 -31.94
N ARG H 31 6.54 10.95 -32.00
CA ARG H 31 7.43 9.79 -32.15
C ARG H 31 6.65 8.64 -32.76
N LEU H 32 7.33 7.66 -33.35
CA LEU H 32 6.67 6.48 -33.89
C LEU H 32 6.26 5.55 -32.71
N HIS H 33 5.00 5.09 -32.68
CA HIS H 33 4.47 4.16 -31.68
C HIS H 33 4.11 2.86 -32.40
N ILE H 34 4.68 1.75 -31.92
CA ILE H 34 4.40 0.43 -32.49
C ILE H 34 3.34 -0.24 -31.63
N VAL H 35 2.25 -0.64 -32.27
CA VAL H 35 1.15 -1.33 -31.62
C VAL H 35 1.03 -2.77 -32.18
N ALA H 36 0.94 -3.76 -31.28
CA ALA H 36 0.71 -5.16 -31.64
C ALA H 36 -0.50 -5.64 -30.84
N THR H 37 -1.16 -6.73 -31.30
CA THR H 37 -2.33 -7.28 -30.61
C THR H 37 -2.06 -8.78 -30.38
N PRO H 38 -1.17 -9.13 -29.42
CA PRO H 38 -0.85 -10.56 -29.22
C PRO H 38 -2.04 -11.42 -28.78
N ASN H 39 -2.12 -12.57 -29.41
CA ASN H 39 -3.11 -13.62 -29.14
C ASN H 39 -2.33 -14.88 -28.78
N ALA H 40 -3.04 -15.99 -28.48
CA ALA H 40 -2.42 -17.27 -28.14
C ALA H 40 -1.40 -17.74 -29.20
N GLU H 41 -1.75 -17.61 -30.48
CA GLU H 41 -0.89 -18.01 -31.62
C GLU H 41 0.42 -17.22 -31.61
N ILE H 42 0.35 -15.90 -31.37
CA ILE H 42 1.54 -15.02 -31.36
C ILE H 42 2.45 -15.40 -30.17
N VAL H 43 1.86 -15.68 -29.00
CA VAL H 43 2.63 -16.10 -27.82
C VAL H 43 3.41 -17.39 -28.17
N MSE H 44 2.73 -18.37 -28.82
CA MSE H 44 3.37 -19.60 -29.26
C MSE H 44 4.52 -19.32 -30.23
O MSE H 44 5.62 -19.84 -30.03
CB MSE H 44 2.36 -20.57 -29.89
CG MSE H 44 2.98 -21.85 -30.36
SE MSE H 44 1.64 -23.12 -30.97
CE MSE H 44 1.34 -22.44 -32.68
N MSE H 45 4.27 -18.51 -31.27
CA MSE H 45 5.31 -18.11 -32.25
C MSE H 45 6.52 -17.46 -31.58
O MSE H 45 7.65 -17.76 -31.96
CB MSE H 45 4.72 -17.11 -33.28
CG MSE H 45 3.83 -17.74 -34.31
SE MSE H 45 3.04 -16.34 -35.41
CE MSE H 45 2.78 -17.46 -36.96
N ALA H 46 6.29 -16.55 -30.62
CA ALA H 46 7.36 -15.85 -29.88
C ALA H 46 8.33 -16.78 -29.14
N GLN H 47 7.85 -17.96 -28.68
CA GLN H 47 8.65 -18.95 -27.95
C GLN H 47 9.77 -19.52 -28.82
N LYS H 48 9.53 -19.65 -30.14
CA LYS H 48 10.49 -20.21 -31.08
C LYS H 48 11.24 -19.18 -31.93
N ASP H 49 10.81 -17.90 -31.86
CA ASP H 49 11.38 -16.82 -32.65
C ASP H 49 11.90 -15.72 -31.72
N LYS H 50 13.22 -15.77 -31.43
CA LYS H 50 13.92 -14.83 -30.55
C LYS H 50 13.77 -13.37 -30.97
N GLU H 51 13.86 -13.08 -32.30
CA GLU H 51 13.74 -11.74 -32.85
C GLU H 51 12.31 -11.21 -32.62
N TYR H 52 11.28 -12.06 -32.86
CA TYR H 52 9.87 -11.71 -32.63
C TYR H 52 9.64 -11.44 -31.16
N MSE H 53 10.18 -12.29 -30.25
CA MSE H 53 10.07 -12.11 -28.79
C MSE H 53 10.63 -10.73 -28.39
O MSE H 53 10.00 -10.01 -27.61
CB MSE H 53 10.78 -13.25 -28.03
CG MSE H 53 10.78 -13.09 -26.51
SE MSE H 53 8.97 -13.20 -25.84
CE MSE H 53 8.84 -15.18 -25.73
N GLU H 54 11.81 -10.36 -28.95
CA GLU H 54 12.47 -9.07 -28.71
C GLU H 54 11.57 -7.90 -29.18
N ILE H 55 11.00 -8.03 -30.41
CA ILE H 55 10.10 -7.00 -30.96
C ILE H 55 8.88 -6.77 -30.05
N LEU H 56 8.25 -7.86 -29.61
CA LEU H 56 7.06 -7.81 -28.74
C LEU H 56 7.37 -7.23 -27.37
N ASN H 57 8.65 -7.19 -26.98
CA ASN H 57 9.09 -6.60 -25.73
C ASN H 57 9.52 -5.14 -25.89
N ASN H 58 9.43 -4.61 -27.14
CA ASN H 58 9.82 -3.24 -27.45
C ASN H 58 8.73 -2.42 -28.13
N THR H 59 7.50 -2.92 -28.15
CA THR H 59 6.33 -2.22 -28.71
C THR H 59 5.82 -1.27 -27.66
N ASP H 60 5.08 -0.22 -28.08
CA ASP H 60 4.51 0.80 -27.19
C ASP H 60 3.21 0.33 -26.53
N LEU H 61 2.50 -0.60 -27.18
CA LEU H 61 1.25 -1.12 -26.68
C LEU H 61 0.97 -2.49 -27.26
N ASN H 62 0.68 -3.48 -26.41
CA ASN H 62 0.32 -4.84 -26.82
C ASN H 62 -1.04 -5.09 -26.25
N VAL H 63 -2.09 -4.94 -27.05
CA VAL H 63 -3.49 -5.13 -26.64
C VAL H 63 -3.81 -6.63 -26.74
N PRO H 64 -4.40 -7.28 -25.70
CA PRO H 64 -4.73 -8.71 -25.83
C PRO H 64 -5.72 -8.97 -26.97
N ASP H 65 -5.51 -10.04 -27.74
CA ASP H 65 -6.43 -10.41 -28.82
C ASP H 65 -6.96 -11.84 -28.61
N GLY H 66 -8.27 -12.02 -28.71
CA GLY H 66 -8.92 -13.33 -28.59
C GLY H 66 -9.16 -13.81 -27.17
N SER H 67 -9.72 -15.04 -27.05
CA SER H 67 -10.07 -15.67 -25.77
C SER H 67 -8.92 -16.40 -25.08
N GLY H 68 -8.09 -17.10 -25.84
CA GLY H 68 -6.97 -17.88 -25.28
C GLY H 68 -6.07 -17.08 -24.36
N ILE H 69 -5.62 -15.90 -24.80
CA ILE H 69 -4.73 -15.05 -23.98
C ILE H 69 -5.42 -14.55 -22.67
N VAL H 70 -6.73 -14.32 -22.71
CA VAL H 70 -7.51 -13.94 -21.53
C VAL H 70 -7.57 -15.14 -20.56
N PHE H 71 -7.78 -16.36 -21.10
CA PHE H 71 -7.78 -17.58 -20.27
C PHE H 71 -6.40 -17.75 -19.56
N ALA H 72 -5.27 -17.51 -20.30
CA ALA H 72 -3.92 -17.59 -19.71
C ALA H 72 -3.77 -16.56 -18.55
N SER H 73 -4.36 -15.35 -18.74
CA SER H 73 -4.31 -14.29 -17.72
C SER H 73 -5.04 -14.73 -16.45
N LYS H 74 -6.09 -15.54 -16.59
CA LYS H 74 -6.87 -16.09 -15.48
C LYS H 74 -6.06 -17.11 -14.72
N VAL H 75 -5.41 -18.02 -15.47
CA VAL H 75 -4.54 -19.11 -14.98
C VAL H 75 -3.29 -18.56 -14.27
N PHE H 76 -2.72 -17.45 -14.77
CA PHE H 76 -1.56 -16.79 -14.16
C PHE H 76 -1.96 -15.99 -12.88
N LYS H 77 -3.29 -15.90 -12.57
CA LYS H 77 -3.92 -15.23 -11.41
C LYS H 77 -3.87 -13.68 -11.49
N LYS H 78 -3.81 -13.16 -12.70
CA LYS H 78 -3.84 -11.71 -12.92
C LYS H 78 -4.71 -11.51 -14.16
N PRO H 79 -6.04 -11.59 -14.00
CA PRO H 79 -6.91 -11.58 -15.18
C PRO H 79 -7.06 -10.25 -15.90
N LEU H 80 -7.13 -10.33 -17.22
CA LEU H 80 -7.36 -9.19 -18.09
C LEU H 80 -8.82 -8.75 -17.92
N PRO H 81 -9.14 -7.45 -18.04
CA PRO H 81 -10.54 -7.04 -17.82
C PRO H 81 -11.56 -7.59 -18.81
N GLU H 82 -11.16 -7.85 -20.08
CA GLU H 82 -12.10 -8.33 -21.12
C GLU H 82 -11.46 -8.93 -22.35
N ARG H 83 -12.26 -9.70 -23.09
CA ARG H 83 -11.85 -10.31 -24.35
C ARG H 83 -11.94 -9.19 -25.41
N VAL H 84 -10.81 -8.90 -26.04
CA VAL H 84 -10.71 -7.84 -27.05
C VAL H 84 -10.31 -8.49 -28.36
N ALA H 85 -10.87 -8.02 -29.48
CA ALA H 85 -10.49 -8.47 -30.81
C ALA H 85 -9.71 -7.32 -31.44
N GLY H 86 -8.54 -7.62 -32.02
CA GLY H 86 -7.69 -6.64 -32.67
C GLY H 86 -8.44 -5.90 -33.77
N PHE H 87 -9.31 -6.63 -34.48
CA PHE H 87 -10.11 -6.07 -35.55
C PHE H 87 -11.06 -4.95 -35.02
N ASP H 88 -11.72 -5.20 -33.86
CA ASP H 88 -12.64 -4.22 -33.27
C ASP H 88 -11.88 -3.00 -32.76
N LEU H 89 -10.65 -3.23 -32.26
CA LEU H 89 -9.79 -2.12 -31.81
C LEU H 89 -9.47 -1.20 -33.02
N MSE H 90 -9.08 -1.79 -34.16
CA MSE H 90 -8.78 -1.07 -35.40
C MSE H 90 -9.99 -0.26 -35.88
O MSE H 90 -9.82 0.94 -36.15
CB MSE H 90 -8.31 -2.06 -36.49
CG MSE H 90 -7.82 -1.37 -37.74
SE MSE H 90 -7.98 -2.51 -39.35
CE MSE H 90 -7.67 -1.20 -40.72
N LEU H 91 -11.17 -0.89 -35.97
CA LEU H 91 -12.40 -0.21 -36.41
C LEU H 91 -12.83 0.95 -35.51
N GLU H 92 -12.83 0.73 -34.18
CA GLU H 92 -13.21 1.75 -33.20
C GLU H 92 -12.23 2.87 -33.21
N PHE H 93 -10.92 2.57 -33.38
CA PHE H 93 -9.91 3.62 -33.48
C PHE H 93 -10.18 4.49 -34.73
N ILE H 94 -10.45 3.86 -35.91
CA ILE H 94 -10.78 4.56 -37.17
C ILE H 94 -12.03 5.42 -37.00
N LYS H 95 -13.08 4.83 -36.40
CA LYS H 95 -14.36 5.51 -36.12
C LYS H 95 -14.11 6.85 -35.44
N GLY H 96 -13.34 6.85 -34.34
CA GLY H 96 -13.03 8.05 -33.59
C GLY H 96 -12.22 9.09 -34.35
N ILE H 97 -11.21 8.65 -35.13
CA ILE H 97 -10.34 9.61 -35.82
C ILE H 97 -10.90 10.06 -37.19
N SER H 98 -11.97 9.41 -37.67
CA SER H 98 -12.60 9.74 -38.98
C SER H 98 -13.12 11.19 -39.10
N SER H 99 -13.51 11.79 -37.97
CA SER H 99 -14.03 13.17 -37.91
C SER H 99 -12.95 14.17 -37.45
N LYS H 100 -11.71 13.69 -37.25
CA LYS H 100 -10.59 14.51 -36.74
C LYS H 100 -9.52 14.87 -37.78
N GLY H 101 -9.69 14.39 -39.02
CA GLY H 101 -8.76 14.64 -40.13
C GLY H 101 -7.43 13.91 -40.01
N VAL H 102 -7.37 12.85 -39.19
CA VAL H 102 -6.14 12.06 -39.00
C VAL H 102 -5.84 11.24 -40.28
N LYS H 103 -4.70 11.52 -40.90
CA LYS H 103 -4.29 10.86 -42.14
C LYS H 103 -3.92 9.39 -41.93
N ILE H 104 -4.59 8.50 -42.66
CA ILE H 104 -4.43 7.05 -42.57
C ILE H 104 -3.84 6.47 -43.87
N TYR H 105 -2.92 5.52 -43.74
CA TYR H 105 -2.34 4.78 -44.86
C TYR H 105 -2.63 3.30 -44.66
N LEU H 106 -3.08 2.61 -45.72
CA LEU H 106 -3.38 1.18 -45.66
C LEU H 106 -2.34 0.39 -46.46
N LEU H 107 -1.51 -0.41 -45.78
CA LEU H 107 -0.51 -1.23 -46.47
C LEU H 107 -0.72 -2.72 -46.22
N GLY H 108 -0.91 -3.49 -47.28
CA GLY H 108 -1.09 -4.93 -47.17
C GLY H 108 -2.15 -5.55 -48.05
N ALA H 109 -2.34 -6.87 -47.90
CA ALA H 109 -3.28 -7.75 -48.60
C ALA H 109 -3.02 -7.85 -50.11
N ALA H 110 -3.73 -8.75 -50.80
CA ALA H 110 -3.53 -8.98 -52.22
C ALA H 110 -4.12 -7.88 -53.09
N ALA H 111 -3.76 -7.88 -54.39
CA ALA H 111 -4.23 -7.00 -55.45
C ALA H 111 -4.91 -5.67 -55.01
N GLN H 112 -6.22 -5.55 -55.16
CA GLN H 112 -6.97 -4.33 -54.87
C GLN H 112 -7.71 -4.38 -53.55
N VAL H 113 -7.31 -5.30 -52.64
CA VAL H 113 -7.98 -5.48 -51.35
C VAL H 113 -7.85 -4.21 -50.45
N ALA H 114 -6.63 -3.61 -50.33
CA ALA H 114 -6.47 -2.38 -49.56
C ALA H 114 -7.30 -1.22 -50.15
N GLU H 115 -7.38 -1.13 -51.49
CA GLU H 115 -8.17 -0.12 -52.21
C GLU H 115 -9.65 -0.27 -51.92
N GLN H 116 -10.14 -1.53 -51.92
CA GLN H 116 -11.53 -1.87 -51.62
C GLN H 116 -11.84 -1.57 -50.16
N ALA H 117 -10.90 -1.86 -49.25
CA ALA H 117 -11.02 -1.58 -47.81
C ALA H 117 -11.17 -0.07 -47.61
N ARG H 118 -10.36 0.74 -48.33
CA ARG H 118 -10.41 2.22 -48.30
C ARG H 118 -11.79 2.71 -48.71
N ALA H 119 -12.29 2.23 -49.88
CA ALA H 119 -13.60 2.59 -50.40
C ALA H 119 -14.70 2.29 -49.40
N ASN H 120 -14.65 1.10 -48.76
CA ASN H 120 -15.65 0.66 -47.78
C ASN H 120 -15.59 1.45 -46.47
N LEU H 121 -14.38 1.80 -46.01
CA LEU H 121 -14.19 2.62 -44.80
C LEU H 121 -14.68 4.05 -45.02
N GLU H 122 -14.56 4.58 -46.26
CA GLU H 122 -15.06 5.92 -46.62
C GLU H 122 -16.58 5.97 -46.58
N LYS H 123 -17.26 4.85 -46.89
CA LYS H 123 -18.72 4.74 -46.83
C LYS H 123 -19.16 4.58 -45.37
N LEU H 124 -18.46 3.73 -44.60
CA LEU H 124 -18.76 3.43 -43.20
C LEU H 124 -18.51 4.61 -42.27
N TYR H 125 -17.39 5.33 -42.49
CA TYR H 125 -17.00 6.46 -41.66
C TYR H 125 -16.83 7.71 -42.53
N PRO H 126 -17.94 8.40 -42.89
CA PRO H 126 -17.80 9.59 -43.75
C PRO H 126 -16.86 10.64 -43.16
N GLY H 127 -15.95 11.12 -44.00
CA GLY H 127 -14.96 12.12 -43.62
C GLY H 127 -13.58 11.54 -43.34
N VAL H 128 -13.48 10.19 -43.21
CA VAL H 128 -12.22 9.49 -42.95
C VAL H 128 -11.18 9.89 -44.01
N LYS H 129 -9.97 10.21 -43.55
CA LYS H 129 -8.90 10.65 -44.44
C LYS H 129 -7.87 9.55 -44.67
N ILE H 130 -8.11 8.73 -45.72
CA ILE H 130 -7.19 7.65 -46.11
C ILE H 130 -6.41 8.21 -47.28
N VAL H 131 -5.18 8.60 -47.01
CA VAL H 131 -4.33 9.30 -47.97
C VAL H 131 -3.67 8.38 -49.01
N GLY H 132 -3.59 7.10 -48.74
CA GLY H 132 -2.98 6.16 -49.67
C GLY H 132 -3.12 4.72 -49.27
N THR H 133 -2.93 3.84 -50.25
CA THR H 133 -3.01 2.40 -50.09
C THR H 133 -1.95 1.74 -50.94
N HIS H 134 -1.53 0.53 -50.53
CA HIS H 134 -0.61 -0.32 -51.29
C HIS H 134 -0.80 -1.77 -50.90
N HIS H 135 -0.72 -2.69 -51.87
CA HIS H 135 -0.85 -4.15 -51.62
C HIS H 135 0.37 -4.64 -50.82
N GLY H 136 0.26 -5.86 -50.29
CA GLY H 136 1.26 -6.49 -49.44
C GLY H 136 2.26 -7.46 -50.03
N TYR H 137 2.49 -7.43 -51.35
CA TYR H 137 3.50 -8.34 -51.95
C TYR H 137 4.56 -7.57 -52.81
N PHE H 138 5.22 -6.58 -52.19
CA PHE H 138 6.18 -5.63 -52.78
C PHE H 138 7.68 -6.00 -52.80
N THR H 139 8.38 -5.42 -53.78
CA THR H 139 9.83 -5.57 -54.01
C THR H 139 10.61 -4.56 -53.13
N GLU H 140 11.96 -4.71 -53.06
CA GLU H 140 12.85 -3.84 -52.28
C GLU H 140 12.76 -2.38 -52.75
N GLU H 141 12.76 -2.16 -54.09
CA GLU H 141 12.65 -0.84 -54.72
C GLU H 141 11.27 -0.24 -54.49
N GLU H 142 10.23 -1.10 -54.51
CA GLU H 142 8.86 -0.69 -54.27
C GLU H 142 8.68 -0.26 -52.81
N GLU H 143 9.36 -0.94 -51.84
CA GLU H 143 9.35 -0.64 -50.40
C GLU H 143 9.82 0.79 -50.12
N ASN H 144 10.90 1.21 -50.79
CA ASN H 144 11.44 2.56 -50.62
C ASN H 144 10.39 3.55 -51.09
N LYS H 145 9.74 3.25 -52.24
CA LYS H 145 8.70 4.10 -52.82
C LYS H 145 7.47 4.15 -51.93
N ILE H 146 7.08 3.01 -51.32
CA ILE H 146 5.95 2.93 -50.40
C ILE H 146 6.27 3.76 -49.14
N ILE H 147 7.45 3.55 -48.53
CA ILE H 147 7.83 4.32 -47.33
C ILE H 147 7.82 5.81 -47.66
N GLU H 148 8.38 6.19 -48.83
CA GLU H 148 8.40 7.58 -49.29
C GLU H 148 7.02 8.15 -49.50
N GLU H 149 6.10 7.35 -50.06
CA GLU H 149 4.72 7.73 -50.28
C GLU H 149 3.99 7.93 -48.95
N ILE H 150 4.21 7.02 -47.97
CA ILE H 150 3.63 7.11 -46.61
C ILE H 150 4.04 8.46 -45.99
N ASN H 151 5.34 8.74 -46.04
CA ASN H 151 5.92 9.95 -45.49
C ASN H 151 5.47 11.22 -46.22
N ASN H 152 5.53 11.21 -47.58
CA ASN H 152 5.14 12.35 -48.41
C ASN H 152 3.67 12.73 -48.24
N LYS H 153 2.79 11.72 -48.09
CA LYS H 153 1.36 11.97 -47.93
C LYS H 153 1.00 12.44 -46.51
N GLY H 154 2.02 12.54 -45.64
CA GLY H 154 1.88 12.99 -44.26
C GLY H 154 1.00 12.08 -43.42
N ALA H 155 1.04 10.76 -43.68
CA ALA H 155 0.23 9.77 -42.95
C ALA H 155 0.63 9.72 -41.46
N GLU H 156 -0.36 9.80 -40.57
CA GLU H 156 -0.15 9.76 -39.12
C GLU H 156 -0.33 8.33 -38.58
N VAL H 157 -1.25 7.57 -39.20
CA VAL H 157 -1.60 6.20 -38.79
C VAL H 157 -1.38 5.26 -39.96
N LEU H 158 -0.63 4.20 -39.72
CA LEU H 158 -0.32 3.19 -40.69
C LEU H 158 -0.83 1.80 -40.23
N PHE H 159 -1.76 1.21 -41.03
CA PHE H 159 -2.25 -0.13 -40.72
C PHE H 159 -1.52 -1.07 -41.65
N VAL H 160 -0.86 -2.08 -41.05
CA VAL H 160 0.00 -3.03 -41.76
C VAL H 160 -0.67 -4.44 -41.76
N ALA H 161 -1.33 -4.78 -42.87
CA ALA H 161 -2.06 -6.04 -43.03
C ALA H 161 -1.20 -7.08 -43.74
N LEU H 162 -0.11 -7.52 -43.07
CA LEU H 162 0.83 -8.50 -43.61
C LEU H 162 0.78 -9.84 -42.89
N GLY H 163 0.14 -9.90 -41.73
CA GLY H 163 0.05 -11.11 -40.93
C GLY H 163 1.21 -11.22 -39.96
N ALA H 164 0.97 -11.82 -38.78
CA ALA H 164 2.01 -12.01 -37.77
C ALA H 164 2.90 -13.23 -38.12
N PRO H 165 4.23 -13.18 -37.94
CA PRO H 165 5.05 -12.07 -37.41
C PRO H 165 5.55 -11.03 -38.43
N LYS H 166 5.30 -11.25 -39.73
CA LYS H 166 5.78 -10.37 -40.81
C LYS H 166 5.45 -8.87 -40.59
N GLN H 167 4.21 -8.57 -40.18
CA GLN H 167 3.78 -7.20 -39.94
C GLN H 167 4.60 -6.50 -38.85
N GLU H 168 4.83 -7.14 -37.67
CA GLU H 168 5.62 -6.54 -36.58
C GLU H 168 7.08 -6.37 -37.01
N LYS H 169 7.63 -7.41 -37.68
CA LYS H 169 9.02 -7.41 -38.16
C LYS H 169 9.27 -6.31 -39.19
N TRP H 170 8.34 -6.14 -40.17
CA TRP H 170 8.45 -5.07 -41.17
C TRP H 170 8.43 -3.68 -40.51
N ILE H 171 7.47 -3.44 -39.59
CA ILE H 171 7.35 -2.16 -38.88
C ILE H 171 8.63 -1.87 -38.09
N TYR H 172 9.07 -2.84 -37.24
CA TYR H 172 10.28 -2.71 -36.40
C TYR H 172 11.54 -2.45 -37.20
N LYS H 173 11.74 -3.19 -38.32
CA LYS H 173 12.89 -3.00 -39.20
C LYS H 173 12.91 -1.57 -39.77
N ASN H 174 11.71 -1.00 -40.02
CA ASN H 174 11.57 0.33 -40.63
C ASN H 174 11.16 1.43 -39.64
N LYS H 175 11.33 1.18 -38.33
CA LYS H 175 10.94 2.10 -37.26
C LYS H 175 11.61 3.50 -37.36
N ASP H 176 12.82 3.59 -37.95
CA ASP H 176 13.52 4.87 -38.08
C ASP H 176 13.31 5.53 -39.46
N LYS H 177 12.64 4.82 -40.38
CA LYS H 177 12.35 5.31 -41.74
C LYS H 177 10.93 5.88 -41.85
N LEU H 178 9.98 5.25 -41.15
CA LEU H 178 8.56 5.65 -41.15
C LEU H 178 8.35 6.91 -40.31
N LYS H 179 7.70 7.91 -40.90
CA LYS H 179 7.44 9.16 -40.17
C LYS H 179 5.98 9.27 -39.69
N VAL H 180 5.34 8.10 -39.38
CA VAL H 180 3.98 8.00 -38.83
C VAL H 180 4.04 8.01 -37.27
N LYS H 181 2.91 8.37 -36.63
CA LYS H 181 2.78 8.36 -35.18
C LYS H 181 2.40 6.97 -34.65
N ILE H 182 1.61 6.21 -35.42
CA ILE H 182 1.18 4.84 -35.12
C ILE H 182 1.39 3.94 -36.36
N ALA H 183 2.01 2.78 -36.12
CA ALA H 183 2.23 1.70 -37.07
C ALA H 183 1.70 0.43 -36.35
N MSE H 184 0.59 -0.11 -36.85
CA MSE H 184 -0.10 -1.26 -36.24
C MSE H 184 -0.38 -2.39 -37.22
O MSE H 184 -0.98 -2.14 -38.26
CB MSE H 184 -1.44 -0.77 -35.61
CG MSE H 184 -2.27 -1.88 -34.94
SE MSE H 184 -3.99 -1.17 -34.29
CE MSE H 184 -5.10 -2.74 -34.49
N GLY H 185 0.03 -3.60 -36.84
CA GLY H 185 -0.20 -4.83 -37.60
C GLY H 185 -1.65 -5.25 -37.47
N VAL H 186 -2.34 -5.53 -38.59
CA VAL H 186 -3.78 -5.82 -38.54
C VAL H 186 -4.18 -7.17 -39.23
N GLY H 187 -3.22 -7.99 -39.64
CA GLY H 187 -3.48 -9.31 -40.23
C GLY H 187 -4.41 -9.32 -41.44
N GLY H 188 -5.47 -10.11 -41.34
CA GLY H 188 -6.49 -10.20 -42.40
C GLY H 188 -7.62 -9.18 -42.31
N SER H 189 -7.48 -8.12 -41.48
CA SER H 189 -8.48 -7.05 -41.30
C SER H 189 -8.92 -6.32 -42.57
N PHE H 190 -8.03 -6.14 -43.58
CA PHE H 190 -8.45 -5.47 -44.83
C PHE H 190 -9.37 -6.38 -45.65
N ASP H 191 -9.05 -7.69 -45.72
CA ASP H 191 -9.84 -8.67 -46.47
C ASP H 191 -11.32 -8.69 -46.05
N VAL H 192 -11.58 -8.67 -44.75
CA VAL H 192 -12.93 -8.74 -44.17
C VAL H 192 -13.69 -7.39 -44.26
N ILE H 193 -12.97 -6.25 -44.44
CA ILE H 193 -13.58 -4.92 -44.65
C ILE H 193 -13.83 -4.74 -46.17
N ALA H 194 -13.09 -5.48 -47.00
CA ALA H 194 -13.20 -5.49 -48.46
C ALA H 194 -14.17 -6.58 -48.91
S SO4 I . -6.00 21.11 -1.58
O1 SO4 I . -7.30 20.65 -2.08
O2 SO4 I . -5.07 21.32 -2.66
O3 SO4 I . -6.22 22.34 -0.84
O4 SO4 I . -5.47 20.06 -0.71
S SO4 J . 24.64 -20.69 16.66
O1 SO4 J . 23.59 -20.36 15.71
O2 SO4 J . 25.79 -21.12 15.91
O3 SO4 J . 24.97 -19.49 17.42
O4 SO4 J . 24.17 -21.74 17.58
S SO4 K . 24.66 -18.92 7.89
O1 SO4 K . 25.06 -17.89 6.93
O2 SO4 K . 23.76 -19.86 7.24
O3 SO4 K . 23.99 -18.27 9.02
O4 SO4 K . 25.86 -19.64 8.34
S SO4 L . 28.00 0.60 34.21
O1 SO4 L . 26.83 0.44 33.35
O2 SO4 L . 28.25 2.03 34.42
O3 SO4 L . 29.14 -0.04 33.54
O4 SO4 L . 27.81 -0.02 35.52
S SO4 M . -15.21 -13.85 19.24
O1 SO4 M . -16.31 -13.67 18.30
O2 SO4 M . -14.01 -14.31 18.53
O3 SO4 M . -14.92 -12.56 19.90
O4 SO4 M . -15.57 -14.87 20.24
S SO4 N . -9.48 25.02 -8.69
O1 SO4 N . -9.47 26.23 -9.47
O2 SO4 N . -10.57 24.17 -9.15
O3 SO4 N . -9.74 25.28 -7.32
O4 SO4 N . -8.17 24.32 -8.89
S SO4 O . -15.10 -12.01 10.50
O1 SO4 O . -14.67 -11.04 9.48
O2 SO4 O . -16.08 -12.92 9.89
O3 SO4 O . -15.74 -11.23 11.57
O4 SO4 O . -13.97 -12.80 10.95
S SO4 P . 34.08 14.12 -4.06
O1 SO4 P . 32.70 14.35 -4.41
O2 SO4 P . 34.93 14.19 -5.24
O3 SO4 P . 34.52 15.18 -3.11
O4 SO4 P . 34.22 12.84 -3.42
S SO4 Q . -8.08 -17.30 -29.72
O1 SO4 Q . -8.31 -18.46 -30.60
O2 SO4 Q . -7.07 -16.42 -30.30
O3 SO4 Q . -7.64 -17.82 -28.44
O4 SO4 Q . -9.38 -16.59 -29.51
#